data_2IWU
# 
_entry.id   2IWU 
# 
_audit_conform.dict_name       mmcif_pdbx.dic 
_audit_conform.dict_version    5.382 
_audit_conform.dict_location   http://mmcif.pdb.org/dictionaries/ascii/mmcif_pdbx.dic 
# 
loop_
_database_2.database_id 
_database_2.database_code 
_database_2.pdbx_database_accession 
_database_2.pdbx_DOI 
PDB   2IWU         pdb_00002iwu 10.2210/pdb2iwu/pdb 
PDBE  EBI-29275    ?            ?                   
WWPDB D_1290029275 ?            ?                   
# 
loop_
_pdbx_database_related.db_name 
_pdbx_database_related.db_id 
_pdbx_database_related.content_type 
_pdbx_database_related.details 
PDB 1A4H unspecified 'STRUCTURE OF THE N-TERMINAL DOMAIN OF THE YEAST HSP90 CHAPERONE IN COMPLEX WITH GELDANAMYCIN'             
PDB 1AH6 unspecified 'STRUCTURE OF THE TETRAGONAL FORM OF THE N -TERMINAL DOMAIN OF THE YEAST HSP90 CHAPERONE'                  
PDB 1AH8 unspecified 'STRUCTURE OF THE ORTHORHOMBIC FORM OF THE N-TERMINAL DOMAIN OF THE YEAST HSP90 CHAPERONE'                 
PDB 1AM1 unspecified 'ATP BINDING SITE IN THE HSP90 MOLECULAR CHAPERONE'                                                        
PDB 1AMW unspecified 'ADP BINDING SITE IN THE HSP90 MOLECULAR CHAPERONE'                                                        
PDB 1BGQ unspecified 'RADICICOL BOUND TO THE ATP BINDING SITE OF THE N-TERMINAL DOMAIN OF THE YEAST HSP90 CHAPERONE'            
PDB 1HK7 unspecified 'MIDDLE DOMAIN OF HSP90'                                                                                   
PDB 1US7 unspecified 'COMPLEX OF HSP90 AND P50'                                                                                 
PDB 1USU unspecified 'THE STRUCTURE OF THE COMPLEX BETWEEN AHA1 AND HSP90'                                                      
PDB 1USV unspecified 'THE STRUCTURE OF THE COMPLEX BETWEEN AHA1 AND HSP90'                                                      
PDB 1ZWH unspecified 'YEAST HSP82 IN COMPLEX WITH THE NOVEL HSP90 INHIBITORRADESTER AMINE'                                      
PDB 2AKP unspecified 'HSP90 DELTA24-N210 MUTANT'                                                                                
PDB 2BRC unspecified 'STRUCTURE OF A HSP90 INHIBITOR BOUND TO THE N-TERMINUS OF YEAST HSP90.'                                   
PDB 2BRE unspecified 'STRUCTURE OF A HSP90 INHIBITOR BOUND TO THE N-TERMINUS OF YEAST HSP90.'                                   
PDB 2CG9 unspecified 'CRYSTAL STRUCTURE OF AN HSP90-SBA1 CLOSED CHAPERONE COMPLEX'                                              
PDB 2CGE unspecified 'CRYSTAL STRUCTURE OF AN HSP90-SBA1 CLOSED CHAPERONE COMPLEX'                                              
PDB 2CGF unspecified 'A RADICICOL ANALOGUE BOUND TO THE ATP BINDING SITE OF THE N-TERMINAL DOMAIN OF THE YEAST HSP90 CHAPERONE' 
PDB 2IWS unspecified 'RADICICOL ANALOGUES BOUND TO THE ATP SITE OF HSP90'                                                       
PDB 2IWX unspecified 'ANALOGUES OF RADICICOL BOUND TO THE ATP- BINDING SITE OF HSP90.'                                          
# 
_pdbx_database_status.status_code                     REL 
_pdbx_database_status.entry_id                        2IWU 
_pdbx_database_status.deposit_site                    PDBE 
_pdbx_database_status.process_site                    PDBE 
_pdbx_database_status.SG_entry                        . 
_pdbx_database_status.recvd_initial_deposition_date   2006-07-04 
_pdbx_database_status.pdb_format_compatible           Y 
_pdbx_database_status.status_code_sf                  REL 
_pdbx_database_status.status_code_mr                  ? 
_pdbx_database_status.status_code_cs                  ? 
_pdbx_database_status.methods_development_category    ? 
_pdbx_database_status.status_code_nmr_data            ? 
# 
loop_
_audit_author.name 
_audit_author.pdbx_ordinal 
'Roe, S.M.'     1 
'Prodromou, C.' 2 
'Pearl, L.H.'   3 
# 
_citation.id                        primary 
_citation.title                     
;Inhibition of Hsp90 with Synthetic Macrolactones: Synthesis and Structural and Biological Evaluation of Ring and Conformational Analogs of Radicicol.
;
_citation.journal_abbrev            Chem.Biol. 
_citation.journal_volume            13 
_citation.page_first                1203 
_citation.page_last                 ? 
_citation.year                      2006 
_citation.journal_id_ASTM           CBOLE2 
_citation.country                   UK 
_citation.journal_id_ISSN           1074-5521 
_citation.journal_id_CSD            2050 
_citation.book_publisher            ? 
_citation.pdbx_database_id_PubMed   17114002 
_citation.pdbx_database_id_DOI      10.1016/J.CHEMBIOL.2006.09.015 
# 
loop_
_citation_author.citation_id 
_citation_author.name 
_citation_author.ordinal 
_citation_author.identifier_ORCID 
primary 'Proisy, N.'     1  ? 
primary 'Sharp, S.Y.'    2  ? 
primary 'Boxall, K.'     3  ? 
primary 'Connelly, S.'   4  ? 
primary 'Roe, S.M.'      5  ? 
primary 'Prodromou, C.'  6  ? 
primary 'Slawin, A.M.Z.' 7  ? 
primary 'Pearl, L.H.'    8  ? 
primary 'Workman, P.'    9  ? 
primary 'Moody, C.J.'    10 ? 
# 
_cell.entry_id           2IWU 
_cell.length_a           74.642 
_cell.length_b           74.642 
_cell.length_c           110.541 
_cell.angle_alpha        90.00 
_cell.angle_beta         90.00 
_cell.angle_gamma        90.00 
_cell.Z_PDB              8 
_cell.pdbx_unique_axis   ? 
# 
_symmetry.entry_id                         2IWU 
_symmetry.space_group_name_H-M             'P 43 2 2' 
_symmetry.pdbx_full_space_group_name_H-M   ? 
_symmetry.cell_setting                     ? 
_symmetry.Int_Tables_number                95 
# 
loop_
_entity.id 
_entity.type 
_entity.src_method 
_entity.pdbx_description 
_entity.formula_weight 
_entity.pdbx_number_of_molecules 
_entity.pdbx_ec 
_entity.pdbx_mutation 
_entity.pdbx_fragment 
_entity.details 
1 polymer     man 'ATP-DEPENDENT MOLECULAR CHAPERONE HSP82'                                                      24208.582 1 ? ? 
'N TERMINAL DOMAIN, RESIDUES 1-214' ? 
2 non-polymer syn '(5E)-12-CHLORO-13,15-DIHYDROXY-4,7,8,9-TETRAHYDRO-2-BENZOXACYCLOTRIDECINE-1,10(3H,11H)-DIONE' 324.756   1 ? ? ? 
? 
3 water       nat water                                                                                          18.015    6 ? ? ? 
? 
# 
_entity_name_com.entity_id   1 
_entity_name_com.name        'HEAT SHOCK PROTEIN 90 HEAT-INDUCIBLE ISOFORM, 82 KDA HEAT SHOCK PROTEIN' 
# 
_entity_poly.entity_id                      1 
_entity_poly.type                           'polypeptide(L)' 
_entity_poly.nstd_linkage                   no 
_entity_poly.nstd_monomer                   no 
_entity_poly.pdbx_seq_one_letter_code       
;MASETFEFQAEITQLMSLIINTVYSNKEIFLRELISNASDALDKIRYKSLSDPKQLETEPDLFIRITPKPEQKVLEIRDS
GIGMTKAELINNLGTIAKSGTKAFMEALSAGADVSMIGQFGVGFYSLFLVADRVQVISKSNDDEQYIWESNAGGSFTVTL
DEVNERIGRGTILRLFLKDDQLEYLEEKRIKEVIKRHSEFVAYPIQLVVTKEVE
;
_entity_poly.pdbx_seq_one_letter_code_can   
;MASETFEFQAEITQLMSLIINTVYSNKEIFLRELISNASDALDKIRYKSLSDPKQLETEPDLFIRITPKPEQKVLEIRDS
GIGMTKAELINNLGTIAKSGTKAFMEALSAGADVSMIGQFGVGFYSLFLVADRVQVISKSNDDEQYIWESNAGGSFTVTL
DEVNERIGRGTILRLFLKDDQLEYLEEKRIKEVIKRHSEFVAYPIQLVVTKEVE
;
_entity_poly.pdbx_strand_id                 A 
_entity_poly.pdbx_target_identifier         ? 
# 
loop_
_entity_poly_seq.entity_id 
_entity_poly_seq.num 
_entity_poly_seq.mon_id 
_entity_poly_seq.hetero 
1 1   MET n 
1 2   ALA n 
1 3   SER n 
1 4   GLU n 
1 5   THR n 
1 6   PHE n 
1 7   GLU n 
1 8   PHE n 
1 9   GLN n 
1 10  ALA n 
1 11  GLU n 
1 12  ILE n 
1 13  THR n 
1 14  GLN n 
1 15  LEU n 
1 16  MET n 
1 17  SER n 
1 18  LEU n 
1 19  ILE n 
1 20  ILE n 
1 21  ASN n 
1 22  THR n 
1 23  VAL n 
1 24  TYR n 
1 25  SER n 
1 26  ASN n 
1 27  LYS n 
1 28  GLU n 
1 29  ILE n 
1 30  PHE n 
1 31  LEU n 
1 32  ARG n 
1 33  GLU n 
1 34  LEU n 
1 35  ILE n 
1 36  SER n 
1 37  ASN n 
1 38  ALA n 
1 39  SER n 
1 40  ASP n 
1 41  ALA n 
1 42  LEU n 
1 43  ASP n 
1 44  LYS n 
1 45  ILE n 
1 46  ARG n 
1 47  TYR n 
1 48  LYS n 
1 49  SER n 
1 50  LEU n 
1 51  SER n 
1 52  ASP n 
1 53  PRO n 
1 54  LYS n 
1 55  GLN n 
1 56  LEU n 
1 57  GLU n 
1 58  THR n 
1 59  GLU n 
1 60  PRO n 
1 61  ASP n 
1 62  LEU n 
1 63  PHE n 
1 64  ILE n 
1 65  ARG n 
1 66  ILE n 
1 67  THR n 
1 68  PRO n 
1 69  LYS n 
1 70  PRO n 
1 71  GLU n 
1 72  GLN n 
1 73  LYS n 
1 74  VAL n 
1 75  LEU n 
1 76  GLU n 
1 77  ILE n 
1 78  ARG n 
1 79  ASP n 
1 80  SER n 
1 81  GLY n 
1 82  ILE n 
1 83  GLY n 
1 84  MET n 
1 85  THR n 
1 86  LYS n 
1 87  ALA n 
1 88  GLU n 
1 89  LEU n 
1 90  ILE n 
1 91  ASN n 
1 92  ASN n 
1 93  LEU n 
1 94  GLY n 
1 95  THR n 
1 96  ILE n 
1 97  ALA n 
1 98  LYS n 
1 99  SER n 
1 100 GLY n 
1 101 THR n 
1 102 LYS n 
1 103 ALA n 
1 104 PHE n 
1 105 MET n 
1 106 GLU n 
1 107 ALA n 
1 108 LEU n 
1 109 SER n 
1 110 ALA n 
1 111 GLY n 
1 112 ALA n 
1 113 ASP n 
1 114 VAL n 
1 115 SER n 
1 116 MET n 
1 117 ILE n 
1 118 GLY n 
1 119 GLN n 
1 120 PHE n 
1 121 GLY n 
1 122 VAL n 
1 123 GLY n 
1 124 PHE n 
1 125 TYR n 
1 126 SER n 
1 127 LEU n 
1 128 PHE n 
1 129 LEU n 
1 130 VAL n 
1 131 ALA n 
1 132 ASP n 
1 133 ARG n 
1 134 VAL n 
1 135 GLN n 
1 136 VAL n 
1 137 ILE n 
1 138 SER n 
1 139 LYS n 
1 140 SER n 
1 141 ASN n 
1 142 ASP n 
1 143 ASP n 
1 144 GLU n 
1 145 GLN n 
1 146 TYR n 
1 147 ILE n 
1 148 TRP n 
1 149 GLU n 
1 150 SER n 
1 151 ASN n 
1 152 ALA n 
1 153 GLY n 
1 154 GLY n 
1 155 SER n 
1 156 PHE n 
1 157 THR n 
1 158 VAL n 
1 159 THR n 
1 160 LEU n 
1 161 ASP n 
1 162 GLU n 
1 163 VAL n 
1 164 ASN n 
1 165 GLU n 
1 166 ARG n 
1 167 ILE n 
1 168 GLY n 
1 169 ARG n 
1 170 GLY n 
1 171 THR n 
1 172 ILE n 
1 173 LEU n 
1 174 ARG n 
1 175 LEU n 
1 176 PHE n 
1 177 LEU n 
1 178 LYS n 
1 179 ASP n 
1 180 ASP n 
1 181 GLN n 
1 182 LEU n 
1 183 GLU n 
1 184 TYR n 
1 185 LEU n 
1 186 GLU n 
1 187 GLU n 
1 188 LYS n 
1 189 ARG n 
1 190 ILE n 
1 191 LYS n 
1 192 GLU n 
1 193 VAL n 
1 194 ILE n 
1 195 LYS n 
1 196 ARG n 
1 197 HIS n 
1 198 SER n 
1 199 GLU n 
1 200 PHE n 
1 201 VAL n 
1 202 ALA n 
1 203 TYR n 
1 204 PRO n 
1 205 ILE n 
1 206 GLN n 
1 207 LEU n 
1 208 VAL n 
1 209 VAL n 
1 210 THR n 
1 211 LYS n 
1 212 GLU n 
1 213 VAL n 
1 214 GLU n 
# 
_entity_src_gen.entity_id                          1 
_entity_src_gen.pdbx_src_id                        1 
_entity_src_gen.pdbx_alt_source_flag               sample 
_entity_src_gen.pdbx_seq_type                      ? 
_entity_src_gen.pdbx_beg_seq_num                   ? 
_entity_src_gen.pdbx_end_seq_num                   ? 
_entity_src_gen.gene_src_common_name               
;BAKER'S YEAST
;
_entity_src_gen.gene_src_genus                     ? 
_entity_src_gen.pdbx_gene_src_gene                 ? 
_entity_src_gen.gene_src_species                   ? 
_entity_src_gen.gene_src_strain                    ? 
_entity_src_gen.gene_src_tissue                    ? 
_entity_src_gen.gene_src_tissue_fraction           ? 
_entity_src_gen.gene_src_details                   ? 
_entity_src_gen.pdbx_gene_src_fragment             ? 
_entity_src_gen.pdbx_gene_src_scientific_name      'SACCHAROMYCES CEREVISIAE' 
_entity_src_gen.pdbx_gene_src_ncbi_taxonomy_id     4932 
_entity_src_gen.pdbx_gene_src_variant              ? 
_entity_src_gen.pdbx_gene_src_cell_line            ? 
_entity_src_gen.pdbx_gene_src_atcc                 ? 
_entity_src_gen.pdbx_gene_src_organ                ? 
_entity_src_gen.pdbx_gene_src_organelle            ? 
_entity_src_gen.pdbx_gene_src_cell                 ? 
_entity_src_gen.pdbx_gene_src_cellular_location    ? 
_entity_src_gen.host_org_common_name               ? 
_entity_src_gen.pdbx_host_org_scientific_name      'ESCHERICHIA COLI' 
_entity_src_gen.pdbx_host_org_ncbi_taxonomy_id     562 
_entity_src_gen.host_org_genus                     ? 
_entity_src_gen.pdbx_host_org_gene                 ? 
_entity_src_gen.pdbx_host_org_organ                ? 
_entity_src_gen.host_org_species                   ? 
_entity_src_gen.pdbx_host_org_tissue               ? 
_entity_src_gen.pdbx_host_org_tissue_fraction      ? 
_entity_src_gen.pdbx_host_org_strain               ? 
_entity_src_gen.pdbx_host_org_variant              ? 
_entity_src_gen.pdbx_host_org_cell_line            ? 
_entity_src_gen.pdbx_host_org_atcc                 ? 
_entity_src_gen.pdbx_host_org_culture_collection   ? 
_entity_src_gen.pdbx_host_org_cell                 ? 
_entity_src_gen.pdbx_host_org_organelle            ? 
_entity_src_gen.pdbx_host_org_cellular_location    ? 
_entity_src_gen.pdbx_host_org_vector_type          ? 
_entity_src_gen.pdbx_host_org_vector               ? 
_entity_src_gen.host_org_details                   ? 
_entity_src_gen.expression_system_id               ? 
_entity_src_gen.plasmid_name                       ? 
_entity_src_gen.plasmid_details                    ? 
_entity_src_gen.pdbx_description                   ? 
# 
_struct_ref.id                         1 
_struct_ref.db_name                    UNP 
_struct_ref.db_code                    HSP82_YEAST 
_struct_ref.entity_id                  1 
_struct_ref.pdbx_seq_one_letter_code   ? 
_struct_ref.pdbx_align_begin           ? 
_struct_ref.pdbx_db_accession          P02829 
_struct_ref.pdbx_db_isoform            ? 
# 
_struct_ref_seq.align_id                      1 
_struct_ref_seq.ref_id                        1 
_struct_ref_seq.pdbx_PDB_id_code              2IWU 
_struct_ref_seq.pdbx_strand_id                A 
_struct_ref_seq.seq_align_beg                 1 
_struct_ref_seq.pdbx_seq_align_beg_ins_code   ? 
_struct_ref_seq.seq_align_end                 214 
_struct_ref_seq.pdbx_seq_align_end_ins_code   ? 
_struct_ref_seq.pdbx_db_accession             P02829 
_struct_ref_seq.db_align_beg                  1 
_struct_ref_seq.pdbx_db_align_beg_ins_code    ? 
_struct_ref_seq.db_align_end                  214 
_struct_ref_seq.pdbx_db_align_end_ins_code    ? 
_struct_ref_seq.pdbx_auth_seq_align_beg       1 
_struct_ref_seq.pdbx_auth_seq_align_end       214 
# 
loop_
_chem_comp.id 
_chem_comp.type 
_chem_comp.mon_nstd_flag 
_chem_comp.name 
_chem_comp.pdbx_synonyms 
_chem_comp.formula 
_chem_comp.formula_weight 
ALA 'L-peptide linking' y ALANINE                                                                                        ? 
'C3 H7 N O2'     89.093  
ARG 'L-peptide linking' y ARGININE                                                                                       ? 
'C6 H15 N4 O2 1' 175.209 
ASN 'L-peptide linking' y ASPARAGINE                                                                                     ? 
'C4 H8 N2 O3'    132.118 
ASP 'L-peptide linking' y 'ASPARTIC ACID'                                                                                ? 
'C4 H7 N O4'     133.103 
GLN 'L-peptide linking' y GLUTAMINE                                                                                      ? 
'C5 H10 N2 O3'   146.144 
GLU 'L-peptide linking' y 'GLUTAMIC ACID'                                                                                ? 
'C5 H9 N O4'     147.129 
GLY 'peptide linking'   y GLYCINE                                                                                        ? 
'C2 H5 N O2'     75.067  
HIS 'L-peptide linking' y HISTIDINE                                                                                      ? 
'C6 H10 N3 O2 1' 156.162 
HOH non-polymer         . WATER                                                                                          ? 'H2 O' 
18.015  
ILE 'L-peptide linking' y ISOLEUCINE                                                                                     ? 
'C6 H13 N O2'    131.173 
LEU 'L-peptide linking' y LEUCINE                                                                                        ? 
'C6 H13 N O2'    131.173 
LYS 'L-peptide linking' y LYSINE                                                                                         ? 
'C6 H15 N2 O2 1' 147.195 
MET 'L-peptide linking' y METHIONINE                                                                                     ? 
'C5 H11 N O2 S'  149.211 
NP5 non-polymer         . '(5E)-12-CHLORO-13,15-DIHYDROXY-4,7,8,9-TETRAHYDRO-2-BENZOXACYCLOTRIDECINE-1,10(3H,11H)-DIONE' ? 
'C16 H17 Cl O5'  324.756 
PHE 'L-peptide linking' y PHENYLALANINE                                                                                  ? 
'C9 H11 N O2'    165.189 
PRO 'L-peptide linking' y PROLINE                                                                                        ? 
'C5 H9 N O2'     115.130 
SER 'L-peptide linking' y SERINE                                                                                         ? 
'C3 H7 N O3'     105.093 
THR 'L-peptide linking' y THREONINE                                                                                      ? 
'C4 H9 N O3'     119.119 
TRP 'L-peptide linking' y TRYPTOPHAN                                                                                     ? 
'C11 H12 N2 O2'  204.225 
TYR 'L-peptide linking' y TYROSINE                                                                                       ? 
'C9 H11 N O3'    181.189 
VAL 'L-peptide linking' y VALINE                                                                                         ? 
'C5 H11 N O2'    117.146 
# 
_exptl.entry_id          2IWU 
_exptl.method            'X-RAY DIFFRACTION' 
_exptl.crystals_number   1 
# 
_exptl_crystal.id                    1 
_exptl_crystal.density_meas          ? 
_exptl_crystal.density_Matthews      3.09 
_exptl_crystal.density_percent_sol   60 
_exptl_crystal.description           ? 
# 
_diffrn.id                     1 
_diffrn.ambient_temp           100.0 
_diffrn.ambient_temp_details   ? 
_diffrn.crystal_id             1 
# 
_diffrn_detector.diffrn_id              1 
_diffrn_detector.detector               CCD 
_diffrn_detector.type                   'ADSC CCD' 
_diffrn_detector.pdbx_collection_date   2006-03-17 
_diffrn_detector.details                ? 
# 
_diffrn_radiation.diffrn_id                        1 
_diffrn_radiation.wavelength_id                    1 
_diffrn_radiation.pdbx_monochromatic_or_laue_m_l   M 
_diffrn_radiation.monochromator                    ? 
_diffrn_radiation.pdbx_diffrn_protocol             'SINGLE WAVELENGTH' 
_diffrn_radiation.pdbx_scattering_type             x-ray 
# 
_diffrn_radiation_wavelength.id           1 
_diffrn_radiation_wavelength.wavelength   0.8730 
_diffrn_radiation_wavelength.wt           1.0 
# 
_diffrn_source.diffrn_id                   1 
_diffrn_source.source                      SYNCHROTRON 
_diffrn_source.type                        'ESRF BEAMLINE ID14-2' 
_diffrn_source.pdbx_synchrotron_site       ESRF 
_diffrn_source.pdbx_synchrotron_beamline   ID14-2 
_diffrn_source.pdbx_wavelength             0.8730 
_diffrn_source.pdbx_wavelength_list        ? 
# 
_reflns.pdbx_diffrn_id               1 
_reflns.pdbx_ordinal                 1 
_reflns.entry_id                     2IWU 
_reflns.observed_criterion_sigma_I   ? 
_reflns.observed_criterion_sigma_F   ? 
_reflns.d_resolution_low             50.000 
_reflns.d_resolution_high            2.800 
_reflns.number_obs                   7940 
_reflns.number_all                   ? 
_reflns.percent_possible_obs         98.1 
_reflns.pdbx_Rmerge_I_obs            0.18000 
_reflns.pdbx_Rsym_value              ? 
_reflns.pdbx_netI_over_sigmaI        3.2000 
_reflns.B_iso_Wilson_estimate        ? 
_reflns.pdbx_redundancy              3.500 
# 
_reflns_shell.pdbx_diffrn_id         1 
_reflns_shell.pdbx_ordinal           1 
_reflns_shell.d_res_high             2.80 
_reflns_shell.d_res_low              2.95 
_reflns_shell.percent_possible_all   99.5 
_reflns_shell.Rmerge_I_obs           0.53000 
_reflns_shell.pdbx_Rsym_value        ? 
_reflns_shell.meanI_over_sigI_obs    1.300 
_reflns_shell.pdbx_redundancy        3.60 
# 
_refine.pdbx_refine_id                           'X-RAY DIFFRACTION' 
_refine.entry_id                                 2IWU 
_refine.pdbx_diffrn_id                           1 
_refine.pdbx_TLS_residual_ADP_flag               ? 
_refine.ls_number_reflns_obs                     8193 
_refine.ls_number_reflns_all                     ? 
_refine.pdbx_ls_sigma_I                          ? 
_refine.pdbx_ls_sigma_F                          ? 
_refine.pdbx_data_cutoff_high_absF               ? 
_refine.pdbx_data_cutoff_low_absF                ? 
_refine.pdbx_data_cutoff_high_rms_absF           ? 
_refine.ls_d_res_low                             50 
_refine.ls_d_res_high                            2.8 
_refine.ls_percent_reflns_obs                    89.6 
_refine.ls_R_factor_obs                          ? 
_refine.ls_R_factor_all                          ? 
_refine.ls_R_factor_R_work                       0.2323 
_refine.ls_R_factor_R_free                       0.2910 
_refine.ls_R_factor_R_free_error                 ? 
_refine.ls_R_factor_R_free_error_details         ? 
_refine.ls_percent_reflns_R_free                 5.0 
_refine.ls_number_reflns_R_free                  362 
_refine.ls_number_parameters                     ? 
_refine.ls_number_restraints                     ? 
_refine.occupancy_min                            ? 
_refine.occupancy_max                            ? 
_refine.correlation_coeff_Fo_to_Fc               ? 
_refine.correlation_coeff_Fo_to_Fc_free          ? 
_refine.B_iso_mean                               ? 
_refine.aniso_B[1][1]                            ? 
_refine.aniso_B[2][2]                            ? 
_refine.aniso_B[3][3]                            ? 
_refine.aniso_B[1][2]                            ? 
_refine.aniso_B[1][3]                            ? 
_refine.aniso_B[2][3]                            ? 
_refine.solvent_model_details                    ? 
_refine.solvent_model_param_ksol                 ? 
_refine.solvent_model_param_bsol                 ? 
_refine.pdbx_solvent_vdw_probe_radii             ? 
_refine.pdbx_solvent_ion_probe_radii             ? 
_refine.pdbx_solvent_shrinkage_radii             ? 
_refine.pdbx_ls_cross_valid_method               ? 
_refine.details                                  ? 
_refine.pdbx_starting_model                      'PDB ENTRY 1AH6' 
_refine.pdbx_method_to_determine_struct          'MOLECULAR REPLACEMENT' 
_refine.pdbx_isotropic_thermal_model             ? 
_refine.pdbx_stereochemistry_target_values       ? 
_refine.pdbx_stereochem_target_val_spec_case     ? 
_refine.pdbx_R_Free_selection_details            ? 
_refine.pdbx_overall_ESU_R                       ? 
_refine.pdbx_overall_ESU_R_Free                  ? 
_refine.overall_SU_ML                            ? 
_refine.pdbx_overall_phase_error                 ? 
_refine.overall_SU_B                             ? 
_refine.overall_SU_R_Cruickshank_DPI             ? 
_refine.pdbx_overall_SU_R_free_Cruickshank_DPI   ? 
_refine.pdbx_overall_SU_R_Blow_DPI               ? 
_refine.pdbx_overall_SU_R_free_Blow_DPI          ? 
# 
_refine_hist.pdbx_refine_id                   'X-RAY DIFFRACTION' 
_refine_hist.cycle_id                         LAST 
_refine_hist.pdbx_number_atoms_protein        1702 
_refine_hist.pdbx_number_atoms_nucleic_acid   0 
_refine_hist.pdbx_number_atoms_ligand         22 
_refine_hist.number_atoms_solvent             6 
_refine_hist.number_atoms_total               1730 
_refine_hist.d_res_high                       2.8 
_refine_hist.d_res_low                        50 
# 
_struct.entry_id                  2IWU 
_struct.title                     'Analogues of radicicol bound to the ATP-binding site of Hsp90' 
_struct.pdbx_model_details        ? 
_struct.pdbx_CASP_flag            ? 
_struct.pdbx_model_type_details   ? 
# 
_struct_keywords.entry_id        2IWU 
_struct_keywords.pdbx_keywords   CHAPERONE 
_struct_keywords.text            'INHIBITOR, CHAPERONE, HEAT SHOCK, ATP-BINDING, MULTIGENE FAMILY, NUCLEOTIDE-BINDING' 
# 
loop_
_struct_asym.id 
_struct_asym.pdbx_blank_PDB_chainid_flag 
_struct_asym.pdbx_modified 
_struct_asym.entity_id 
_struct_asym.details 
A N N 1 ? 
B N N 2 ? 
C N N 3 ? 
# 
_struct_biol.id   1 
# 
loop_
_struct_conf.conf_type_id 
_struct_conf.id 
_struct_conf.pdbx_PDB_helix_id 
_struct_conf.beg_label_comp_id 
_struct_conf.beg_label_asym_id 
_struct_conf.beg_label_seq_id 
_struct_conf.pdbx_beg_PDB_ins_code 
_struct_conf.end_label_comp_id 
_struct_conf.end_label_asym_id 
_struct_conf.end_label_seq_id 
_struct_conf.pdbx_end_PDB_ins_code 
_struct_conf.beg_auth_comp_id 
_struct_conf.beg_auth_asym_id 
_struct_conf.beg_auth_seq_id 
_struct_conf.end_auth_comp_id 
_struct_conf.end_auth_asym_id 
_struct_conf.end_auth_seq_id 
_struct_conf.pdbx_PDB_helix_class 
_struct_conf.details 
_struct_conf.pdbx_PDB_helix_length 
HELX_P HELX_P1  1  GLN A 9   ? VAL A 23  ? GLN A 9   VAL A 23  1 ? 15 
HELX_P HELX_P2  2  GLU A 28  ? ASP A 52  ? GLU A 28  ASP A 52  1 ? 25 
HELX_P HELX_P3  3  PRO A 53  ? GLU A 57  ? PRO A 53  GLU A 57  5 ? 5  
HELX_P HELX_P4  4  PRO A 70  ? GLN A 72  ? PRO A 70  GLN A 72  5 ? 3  
HELX_P HELX_P5  5  THR A 85  ? LEU A 93  ? THR A 85  LEU A 93  1 ? 9  
HELX_P HELX_P6  6  GLY A 100 ? GLY A 111 ? GLY A 100 GLY A 111 1 ? 12 
HELX_P HELX_P7  7  ASP A 113 ? GLY A 121 ? ASP A 113 GLY A 121 5 ? 9  
HELX_P HELX_P8  8  VAL A 122 ? LEU A 129 ? VAL A 122 LEU A 129 5 ? 8  
HELX_P HELX_P9  9  GLN A 181 ? LEU A 185 ? GLN A 181 LEU A 185 5 ? 5  
HELX_P HELX_P10 10 GLU A 186 ? SER A 198 ? GLU A 186 SER A 198 1 ? 13 
# 
_struct_conf_type.id          HELX_P 
_struct_conf_type.criteria    ? 
_struct_conf_type.reference   ? 
# 
_struct_sheet.id               AA 
_struct_sheet.type             ? 
_struct_sheet.number_strands   8 
_struct_sheet.details          ? 
# 
loop_
_struct_sheet_order.sheet_id 
_struct_sheet_order.range_id_1 
_struct_sheet_order.range_id_2 
_struct_sheet_order.offset 
_struct_sheet_order.sense 
AA 1 2 ? anti-parallel 
AA 2 3 ? anti-parallel 
AA 3 4 ? anti-parallel 
AA 4 5 ? anti-parallel 
AA 5 6 ? anti-parallel 
AA 6 7 ? anti-parallel 
AA 7 8 ? parallel      
# 
loop_
_struct_sheet_range.sheet_id 
_struct_sheet_range.id 
_struct_sheet_range.beg_label_comp_id 
_struct_sheet_range.beg_label_asym_id 
_struct_sheet_range.beg_label_seq_id 
_struct_sheet_range.pdbx_beg_PDB_ins_code 
_struct_sheet_range.end_label_comp_id 
_struct_sheet_range.end_label_asym_id 
_struct_sheet_range.end_label_seq_id 
_struct_sheet_range.pdbx_end_PDB_ins_code 
_struct_sheet_range.beg_auth_comp_id 
_struct_sheet_range.beg_auth_asym_id 
_struct_sheet_range.beg_auth_seq_id 
_struct_sheet_range.end_auth_comp_id 
_struct_sheet_range.end_auth_asym_id 
_struct_sheet_range.end_auth_seq_id 
AA 1 SER A 3   ? GLU A 7   ? SER A 3   GLU A 7   
AA 2 SER A 155 ? LEU A 160 ? SER A 155 LEU A 160 
AA 3 GLN A 145 ? SER A 150 ? GLN A 145 SER A 150 
AA 4 ALA A 131 ? LYS A 139 ? ALA A 131 LYS A 139 
AA 5 GLY A 170 ? LEU A 177 ? GLY A 170 LEU A 177 
AA 6 VAL A 74  ? ASP A 79  ? VAL A 74  ASP A 79  
AA 7 ILE A 64  ? LYS A 69  ? ILE A 64  LYS A 69  
AA 8 ILE A 205 ? LEU A 207 ? ILE A 205 LEU A 207 
# 
loop_
_pdbx_struct_sheet_hbond.sheet_id 
_pdbx_struct_sheet_hbond.range_id_1 
_pdbx_struct_sheet_hbond.range_id_2 
_pdbx_struct_sheet_hbond.range_1_label_atom_id 
_pdbx_struct_sheet_hbond.range_1_label_comp_id 
_pdbx_struct_sheet_hbond.range_1_label_asym_id 
_pdbx_struct_sheet_hbond.range_1_label_seq_id 
_pdbx_struct_sheet_hbond.range_1_PDB_ins_code 
_pdbx_struct_sheet_hbond.range_1_auth_atom_id 
_pdbx_struct_sheet_hbond.range_1_auth_comp_id 
_pdbx_struct_sheet_hbond.range_1_auth_asym_id 
_pdbx_struct_sheet_hbond.range_1_auth_seq_id 
_pdbx_struct_sheet_hbond.range_2_label_atom_id 
_pdbx_struct_sheet_hbond.range_2_label_comp_id 
_pdbx_struct_sheet_hbond.range_2_label_asym_id 
_pdbx_struct_sheet_hbond.range_2_label_seq_id 
_pdbx_struct_sheet_hbond.range_2_PDB_ins_code 
_pdbx_struct_sheet_hbond.range_2_auth_atom_id 
_pdbx_struct_sheet_hbond.range_2_auth_comp_id 
_pdbx_struct_sheet_hbond.range_2_auth_asym_id 
_pdbx_struct_sheet_hbond.range_2_auth_seq_id 
AA 1 2 N PHE A 6   ? N PHE A 6   O PHE A 156 ? O PHE A 156 
AA 2 3 N THR A 159 ? N THR A 159 O ILE A 147 ? O ILE A 147 
AA 3 4 N SER A 150 ? N SER A 150 O VAL A 134 ? O VAL A 134 
AA 4 5 N LYS A 139 ? N LYS A 139 O GLY A 170 ? O GLY A 170 
AA 5 6 N LEU A 175 ? N LEU A 175 O LEU A 75  ? O LEU A 75  
AA 6 7 N ARG A 78  ? N ARG A 78  O ARG A 65  ? O ARG A 65  
AA 7 8 N ILE A 66  ? N ILE A 66  O GLN A 206 ? O GLN A 206 
# 
_struct_site.id                   AC1 
_struct_site.pdbx_evidence_code   Software 
_struct_site.pdbx_auth_asym_id    ? 
_struct_site.pdbx_auth_comp_id    ? 
_struct_site.pdbx_auth_seq_id     ? 
_struct_site.pdbx_auth_ins_code   ? 
_struct_site.pdbx_num_residues    8 
_struct_site.details              'BINDING SITE FOR RESIDUE NP5 A1215' 
# 
loop_
_struct_site_gen.id 
_struct_site_gen.site_id 
_struct_site_gen.pdbx_num_res 
_struct_site_gen.label_comp_id 
_struct_site_gen.label_asym_id 
_struct_site_gen.label_seq_id 
_struct_site_gen.pdbx_auth_ins_code 
_struct_site_gen.auth_comp_id 
_struct_site_gen.auth_asym_id 
_struct_site_gen.auth_seq_id 
_struct_site_gen.label_atom_id 
_struct_site_gen.label_alt_id 
_struct_site_gen.symmetry 
_struct_site_gen.details 
1 AC1 8 ASN A 37  ? ASN A 37  . ? 1_555 ? 
2 AC1 8 ALA A 41  ? ALA A 41  . ? 1_555 ? 
3 AC1 8 LYS A 44  ? LYS A 44  . ? 1_555 ? 
4 AC1 8 ASP A 79  ? ASP A 79  . ? 1_555 ? 
5 AC1 8 MET A 84  ? MET A 84  . ? 1_555 ? 
6 AC1 8 PHE A 124 ? PHE A 124 . ? 1_555 ? 
7 AC1 8 THR A 171 ? THR A 171 . ? 1_555 ? 
8 AC1 8 LEU A 173 ? LEU A 173 . ? 1_555 ? 
# 
_atom_sites.entry_id                    2IWU 
_atom_sites.fract_transf_matrix[1][1]   0.00492997 
_atom_sites.fract_transf_matrix[1][2]   0.00968134 
_atom_sites.fract_transf_matrix[1][3]   -0.00783879 
_atom_sites.fract_transf_matrix[2][1]   0.00460847 
_atom_sites.fract_transf_matrix[2][2]   0.00641475 
_atom_sites.fract_transf_matrix[2][3]   0.01082093 
_atom_sites.fract_transf_matrix[3][1]   0.00781447 
_atom_sites.fract_transf_matrix[3][2]   -0.00450949 
_atom_sites.fract_transf_matrix[3][3]   -0.00065480 
_atom_sites.fract_transf_vector[1]      0.230520 
_atom_sites.fract_transf_vector[2]      -0.421615 
_atom_sites.fract_transf_vector[3]      0.010696 
# 
loop_
_atom_type.symbol 
C  
CL 
N  
O  
S  
# 
loop_
_atom_site.group_PDB 
_atom_site.id 
_atom_site.type_symbol 
_atom_site.label_atom_id 
_atom_site.label_alt_id 
_atom_site.label_comp_id 
_atom_site.label_asym_id 
_atom_site.label_entity_id 
_atom_site.label_seq_id 
_atom_site.pdbx_PDB_ins_code 
_atom_site.Cartn_x 
_atom_site.Cartn_y 
_atom_site.Cartn_z 
_atom_site.occupancy 
_atom_site.B_iso_or_equiv 
_atom_site.pdbx_formal_charge 
_atom_site.auth_seq_id 
_atom_site.auth_comp_id 
_atom_site.auth_asym_id 
_atom_site.auth_atom_id 
_atom_site.pdbx_PDB_model_num 
ATOM   1    N  N   . MET A 1 1   ? -7.919  -21.150 -8.127  1.00 65.36 ? 1    MET A N   1 
ATOM   2    C  CA  . MET A 1 1   ? -8.147  -19.982 -8.971  1.00 67.92 ? 1    MET A CA  1 
ATOM   3    C  C   . MET A 1 1   ? -7.029  -19.767 -9.978  1.00 63.92 ? 1    MET A C   1 
ATOM   4    O  O   . MET A 1 1   ? -5.848  -19.807 -9.632  1.00 61.24 ? 1    MET A O   1 
ATOM   5    C  CB  . MET A 1 1   ? -8.316  -18.716 -8.124  1.00 71.82 ? 1    MET A CB  1 
ATOM   6    C  CG  . MET A 1 1   ? -9.745  -18.438 -7.700  1.00 75.45 ? 1    MET A CG  1 
ATOM   7    S  SD  . MET A 1 1   ? -10.917 -18.648 -9.054  1.00 86.10 ? 1    MET A SD  1 
ATOM   8    C  CE  . MET A 1 1   ? -10.209 -17.571 -10.300 1.00 83.61 ? 1    MET A CE  1 
ATOM   9    N  N   . ALA A 1 2   ? -7.413  -19.538 -11.228 1.00 61.29 ? 2    ALA A N   1 
ATOM   10   C  CA  . ALA A 1 2   ? -6.458  -19.170 -12.257 1.00 50.91 ? 2    ALA A CA  1 
ATOM   11   C  C   . ALA A 1 2   ? -5.989  -17.749 -11.995 1.00 44.24 ? 2    ALA A C   1 
ATOM   12   O  O   . ALA A 1 2   ? -6.780  -16.880 -11.626 1.00 52.14 ? 2    ALA A O   1 
ATOM   13   C  CB  . ALA A 1 2   ? -7.089  -19.276 -13.636 1.00 49.95 ? 2    ALA A CB  1 
ATOM   14   N  N   . SER A 1 3   ? -4.694  -17.523 -12.171 1.00 32.80 ? 3    SER A N   1 
ATOM   15   C  CA  . SER A 1 3   ? -4.119  -16.201 -12.003 1.00 35.49 ? 3    SER A CA  1 
ATOM   16   C  C   . SER A 1 3   ? -3.767  -15.626 -13.374 1.00 51.27 ? 3    SER A C   1 
ATOM   17   O  O   . SER A 1 3   ? -3.525  -16.371 -14.324 1.00 67.36 ? 3    SER A O   1 
ATOM   18   C  CB  . SER A 1 3   ? -2.879  -16.282 -11.109 1.00 30.97 ? 3    SER A CB  1 
ATOM   19   O  OG  . SER A 1 3   ? -2.276  -15.013 -10.938 1.00 40.84 ? 3    SER A OG  1 
ATOM   20   N  N   . GLU A 1 4   ? -3.749  -14.302 -13.481 1.00 37.57 ? 4    GLU A N   1 
ATOM   21   C  CA  . GLU A 1 4   ? -3.396  -13.652 -14.734 1.00 23.85 ? 4    GLU A CA  1 
ATOM   22   C  C   . GLU A 1 4   ? -2.128  -12.830 -14.563 1.00 26.81 ? 4    GLU A C   1 
ATOM   23   O  O   . GLU A 1 4   ? -1.957  -12.149 -13.554 1.00 40.48 ? 4    GLU A O   1 
ATOM   24   C  CB  . GLU A 1 4   ? -4.542  -12.769 -15.216 1.00 31.64 ? 4    GLU A CB  1 
ATOM   25   C  CG  . GLU A 1 4   ? -5.849  -13.512 -15.421 1.00 43.07 ? 4    GLU A CG  1 
ATOM   26   C  CD  . GLU A 1 4   ? -6.931  -12.629 -16.019 1.00 53.54 ? 4    GLU A CD  1 
ATOM   27   O  OE1 . GLU A 1 4   ? -6.715  -11.402 -16.118 1.00 47.73 ? 4    GLU A OE1 1 
ATOM   28   O  OE2 . GLU A 1 4   ? -7.998  -13.161 -16.393 1.00 58.82 ? 4    GLU A OE2 1 
ATOM   29   N  N   . THR A 1 5   ? -1.241  -12.892 -15.552 1.00 26.82 ? 5    THR A N   1 
ATOM   30   C  CA  . THR A 1 5   ? 0.070   -12.258 -15.445 1.00 27.32 ? 5    THR A CA  1 
ATOM   31   C  C   . THR A 1 5   ? 0.253   -11.106 -16.425 1.00 31.00 ? 5    THR A C   1 
ATOM   32   O  O   . THR A 1 5   ? -0.070  -11.220 -17.609 1.00 35.51 ? 5    THR A O   1 
ATOM   33   C  CB  . THR A 1 5   ? 1.207   -13.280 -15.640 1.00 26.19 ? 5    THR A CB  1 
ATOM   34   O  OG1 . THR A 1 5   ? 1.180   -14.231 -14.570 1.00 24.54 ? 5    THR A OG1 1 
ATOM   35   C  CG2 . THR A 1 5   ? 2.563   -12.580 -15.662 1.00 30.85 ? 5    THR A CG2 1 
ATOM   36   N  N   . PHE A 1 6   ? 0.783   -9.996  -15.918 1.00 26.24 ? 6    PHE A N   1 
ATOM   37   C  CA  . PHE A 1 6   ? 0.963   -8.787  -16.710 1.00 24.09 ? 6    PHE A CA  1 
ATOM   38   C  C   . PHE A 1 6   ? 2.377   -8.269  -16.539 1.00 35.58 ? 6    PHE A C   1 
ATOM   39   O  O   . PHE A 1 6   ? 2.972   -8.429  -15.479 1.00 51.08 ? 6    PHE A O   1 
ATOM   40   C  CB  . PHE A 1 6   ? -0.009  -7.701  -16.252 1.00 17.00 ? 6    PHE A CB  1 
ATOM   41   C  CG  . PHE A 1 6   ? -1.438  -8.147  -16.200 1.00 23.87 ? 6    PHE A CG  1 
ATOM   42   C  CD1 . PHE A 1 6   ? -1.888  -8.974  -15.181 1.00 33.40 ? 6    PHE A CD1 1 
ATOM   43   C  CD2 . PHE A 1 6   ? -2.339  -7.731  -17.164 1.00 15.13 ? 6    PHE A CD2 1 
ATOM   44   C  CE1 . PHE A 1 6   ? -3.203  -9.386  -15.132 1.00 27.67 ? 6    PHE A CE1 1 
ATOM   45   C  CE2 . PHE A 1 6   ? -3.654  -8.137  -17.118 1.00 21.51 ? 6    PHE A CE2 1 
ATOM   46   C  CZ  . PHE A 1 6   ? -4.088  -8.968  -16.101 1.00 23.84 ? 6    PHE A CZ  1 
ATOM   47   N  N   . GLU A 1 7   ? 2.911   -7.642  -17.578 1.00 29.42 ? 7    GLU A N   1 
ATOM   48   C  CA  . GLU A 1 7   ? 4.219   -7.012  -17.484 1.00 27.29 ? 7    GLU A CA  1 
ATOM   49   C  C   . GLU A 1 7   ? 4.050   -5.587  -16.976 1.00 29.62 ? 7    GLU A C   1 
ATOM   50   O  O   . GLU A 1 7   ? 3.062   -4.920  -17.294 1.00 32.31 ? 7    GLU A O   1 
ATOM   51   C  CB  . GLU A 1 7   ? 4.911   -7.013  -18.847 1.00 31.20 ? 7    GLU A CB  1 
ATOM   52   C  CG  . GLU A 1 7   ? 5.050   -8.393  -19.467 1.00 35.58 ? 7    GLU A CG  1 
ATOM   53   C  CD  . GLU A 1 7   ? 6.043   -9.269  -18.726 1.00 47.84 ? 7    GLU A CD  1 
ATOM   54   O  OE1 . GLU A 1 7   ? 7.093   -8.749  -18.292 1.00 48.53 ? 7    GLU A OE1 1 
ATOM   55   O  OE2 . GLU A 1 7   ? 5.778   -10.483 -18.586 1.00 54.04 ? 7    GLU A OE2 1 
ATOM   56   N  N   . PHE A 1 8   ? 5.006   -5.129  -16.171 1.00 24.24 ? 8    PHE A N   1 
ATOM   57   C  CA  . PHE A 1 8   ? 5.008   -3.750  -15.694 1.00 31.23 ? 8    PHE A CA  1 
ATOM   58   C  C   . PHE A 1 8   ? 5.398   -2.808  -16.823 1.00 41.11 ? 8    PHE A C   1 
ATOM   59   O  O   . PHE A 1 8   ? 6.252   -3.141  -17.645 1.00 59.95 ? 8    PHE A O   1 
ATOM   60   C  CB  . PHE A 1 8   ? 6.004   -3.575  -14.542 1.00 34.29 ? 8    PHE A CB  1 
ATOM   61   C  CG  . PHE A 1 8   ? 5.413   -3.804  -13.175 1.00 36.83 ? 8    PHE A CG  1 
ATOM   62   C  CD1 . PHE A 1 8   ? 5.725   -4.942  -12.450 1.00 38.10 ? 8    PHE A CD1 1 
ATOM   63   C  CD2 . PHE A 1 8   ? 4.555   -2.872  -12.614 1.00 30.00 ? 8    PHE A CD2 1 
ATOM   64   C  CE1 . PHE A 1 8   ? 5.188   -5.154  -11.196 1.00 32.80 ? 8    PHE A CE1 1 
ATOM   65   C  CE2 . PHE A 1 8   ? 4.016   -3.078  -11.359 1.00 33.19 ? 8    PHE A CE2 1 
ATOM   66   C  CZ  . PHE A 1 8   ? 4.332   -4.222  -10.649 1.00 33.03 ? 8    PHE A CZ  1 
ATOM   67   N  N   . GLN A 1 9   ? 4.775   -1.636  -16.867 1.00 28.94 ? 9    GLN A N   1 
ATOM   68   C  CA  . GLN A 1 9   ? 5.232   -0.585  -17.763 1.00 28.74 ? 9    GLN A CA  1 
ATOM   69   C  C   . GLN A 1 9   ? 6.727   -0.366  -17.541 1.00 32.01 ? 9    GLN A C   1 
ATOM   70   O  O   . GLN A 1 9   ? 7.191   -0.321  -16.402 1.00 39.01 ? 9    GLN A O   1 
ATOM   71   C  CB  . GLN A 1 9   ? 4.464   0.705   -17.508 1.00 42.95 ? 9    GLN A CB  1 
ATOM   72   C  CG  . GLN A 1 9   ? 5.294   1.952   -17.728 1.00 62.21 ? 9    GLN A CG  1 
ATOM   73   C  CD  . GLN A 1 9   ? 5.683   2.151   -19.176 1.00 69.84 ? 9    GLN A CD  1 
ATOM   74   O  OE1 . GLN A 1 9   ? 5.048   1.609   -20.081 1.00 74.18 ? 9    GLN A OE1 1 
ATOM   75   N  NE2 . GLN A 1 9   ? 6.731   2.936   -19.405 1.00 68.43 ? 9    GLN A NE2 1 
ATOM   76   N  N   . ALA A 1 10  ? 7.474   -0.231  -18.632 1.00 34.14 ? 10   ALA A N   1 
ATOM   77   C  CA  . ALA A 1 10  ? 8.937   -0.243  -18.588 1.00 33.69 ? 10   ALA A CA  1 
ATOM   78   C  C   . ALA A 1 10  ? 9.575   0.814   -17.686 1.00 37.64 ? 10   ALA A C   1 
ATOM   79   O  O   . ALA A 1 10  ? 10.723  0.665   -17.271 1.00 40.77 ? 10   ALA A O   1 
ATOM   80   C  CB  . ALA A 1 10  ? 9.506   -0.144  -19.995 1.00 35.35 ? 10   ALA A CB  1 
ATOM   81   N  N   . GLU A 1 11  ? 8.841   1.881   -17.390 1.00 39.64 ? 11   GLU A N   1 
ATOM   82   C  CA  . GLU A 1 11  ? 9.363   2.931   -16.523 1.00 38.54 ? 11   GLU A CA  1 
ATOM   83   C  C   . GLU A 1 11  ? 9.002   2.673   -15.067 1.00 43.50 ? 11   GLU A C   1 
ATOM   84   O  O   . GLU A 1 11  ? 9.729   3.072   -14.154 1.00 52.61 ? 11   GLU A O   1 
ATOM   85   C  CB  . GLU A 1 11  ? 8.849   4.293   -16.972 1.00 39.51 ? 11   GLU A CB  1 
ATOM   86   C  CG  . GLU A 1 11  ? 9.410   4.718   -18.309 1.00 52.32 ? 11   GLU A CG  1 
ATOM   87   C  CD  . GLU A 1 11  ? 8.500   5.678   -19.037 1.00 67.70 ? 11   GLU A CD  1 
ATOM   88   O  OE1 . GLU A 1 11  ? 7.714   6.378   -18.363 1.00 75.98 ? 11   GLU A OE1 1 
ATOM   89   O  OE2 . GLU A 1 11  ? 8.571   5.728   -20.285 1.00 70.00 ? 11   GLU A OE2 1 
ATOM   90   N  N   . ILE A 1 12  ? 7.873   2.006   -14.856 1.00 33.99 ? 12   ILE A N   1 
ATOM   91   C  CA  . ILE A 1 12  ? 7.480   1.586   -13.519 1.00 34.95 ? 12   ILE A CA  1 
ATOM   92   C  C   . ILE A 1 12  ? 8.520   0.608   -12.984 1.00 41.01 ? 12   ILE A C   1 
ATOM   93   O  O   . ILE A 1 12  ? 8.925   0.685   -11.823 1.00 41.75 ? 12   ILE A O   1 
ATOM   94   C  CB  . ILE A 1 12  ? 6.081   0.935   -13.518 1.00 28.86 ? 12   ILE A CB  1 
ATOM   95   C  CG1 . ILE A 1 12  ? 5.004   1.984   -13.804 1.00 18.03 ? 12   ILE A CG1 1 
ATOM   96   C  CG2 . ILE A 1 12  ? 5.805   0.258   -12.190 1.00 31.68 ? 12   ILE A CG2 1 
ATOM   97   C  CD1 . ILE A 1 12  ? 3.589   1.480   -13.608 1.00 12.78 ? 12   ILE A CD1 1 
ATOM   98   N  N   . THR A 1 13  ? 8.963   -0.300  -13.847 1.00 40.67 ? 13   THR A N   1 
ATOM   99   C  CA  . THR A 1 13  ? 10.013  -1.245  -13.492 1.00 39.23 ? 13   THR A CA  1 
ATOM   100  C  C   . THR A 1 13  ? 11.322  -0.527  -13.172 1.00 36.13 ? 13   THR A C   1 
ATOM   101  O  O   . THR A 1 13  ? 11.957  -0.814  -12.159 1.00 39.82 ? 13   THR A O   1 
ATOM   102  C  CB  . THR A 1 13  ? 10.243  -2.278  -14.607 1.00 37.19 ? 13   THR A CB  1 
ATOM   103  O  OG1 . THR A 1 13  ? 9.138   -3.188  -14.645 1.00 37.78 ? 13   THR A OG1 1 
ATOM   104  C  CG2 . THR A 1 13  ? 11.524  -3.056  -14.355 1.00 37.56 ? 13   THR A CG2 1 
ATOM   105  N  N   . GLN A 1 14  ? 11.719  0.401   -14.040 1.00 35.63 ? 14   GLN A N   1 
ATOM   106  C  CA  . GLN A 1 14  ? 12.891  1.233   -13.784 1.00 36.00 ? 14   GLN A CA  1 
ATOM   107  C  C   . GLN A 1 14  ? 12.830  1.779   -12.372 1.00 39.54 ? 14   GLN A C   1 
ATOM   108  O  O   . GLN A 1 14  ? 13.747  1.591   -11.575 1.00 46.24 ? 14   GLN A O   1 
ATOM   109  C  CB  . GLN A 1 14  ? 12.925  2.431   -14.728 1.00 38.35 ? 14   GLN A CB  1 
ATOM   110  C  CG  . GLN A 1 14  ? 13.271  2.148   -16.167 1.00 39.44 ? 14   GLN A CG  1 
ATOM   111  C  CD  . GLN A 1 14  ? 13.414  3.436   -16.957 1.00 39.49 ? 14   GLN A CD  1 
ATOM   112  O  OE1 . GLN A 1 14  ? 14.092  4.369   -16.517 1.00 34.00 ? 14   GLN A OE1 1 
ATOM   113  N  NE2 . GLN A 1 14  ? 12.769  3.503   -18.118 1.00 37.43 ? 14   GLN A NE2 1 
ATOM   114  N  N   . LEU A 1 15  ? 11.732  2.474   -12.088 1.00 35.59 ? 15   LEU A N   1 
ATOM   115  C  CA  . LEU A 1 15  ? 11.526  3.130   -10.807 1.00 28.84 ? 15   LEU A CA  1 
ATOM   116  C  C   . LEU A 1 15  ? 11.689  2.158   -9.646  1.00 34.34 ? 15   LEU A C   1 
ATOM   117  O  O   . LEU A 1 15  ? 12.374  2.461   -8.669  1.00 39.07 ? 15   LEU A O   1 
ATOM   118  C  CB  . LEU A 1 15  ? 10.139  3.768   -10.767 1.00 26.71 ? 15   LEU A CB  1 
ATOM   119  C  CG  . LEU A 1 15  ? 9.688   4.341   -9.426  1.00 22.38 ? 15   LEU A CG  1 
ATOM   120  C  CD1 . LEU A 1 15  ? 10.693  5.355   -8.910  1.00 20.58 ? 15   LEU A CD1 1 
ATOM   121  C  CD2 . LEU A 1 15  ? 8.309   4.965   -9.569  1.00 22.02 ? 15   LEU A CD2 1 
ATOM   122  N  N   . MET A 1 16  ? 11.064  0.990   -9.757  1.00 27.30 ? 16   MET A N   1 
ATOM   123  C  CA  . MET A 1 16  ? 11.155  -0.012  -8.705  1.00 27.28 ? 16   MET A CA  1 
ATOM   124  C  C   . MET A 1 16  ? 12.608  -0.400  -8.462  1.00 34.23 ? 16   MET A C   1 
ATOM   125  O  O   . MET A 1 16  ? 13.005  -0.649  -7.329  1.00 47.41 ? 16   MET A O   1 
ATOM   126  C  CB  . MET A 1 16  ? 10.305  -1.241  -9.035  1.00 22.78 ? 16   MET A CB  1 
ATOM   127  C  CG  . MET A 1 16  ? 8.844   -0.911  -9.307  1.00 20.53 ? 16   MET A CG  1 
ATOM   128  S  SD  . MET A 1 16  ? 7.768   -2.354  -9.257  1.00 28.33 ? 16   MET A SD  1 
ATOM   129  C  CE  . MET A 1 16  ? 8.715   -3.512  -10.242 1.00 34.96 ? 16   MET A CE  1 
ATOM   130  N  N   . SER A 1 17  ? 13.402  -0.427  -9.529  1.00 34.77 ? 17   SER A N   1 
ATOM   131  C  CA  . SER A 1 17  ? 14.821  -0.751  -9.424  1.00 36.52 ? 17   SER A CA  1 
ATOM   132  C  C   . SER A 1 17  ? 15.618  0.381   -8.789  1.00 33.94 ? 17   SER A C   1 
ATOM   133  O  O   . SER A 1 17  ? 16.459  0.139   -7.928  1.00 38.20 ? 17   SER A O   1 
ATOM   134  C  CB  . SER A 1 17  ? 15.403  -1.109  -10.792 1.00 41.10 ? 17   SER A CB  1 
ATOM   135  O  OG  . SER A 1 17  ? 15.058  -2.433  -11.156 1.00 43.05 ? 17   SER A OG  1 
ATOM   136  N  N   . LEU A 1 18  ? 15.357  1.612   -9.217  1.00 33.21 ? 18   LEU A N   1 
ATOM   137  C  CA  . LEU A 1 18  ? 15.962  2.778   -8.581  1.00 35.12 ? 18   LEU A CA  1 
ATOM   138  C  C   . LEU A 1 18  ? 15.591  2.830   -7.102  1.00 46.15 ? 18   LEU A C   1 
ATOM   139  O  O   . LEU A 1 18  ? 16.309  3.406   -6.290  1.00 46.17 ? 18   LEU A O   1 
ATOM   140  C  CB  . LEU A 1 18  ? 15.512  4.068   -9.265  1.00 33.14 ? 18   LEU A CB  1 
ATOM   141  C  CG  . LEU A 1 18  ? 16.080  4.356   -10.650 1.00 44.92 ? 18   LEU A CG  1 
ATOM   142  C  CD1 . LEU A 1 18  ? 15.926  5.835   -10.981 1.00 49.67 ? 18   LEU A CD1 1 
ATOM   143  C  CD2 . LEU A 1 18  ? 17.538  3.947   -10.709 1.00 54.01 ? 18   LEU A CD2 1 
ATOM   144  N  N   . ILE A 1 19  ? 14.459  2.230   -6.756  1.00 44.63 ? 19   ILE A N   1 
ATOM   145  C  CA  . ILE A 1 19  ? 14.010  2.223   -5.370  1.00 49.05 ? 19   ILE A CA  1 
ATOM   146  C  C   . ILE A 1 19  ? 14.723  1.137   -4.573  1.00 48.43 ? 19   ILE A C   1 
ATOM   147  O  O   . ILE A 1 19  ? 15.341  1.417   -3.543  1.00 51.79 ? 19   ILE A O   1 
ATOM   148  C  CB  . ILE A 1 19  ? 12.481  2.047   -5.271  1.00 49.55 ? 19   ILE A CB  1 
ATOM   149  C  CG1 . ILE A 1 19  ? 11.777  3.301   -5.792  1.00 49.31 ? 19   ILE A CG1 1 
ATOM   150  C  CG2 . ILE A 1 19  ? 12.062  1.772   -3.837  1.00 51.46 ? 19   ILE A CG2 1 
ATOM   151  C  CD1 . ILE A 1 19  ? 10.281  3.281   -5.617  1.00 52.80 ? 19   ILE A CD1 1 
ATOM   152  N  N   . ILE A 1 20  ? 14.644  -0.096  -5.061  1.00 40.79 ? 20   ILE A N   1 
ATOM   153  C  CA  . ILE A 1 20  ? 15.252  -1.238  -4.389  1.00 36.84 ? 20   ILE A CA  1 
ATOM   154  C  C   . ILE A 1 20  ? 16.776  -1.129  -4.291  1.00 46.07 ? 20   ILE A C   1 
ATOM   155  O  O   . ILE A 1 20  ? 17.387  -1.684  -3.376  1.00 43.12 ? 20   ILE A O   1 
ATOM   156  C  CB  . ILE A 1 20  ? 14.910  -2.548  -5.115  1.00 26.38 ? 20   ILE A CB  1 
ATOM   157  C  CG1 . ILE A 1 20  ? 13.402  -2.674  -5.313  1.00 27.19 ? 20   ILE A CG1 1 
ATOM   158  C  CG2 . ILE A 1 20  ? 15.440  -3.742  -4.342  1.00 31.03 ? 20   ILE A CG2 1 
ATOM   159  C  CD1 . ILE A 1 20  ? 13.004  -3.839  -6.196  1.00 28.15 ? 20   ILE A CD1 1 
ATOM   160  N  N   . ASN A 1 21  ? 17.385  -0.404  -5.224  1.00 49.01 ? 21   ASN A N   1 
ATOM   161  C  CA  . ASN A 1 21  ? 18.838  -0.420  -5.356  1.00 48.05 ? 21   ASN A CA  1 
ATOM   162  C  C   . ASN A 1 21  ? 19.546  0.933   -5.215  1.00 59.61 ? 21   ASN A C   1 
ATOM   163  O  O   . ASN A 1 21  ? 20.737  0.975   -4.908  1.00 72.17 ? 21   ASN A O   1 
ATOM   164  C  CB  . ASN A 1 21  ? 19.236  -1.082  -6.683  1.00 47.09 ? 21   ASN A CB  1 
ATOM   165  C  CG  . ASN A 1 21  ? 18.715  -2.513  -6.810  1.00 48.17 ? 21   ASN A CG  1 
ATOM   166  O  OD1 . ASN A 1 21  ? 19.116  -3.406  -6.062  1.00 37.37 ? 21   ASN A OD1 1 
ATOM   167  N  ND2 . ASN A 1 21  ? 17.828  -2.734  -7.775  1.00 53.43 ? 21   ASN A ND2 1 
ATOM   168  N  N   . THR A 1 22  ? 18.828  2.032   -5.428  1.00 61.33 ? 22   THR A N   1 
ATOM   169  C  CA  . THR A 1 22  ? 19.471  3.351   -5.488  1.00 67.68 ? 22   THR A CA  1 
ATOM   170  C  C   . THR A 1 22  ? 19.444  4.167   -4.186  1.00 71.74 ? 22   THR A C   1 
ATOM   171  O  O   . THR A 1 22  ? 20.407  4.869   -3.868  1.00 76.76 ? 22   THR A O   1 
ATOM   172  C  CB  . THR A 1 22  ? 18.915  4.206   -6.655  1.00 69.16 ? 22   THR A CB  1 
ATOM   173  O  OG1 . THR A 1 22  ? 19.595  3.860   -7.867  1.00 72.38 ? 22   THR A OG1 1 
ATOM   174  C  CG2 . THR A 1 22  ? 19.105  5.691   -6.385  1.00 65.04 ? 22   THR A CG2 1 
ATOM   175  N  N   . VAL A 1 23  ? 18.350  4.080   -3.438  1.00 64.72 ? 23   VAL A N   1 
ATOM   176  C  CA  . VAL A 1 23  ? 18.223  4.839   -2.196  1.00 54.91 ? 23   VAL A CA  1 
ATOM   177  C  C   . VAL A 1 23  ? 18.605  4.001   -0.978  1.00 51.01 ? 23   VAL A C   1 
ATOM   178  O  O   . VAL A 1 23  ? 18.358  2.795   -0.940  1.00 52.18 ? 23   VAL A O   1 
ATOM   179  C  CB  . VAL A 1 23  ? 16.804  5.423   -2.032  1.00 58.32 ? 23   VAL A CB  1 
ATOM   180  C  CG1 . VAL A 1 23  ? 15.792  4.576   -2.784  1.00 58.84 ? 23   VAL A CG1 1 
ATOM   181  C  CG2 . VAL A 1 23  ? 16.434  5.555   -0.554  1.00 62.38 ? 23   VAL A CG2 1 
ATOM   182  N  N   . TYR A 1 24  ? 19.215  4.648   0.012   1.00 42.17 ? 24   TYR A N   1 
ATOM   183  C  CA  . TYR A 1 24  ? 19.739  3.944   1.174   1.00 38.58 ? 24   TYR A CA  1 
ATOM   184  C  C   . TYR A 1 24  ? 18.985  4.264   2.464   1.00 44.85 ? 24   TYR A C   1 
ATOM   185  O  O   . TYR A 1 24  ? 18.173  3.464   2.919   1.00 54.29 ? 24   TYR A O   1 
ATOM   186  C  CB  . TYR A 1 24  ? 21.237  4.224   1.335   1.00 42.92 ? 24   TYR A CB  1 
ATOM   187  C  CG  . TYR A 1 24  ? 22.065  3.738   0.167   1.00 41.96 ? 24   TYR A CG  1 
ATOM   188  C  CD1 . TYR A 1 24  ? 22.605  2.458   0.157   1.00 39.87 ? 24   TYR A CD1 1 
ATOM   189  C  CD2 . TYR A 1 24  ? 22.294  4.554   -0.935  1.00 47.03 ? 24   TYR A CD2 1 
ATOM   190  C  CE1 . TYR A 1 24  ? 23.357  2.007   -0.911  1.00 39.12 ? 24   TYR A CE1 1 
ATOM   191  C  CE2 . TYR A 1 24  ? 23.045  4.112   -2.011  1.00 45.21 ? 24   TYR A CE2 1 
ATOM   192  C  CZ  . TYR A 1 24  ? 23.574  2.836   -1.992  1.00 41.64 ? 24   TYR A CZ  1 
ATOM   193  O  OH  . TYR A 1 24  ? 24.321  2.393   -3.059  1.00 41.24 ? 24   TYR A OH  1 
ATOM   194  N  N   . SER A 1 25  ? 19.249  5.429   3.049   1.00 41.94 ? 25   SER A N   1 
ATOM   195  C  CA  . SER A 1 25  ? 18.673  5.766   4.353   1.00 43.95 ? 25   SER A CA  1 
ATOM   196  C  C   . SER A 1 25  ? 17.278  6.397   4.289   1.00 43.83 ? 25   SER A C   1 
ATOM   197  O  O   . SER A 1 25  ? 16.758  6.691   3.209   1.00 45.83 ? 25   SER A O   1 
ATOM   198  C  CB  . SER A 1 25  ? 19.628  6.656   5.157   1.00 54.50 ? 25   SER A CB  1 
ATOM   199  O  OG  . SER A 1 25  ? 20.061  7.771   4.397   1.00 64.62 ? 25   SER A OG  1 
ATOM   200  N  N   . ASN A 1 26  ? 16.688  6.594   5.467   1.00 41.68 ? 26   ASN A N   1 
ATOM   201  C  CA  . ASN A 1 26  ? 15.340  7.142   5.607   1.00 40.30 ? 26   ASN A CA  1 
ATOM   202  C  C   . ASN A 1 26  ? 14.274  6.275   4.938   1.00 39.34 ? 26   ASN A C   1 
ATOM   203  O  O   . ASN A 1 26  ? 13.407  6.784   4.229   1.00 45.99 ? 26   ASN A O   1 
ATOM   204  C  CB  . ASN A 1 26  ? 15.273  8.576   5.076   1.00 46.87 ? 26   ASN A CB  1 
ATOM   205  C  CG  . ASN A 1 26  ? 14.053  9.330   5.581   1.00 53.00 ? 26   ASN A CG  1 
ATOM   206  O  OD1 . ASN A 1 26  ? 13.556  9.064   6.675   1.00 57.01 ? 26   ASN A OD1 1 
ATOM   207  N  ND2 . ASN A 1 26  ? 13.569  10.280  4.785   1.00 48.82 ? 26   ASN A ND2 1 
ATOM   208  N  N   . LYS A 1 27  ? 14.344  4.967   5.174   1.00 34.57 ? 27   LYS A N   1 
ATOM   209  C  CA  . LYS A 1 27  ? 13.409  4.014   4.579   1.00 33.12 ? 27   LYS A CA  1 
ATOM   210  C  C   . LYS A 1 27  ? 12.091  3.931   5.353   1.00 38.10 ? 27   LYS A C   1 
ATOM   211  O  O   . LYS A 1 27  ? 11.162  3.228   4.953   1.00 39.25 ? 27   LYS A O   1 
ATOM   212  C  CB  . LYS A 1 27  ? 14.051  2.630   4.482   1.00 25.72 ? 27   LYS A CB  1 
ATOM   213  C  CG  . LYS A 1 27  ? 15.212  2.553   3.503   1.00 32.92 ? 27   LYS A CG  1 
ATOM   214  C  CD  . LYS A 1 27  ? 15.752  1.137   3.392   1.00 31.02 ? 27   LYS A CD  1 
ATOM   215  C  CE  . LYS A 1 27  ? 16.694  0.993   2.207   1.00 35.75 ? 27   LYS A CE  1 
ATOM   216  N  NZ  . LYS A 1 27  ? 17.122  -0.420  2.011   1.00 41.53 ? 27   LYS A NZ  1 
ATOM   217  N  N   . GLU A 1 28  ? 12.020  4.658   6.462   1.00 27.59 ? 28   GLU A N   1 
ATOM   218  C  CA  . GLU A 1 28  ? 10.825  4.694   7.289   1.00 21.05 ? 28   GLU A CA  1 
ATOM   219  C  C   . GLU A 1 28  ? 9.704   5.461   6.599   1.00 23.87 ? 28   GLU A C   1 
ATOM   220  O  O   . GLU A 1 28  ? 8.565   5.464   7.065   1.00 31.52 ? 28   GLU A O   1 
ATOM   221  C  CB  . GLU A 1 28  ? 11.148  5.380   8.613   1.00 27.53 ? 28   GLU A CB  1 
ATOM   222  C  CG  . GLU A 1 28  ? 11.755  6.758   8.426   1.00 43.71 ? 28   GLU A CG  1 
ATOM   223  C  CD  . GLU A 1 28  ? 11.738  7.591   9.690   1.00 66.68 ? 28   GLU A CD  1 
ATOM   224  O  OE1 . GLU A 1 28  ? 11.854  7.011   10.790  1.00 77.94 ? 28   GLU A OE1 1 
ATOM   225  O  OE2 . GLU A 1 28  ? 11.611  8.829   9.577   1.00 71.34 ? 28   GLU A OE2 1 
ATOM   226  N  N   . ILE A 1 29  ? 10.027  6.125   5.496   1.00 22.23 ? 29   ILE A N   1 
ATOM   227  C  CA  . ILE A 1 29  ? 9.062   7.004   4.843   1.00 21.59 ? 29   ILE A CA  1 
ATOM   228  C  C   . ILE A 1 29  ? 7.972   6.235   4.103   1.00 20.40 ? 29   ILE A C   1 
ATOM   229  O  O   . ILE A 1 29  ? 6.926   6.790   3.778   1.00 27.91 ? 29   ILE A O   1 
ATOM   230  C  CB  . ILE A 1 29  ? 9.748   8.029   3.906   1.00 28.98 ? 29   ILE A CB  1 
ATOM   231  C  CG1 . ILE A 1 29  ? 10.737  7.339   2.964   1.00 32.44 ? 29   ILE A CG1 1 
ATOM   232  C  CG2 . ILE A 1 29  ? 10.447  9.113   4.717   1.00 24.59 ? 29   ILE A CG2 1 
ATOM   233  C  CD1 . ILE A 1 29  ? 10.156  6.991   1.619   1.00 41.55 ? 29   ILE A CD1 1 
ATOM   234  N  N   . PHE A 1 30  ? 8.214   4.954   3.854   1.00 27.80 ? 30   PHE A N   1 
ATOM   235  C  CA  . PHE A 1 30  ? 7.236   4.119   3.169   1.00 20.19 ? 30   PHE A CA  1 
ATOM   236  C  C   . PHE A 1 30  ? 5.923   4.101   3.938   1.00 23.56 ? 30   PHE A C   1 
ATOM   237  O  O   . PHE A 1 30  ? 4.852   3.951   3.353   1.00 38.92 ? 30   PHE A O   1 
ATOM   238  C  CB  . PHE A 1 30  ? 7.760   2.689   3.018   1.00 9.34  ? 30   PHE A CB  1 
ATOM   239  C  CG  . PHE A 1 30  ? 7.505   1.825   4.219   1.00 27.77 ? 30   PHE A CG  1 
ATOM   240  C  CD1 . PHE A 1 30  ? 6.378   1.017   4.281   1.00 28.29 ? 30   PHE A CD1 1 
ATOM   241  C  CD2 . PHE A 1 30  ? 8.383   1.822   5.289   1.00 33.67 ? 30   PHE A CD2 1 
ATOM   242  C  CE1 . PHE A 1 30  ? 6.137   0.222   5.385   1.00 22.52 ? 30   PHE A CE1 1 
ATOM   243  C  CE2 . PHE A 1 30  ? 8.145   1.031   6.395   1.00 28.62 ? 30   PHE A CE2 1 
ATOM   244  C  CZ  . PHE A 1 30  ? 7.020   0.229   6.442   1.00 21.66 ? 30   PHE A CZ  1 
ATOM   245  N  N   . LEU A 1 31  ? 6.007   4.251   5.254   1.00 22.86 ? 31   LEU A N   1 
ATOM   246  C  CA  . LEU A 1 31  ? 4.820   4.185   6.093   1.00 23.46 ? 31   LEU A CA  1 
ATOM   247  C  C   . LEU A 1 31  ? 3.897   5.371   5.851   1.00 22.94 ? 31   LEU A C   1 
ATOM   248  O  O   . LEU A 1 31  ? 2.701   5.194   5.649   1.00 41.87 ? 31   LEU A O   1 
ATOM   249  C  CB  . LEU A 1 31  ? 5.194   4.101   7.574   1.00 31.41 ? 31   LEU A CB  1 
ATOM   250  C  CG  . LEU A 1 31  ? 4.024   3.731   8.489   1.00 30.58 ? 31   LEU A CG  1 
ATOM   251  C  CD1 . LEU A 1 31  ? 3.484   2.354   8.128   1.00 15.99 ? 31   LEU A CD1 1 
ATOM   252  C  CD2 . LEU A 1 31  ? 4.429   3.786   9.953   1.00 27.52 ? 31   LEU A CD2 1 
ATOM   253  N  N   . ARG A 1 32  ? 4.450   6.581   5.869   1.00 18.72 ? 32   ARG A N   1 
ATOM   254  C  CA  . ARG A 1 32  ? 3.630   7.774   5.681   1.00 21.82 ? 32   ARG A CA  1 
ATOM   255  C  C   . ARG A 1 32  ? 3.043   7.790   4.280   1.00 23.16 ? 32   ARG A C   1 
ATOM   256  O  O   . ARG A 1 32  ? 1.959   8.324   4.061   1.00 32.03 ? 32   ARG A O   1 
ATOM   257  C  CB  . ARG A 1 32  ? 4.431   9.054   5.947   1.00 24.98 ? 32   ARG A CB  1 
ATOM   258  C  CG  . ARG A 1 32  ? 5.532   9.313   4.942   1.00 39.61 ? 32   ARG A CG  1 
ATOM   259  C  CD  . ARG A 1 32  ? 6.503   10.390  5.418   1.00 48.98 ? 32   ARG A CD  1 
ATOM   260  N  NE  . ARG A 1 32  ? 6.178   11.721  4.906   1.00 56.14 ? 32   ARG A NE  1 
ATOM   261  C  CZ  . ARG A 1 32  ? 7.078   12.681  4.713   1.00 61.38 ? 32   ARG A CZ  1 
ATOM   262  N  NH1 . ARG A 1 32  ? 8.359   12.451  4.981   1.00 63.53 ? 32   ARG A NH1 1 
ATOM   263  N  NH2 . ARG A 1 32  ? 6.706   13.866  4.244   1.00 49.03 ? 32   ARG A NH2 1 
ATOM   264  N  N   . GLU A 1 33  ? 3.762   7.194   3.334   1.00 19.09 ? 33   GLU A N   1 
ATOM   265  C  CA  . GLU A 1 33  ? 3.281   7.089   1.962   1.00 15.52 ? 33   GLU A CA  1 
ATOM   266  C  C   . GLU A 1 33  ? 2.063   6.177   1.885   1.00 20.05 ? 33   GLU A C   1 
ATOM   267  O  O   . GLU A 1 33  ? 1.105   6.471   1.173   1.00 34.07 ? 33   GLU A O   1 
ATOM   268  C  CB  . GLU A 1 33  ? 4.383   6.563   1.037   1.00 22.16 ? 33   GLU A CB  1 
ATOM   269  C  CG  . GLU A 1 33  ? 5.620   7.451   0.958   1.00 35.80 ? 33   GLU A CG  1 
ATOM   270  C  CD  . GLU A 1 33  ? 5.343   8.803   0.320   1.00 42.57 ? 33   GLU A CD  1 
ATOM   271  O  OE1 . GLU A 1 33  ? 4.303   8.947   -0.362  1.00 47.26 ? 33   GLU A OE1 1 
ATOM   272  O  OE2 . GLU A 1 33  ? 6.171   9.723   0.499   1.00 32.14 ? 33   GLU A OE2 1 
ATOM   273  N  N   . LEU A 1 34  ? 2.103   5.074   2.627   1.00 16.97 ? 34   LEU A N   1 
ATOM   274  C  CA  . LEU A 1 34  ? 1.029   4.083   2.597   1.00 16.75 ? 34   LEU A CA  1 
ATOM   275  C  C   . LEU A 1 34  ? -0.133  4.462   3.510   1.00 15.12 ? 34   LEU A C   1 
ATOM   276  O  O   . LEU A 1 34  ? -1.248  3.973   3.348   1.00 28.67 ? 34   LEU A O   1 
ATOM   277  C  CB  . LEU A 1 34  ? 1.564   2.699   2.975   1.00 16.79 ? 34   LEU A CB  1 
ATOM   278  C  CG  . LEU A 1 34  ? 2.707   2.179   2.101   1.00 13.05 ? 34   LEU A CG  1 
ATOM   279  C  CD1 . LEU A 1 34  ? 3.162   0.798   2.552   1.00 8.44  ? 34   LEU A CD1 1 
ATOM   280  C  CD2 . LEU A 1 34  ? 2.283   2.162   0.645   1.00 15.11 ? 34   LEU A CD2 1 
ATOM   281  N  N   . ILE A 1 35  ? 0.139   5.329   4.476   1.00 14.53 ? 35   ILE A N   1 
ATOM   282  C  CA  . ILE A 1 35  ? -0.907  5.854   5.340   1.00 13.88 ? 35   ILE A CA  1 
ATOM   283  C  C   . ILE A 1 35  ? -1.602  6.988   4.609   1.00 20.12 ? 35   ILE A C   1 
ATOM   284  O  O   . ILE A 1 35  ? -2.817  7.156   4.706   1.00 32.51 ? 35   ILE A O   1 
ATOM   285  C  CB  . ILE A 1 35  ? -0.330  6.391   6.663   1.00 12.72 ? 35   ILE A CB  1 
ATOM   286  C  CG1 . ILE A 1 35  ? 0.185   5.241   7.532   1.00 6.39  ? 35   ILE A CG1 1 
ATOM   287  C  CG2 . ILE A 1 35  ? -1.377  7.181   7.418   1.00 7.56  ? 35   ILE A CG2 1 
ATOM   288  C  CD1 . ILE A 1 35  ? 0.661   5.685   8.897   1.00 13.58 ? 35   ILE A CD1 1 
ATOM   289  N  N   . SER A 1 36  ? -0.813  7.760   3.871   1.00 15.87 ? 36   SER A N   1 
ATOM   290  C  CA  . SER A 1 36  ? -1.330  8.845   3.053   1.00 11.00 ? 36   SER A CA  1 
ATOM   291  C  C   . SER A 1 36  ? -2.305  8.330   1.997   1.00 18.42 ? 36   SER A C   1 
ATOM   292  O  O   . SER A 1 36  ? -3.376  8.901   1.806   1.00 29.55 ? 36   SER A O   1 
ATOM   293  C  CB  . SER A 1 36  ? -0.177  9.594   2.385   1.00 17.64 ? 36   SER A CB  1 
ATOM   294  O  OG  . SER A 1 36  ? -0.659  10.474  1.388   1.00 32.25 ? 36   SER A OG  1 
ATOM   295  N  N   . ASN A 1 37  ? -1.934  7.251   1.314   1.00 19.74 ? 37   ASN A N   1 
ATOM   296  C  CA  . ASN A 1 37  ? -2.815  6.635   0.326   1.00 11.18 ? 37   ASN A CA  1 
ATOM   297  C  C   . ASN A 1 37  ? -4.073  6.094   0.976   1.00 13.83 ? 37   ASN A C   1 
ATOM   298  O  O   . ASN A 1 37  ? -5.159  6.165   0.406   1.00 23.39 ? 37   ASN A O   1 
ATOM   299  C  CB  . ASN A 1 37  ? -2.101  5.498   -0.397  1.00 18.54 ? 37   ASN A CB  1 
ATOM   300  C  CG  . ASN A 1 37  ? -0.945  5.982   -1.239  1.00 16.12 ? 37   ASN A CG  1 
ATOM   301  O  OD1 . ASN A 1 37  ? -0.096  5.196   -1.654  1.00 18.68 ? 37   ASN A OD1 1 
ATOM   302  N  ND2 . ASN A 1 37  ? -0.902  7.282   -1.494  1.00 19.12 ? 37   ASN A ND2 1 
ATOM   303  N  N   . ALA A 1 38  ? -3.912  5.540   2.172   1.00 13.92 ? 38   ALA A N   1 
ATOM   304  C  CA  . ALA A 1 38  ? -5.037  5.011   2.925   1.00 14.46 ? 38   ALA A CA  1 
ATOM   305  C  C   . ALA A 1 38  ? -6.035  6.123   3.194   1.00 18.31 ? 38   ALA A C   1 
ATOM   306  O  O   . ALA A 1 38  ? -7.246  5.934   3.076   1.00 23.88 ? 38   ALA A O   1 
ATOM   307  C  CB  . ALA A 1 38  ? -4.557  4.401   4.226   1.00 10.11 ? 38   ALA A CB  1 
ATOM   308  N  N   . SER A 1 39  ? -5.514  7.290   3.548   1.00 22.58 ? 39   SER A N   1 
ATOM   309  C  CA  . SER A 1 39  ? -6.355  8.440   3.841   1.00 24.42 ? 39   SER A CA  1 
ATOM   310  C  C   . SER A 1 39  ? -6.997  8.988   2.572   1.00 29.48 ? 39   SER A C   1 
ATOM   311  O  O   . SER A 1 39  ? -8.170  9.353   2.575   1.00 38.73 ? 39   SER A O   1 
ATOM   312  C  CB  . SER A 1 39  ? -5.546  9.529   4.545   1.00 20.13 ? 39   SER A CB  1 
ATOM   313  O  OG  . SER A 1 39  ? -6.387  10.572  5.001   1.00 29.27 ? 39   SER A OG  1 
ATOM   314  N  N   . ASP A 1 40  ? -6.234  9.033   1.484   1.00 27.97 ? 40   ASP A N   1 
ATOM   315  C  CA  . ASP A 1 40  ? -6.749  9.528   0.212   1.00 30.67 ? 40   ASP A CA  1 
ATOM   316  C  C   . ASP A 1 40  ? -7.858  8.640   -0.337  1.00 33.28 ? 40   ASP A C   1 
ATOM   317  O  O   . ASP A 1 40  ? -8.719  9.100   -1.090  1.00 33.68 ? 40   ASP A O   1 
ATOM   318  C  CB  . ASP A 1 40  ? -5.625  9.653   -0.815  1.00 39.23 ? 40   ASP A CB  1 
ATOM   319  C  CG  . ASP A 1 40  ? -4.636  10.744  -0.464  1.00 57.15 ? 40   ASP A CG  1 
ATOM   320  O  OD1 . ASP A 1 40  ? -4.906  11.504  0.492   1.00 54.15 ? 40   ASP A OD1 1 
ATOM   321  O  OD2 . ASP A 1 40  ? -3.591  10.844  -1.142  1.00 71.67 ? 40   ASP A OD2 1 
ATOM   322  N  N   . ALA A 1 41  ? -7.832  7.365   0.040   1.00 34.08 ? 41   ALA A N   1 
ATOM   323  C  CA  . ALA A 1 41  ? -8.846  6.414   -0.395  1.00 22.50 ? 41   ALA A CA  1 
ATOM   324  C  C   . ALA A 1 41  ? -10.062 6.469   0.523   1.00 23.84 ? 41   ALA A C   1 
ATOM   325  O  O   . ALA A 1 41  ? -11.197 6.264   0.083   1.00 23.77 ? 41   ALA A O   1 
ATOM   326  C  CB  . ALA A 1 41  ? -8.269  5.014   -0.436  1.00 23.84 ? 41   ALA A CB  1 
ATOM   327  N  N   . LEU A 1 42  ? -9.824  6.747   1.800   1.00 12.70 ? 42   LEU A N   1 
ATOM   328  C  CA  . LEU A 1 42  ? -10.913 6.905   2.752   1.00 3.61  ? 42   LEU A CA  1 
ATOM   329  C  C   . LEU A 1 42  ? -11.665 8.201   2.466   1.00 14.22 ? 42   LEU A C   1 
ATOM   330  O  O   . LEU A 1 42  ? -12.884 8.267   2.613   1.00 16.39 ? 42   LEU A O   1 
ATOM   331  C  CB  . LEU A 1 42  ? -10.378 6.871   4.183   1.00 7.06  ? 42   LEU A CB  1 
ATOM   332  C  CG  . LEU A 1 42  ? -10.003 5.473   4.688   1.00 8.75  ? 42   LEU A CG  1 
ATOM   333  C  CD1 . LEU A 1 42  ? -8.993  5.542   5.818   1.00 7.60  ? 42   LEU A CD1 1 
ATOM   334  C  CD2 . LEU A 1 42  ? -11.249 4.710   5.122   1.00 11.68 ? 42   LEU A CD2 1 
ATOM   335  N  N   . ASP A 1 43  ? -10.929 9.224   2.039   1.00 25.47 ? 43   ASP A N   1 
ATOM   336  C  CA  . ASP A 1 43  ? -11.525 10.488  1.606   1.00 19.37 ? 43   ASP A CA  1 
ATOM   337  C  C   . ASP A 1 43  ? -12.556 10.276  0.505   1.00 20.39 ? 43   ASP A C   1 
ATOM   338  O  O   . ASP A 1 43  ? -13.655 10.825  0.556   1.00 26.97 ? 43   ASP A O   1 
ATOM   339  C  CB  . ASP A 1 43  ? -10.448 11.437  1.082   1.00 14.53 ? 43   ASP A CB  1 
ATOM   340  C  CG  . ASP A 1 43  ? -9.700  12.146  2.189   1.00 19.69 ? 43   ASP A CG  1 
ATOM   341  O  OD1 . ASP A 1 43  ? -8.659  12.768  1.882   1.00 25.22 ? 43   ASP A OD1 1 
ATOM   342  O  OD2 . ASP A 1 43  ? -10.146 12.085  3.357   1.00 11.05 ? 43   ASP A OD2 1 
ATOM   343  N  N   . LYS A 1 44  ? -12.185 9.481   -0.495  1.00 20.48 ? 44   LYS A N   1 
ATOM   344  C  CA  . LYS A 1 44  ? -13.029 9.251   -1.662  1.00 25.27 ? 44   LYS A CA  1 
ATOM   345  C  C   . LYS A 1 44  ? -14.324 8.510   -1.338  1.00 27.62 ? 44   LYS A C   1 
ATOM   346  O  O   . LYS A 1 44  ? -15.369 8.799   -1.915  1.00 31.27 ? 44   LYS A O   1 
ATOM   347  C  CB  . LYS A 1 44  ? -12.250 8.508   -2.755  1.00 24.60 ? 44   LYS A CB  1 
ATOM   348  C  CG  . LYS A 1 44  ? -11.089 9.304   -3.321  1.00 18.24 ? 44   LYS A CG  1 
ATOM   349  C  CD  . LYS A 1 44  ? -10.678 8.797   -4.687  1.00 21.20 ? 44   LYS A CD  1 
ATOM   350  C  CE  . LYS A 1 44  ? -9.512  9.603   -5.226  1.00 35.93 ? 44   LYS A CE  1 
ATOM   351  N  NZ  . LYS A 1 44  ? -8.375  9.625   -4.256  1.00 42.01 ? 44   LYS A NZ  1 
ATOM   352  N  N   . ILE A 1 45  ? -14.264 7.554   -0.420  1.00 31.19 ? 45   ILE A N   1 
ATOM   353  C  CA  . ILE A 1 45  ? -15.475 6.845   -0.031  1.00 28.40 ? 45   ILE A CA  1 
ATOM   354  C  C   . ILE A 1 45  ? -16.380 7.759   0.795   1.00 32.31 ? 45   ILE A C   1 
ATOM   355  O  O   . ILE A 1 45  ? -17.601 7.737   0.646   1.00 36.83 ? 45   ILE A O   1 
ATOM   356  C  CB  . ILE A 1 45  ? -15.167 5.532   0.726   1.00 22.54 ? 45   ILE A CB  1 
ATOM   357  C  CG1 . ILE A 1 45  ? -16.460 4.760   1.013   1.00 15.57 ? 45   ILE A CG1 1 
ATOM   358  C  CG2 . ILE A 1 45  ? -14.384 5.806   2.003   1.00 22.39 ? 45   ILE A CG2 1 
ATOM   359  C  CD1 . ILE A 1 45  ? -17.192 4.313   -0.236  1.00 8.69  ? 45   ILE A CD1 1 
ATOM   360  N  N   . ARG A 1 46  ? -15.774 8.578   1.650   1.00 26.34 ? 46   ARG A N   1 
ATOM   361  C  CA  . ARG A 1 46  ? -16.527 9.522   2.470   1.00 24.07 ? 46   ARG A CA  1 
ATOM   362  C  C   . ARG A 1 46  ? -17.186 10.615  1.629   1.00 28.69 ? 46   ARG A C   1 
ATOM   363  O  O   . ARG A 1 46  ? -18.260 11.109  1.971   1.00 36.65 ? 46   ARG A O   1 
ATOM   364  C  CB  . ARG A 1 46  ? -15.624 10.149  3.535   1.00 26.46 ? 46   ARG A CB  1 
ATOM   365  C  CG  . ARG A 1 46  ? -16.271 11.303  4.282   1.00 26.63 ? 46   ARG A CG  1 
ATOM   366  C  CD  . ARG A 1 46  ? -15.507 11.661  5.546   1.00 29.95 ? 46   ARG A CD  1 
ATOM   367  N  NE  . ARG A 1 46  ? -14.215 12.276  5.261   1.00 30.28 ? 46   ARG A NE  1 
ATOM   368  C  CZ  . ARG A 1 46  ? -14.028 13.582  5.094   1.00 31.89 ? 46   ARG A CZ  1 
ATOM   369  N  NH1 . ARG A 1 46  ? -15.055 14.419  5.176   1.00 33.21 ? 46   ARG A NH1 1 
ATOM   370  N  NH2 . ARG A 1 46  ? -12.815 14.051  4.839   1.00 40.68 ? 46   ARG A NH2 1 
ATOM   371  N  N   . TYR A 1 47  ? -16.536 10.993  0.534   1.00 25.57 ? 47   TYR A N   1 
ATOM   372  C  CA  . TYR A 1 47  ? -17.099 11.980  -0.380  1.00 15.83 ? 47   TYR A CA  1 
ATOM   373  C  C   . TYR A 1 47  ? -18.262 11.377  -1.161  1.00 19.05 ? 47   TYR A C   1 
ATOM   374  O  O   . TYR A 1 47  ? -19.357 11.930  -1.188  1.00 30.11 ? 47   TYR A O   1 
ATOM   375  C  CB  . TYR A 1 47  ? -16.027 12.495  -1.339  1.00 14.87 ? 47   TYR A CB  1 
ATOM   376  C  CG  . TYR A 1 47  ? -16.462 13.695  -2.149  1.00 36.57 ? 47   TYR A CG  1 
ATOM   377  C  CD1 . TYR A 1 47  ? -16.378 14.977  -1.625  1.00 38.33 ? 47   TYR A CD1 1 
ATOM   378  C  CD2 . TYR A 1 47  ? -16.958 13.545  -3.437  1.00 46.12 ? 47   TYR A CD2 1 
ATOM   379  C  CE1 . TYR A 1 47  ? -16.776 16.078  -2.361  1.00 33.78 ? 47   TYR A CE1 1 
ATOM   380  C  CE2 . TYR A 1 47  ? -17.357 14.641  -4.181  1.00 39.71 ? 47   TYR A CE2 1 
ATOM   381  C  CZ  . TYR A 1 47  ? -17.264 15.902  -3.639  1.00 36.56 ? 47   TYR A CZ  1 
ATOM   382  O  OH  . TYR A 1 47  ? -17.661 16.994  -4.376  1.00 42.45 ? 47   TYR A OH  1 
ATOM   383  N  N   . LYS A 1 48  ? -18.016 10.235  -1.791  1.00 21.61 ? 48   LYS A N   1 
ATOM   384  C  CA  . LYS A 1 48  ? -19.039 9.528   -2.550  1.00 18.68 ? 48   LYS A CA  1 
ATOM   385  C  C   . LYS A 1 48  ? -20.279 9.231   -1.716  1.00 23.95 ? 48   LYS A C   1 
ATOM   386  O  O   . LYS A 1 48  ? -21.396 9.236   -2.233  1.00 28.64 ? 48   LYS A O   1 
ATOM   387  C  CB  . LYS A 1 48  ? -18.481 8.214   -3.102  1.00 17.44 ? 48   LYS A CB  1 
ATOM   388  C  CG  . LYS A 1 48  ? -19.502 7.383   -3.865  1.00 24.00 ? 48   LYS A CG  1 
ATOM   389  C  CD  . LYS A 1 48  ? -18.927 6.042   -4.298  1.00 35.92 ? 48   LYS A CD  1 
ATOM   390  C  CE  . LYS A 1 48  ? -17.751 6.215   -5.250  1.00 39.11 ? 48   LYS A CE  1 
ATOM   391  N  NZ  . LYS A 1 48  ? -18.156 6.762   -6.573  1.00 34.87 ? 48   LYS A NZ  1 
ATOM   392  N  N   . SER A 1 49  ? -20.082 8.965   -0.428  1.00 25.14 ? 49   SER A N   1 
ATOM   393  C  CA  . SER A 1 49  ? -21.189 8.570   0.441   1.00 30.61 ? 49   SER A CA  1 
ATOM   394  C  C   . SER A 1 49  ? -22.119 9.741   0.750   1.00 26.19 ? 49   SER A C   1 
ATOM   395  O  O   . SER A 1 49  ? -23.235 9.544   1.231   1.00 23.47 ? 49   SER A O   1 
ATOM   396  C  CB  . SER A 1 49  ? -20.673 7.949   1.743   1.00 35.63 ? 49   SER A CB  1 
ATOM   397  O  OG  . SER A 1 49  ? -20.357 8.942   2.706   1.00 36.11 ? 49   SER A OG  1 
ATOM   398  N  N   . LEU A 1 50  ? -21.651 10.955  0.476   1.00 24.63 ? 50   LEU A N   1 
ATOM   399  C  CA  . LEU A 1 50  ? -22.459 12.150  0.694   1.00 25.27 ? 50   LEU A CA  1 
ATOM   400  C  C   . LEU A 1 50  ? -23.737 12.085  -0.127  1.00 29.99 ? 50   LEU A C   1 
ATOM   401  O  O   . LEU A 1 50  ? -24.819 12.393  0.368   1.00 43.01 ? 50   LEU A O   1 
ATOM   402  C  CB  . LEU A 1 50  ? -21.676 13.415  0.331   1.00 19.74 ? 50   LEU A CB  1 
ATOM   403  C  CG  . LEU A 1 50  ? -20.499 13.810  1.224   1.00 20.53 ? 50   LEU A CG  1 
ATOM   404  C  CD1 . LEU A 1 50  ? -19.794 15.034  0.664   1.00 20.76 ? 50   LEU A CD1 1 
ATOM   405  C  CD2 . LEU A 1 50  ? -20.962 14.061  2.651   1.00 14.49 ? 50   LEU A CD2 1 
ATOM   406  N  N   . SER A 1 51  ? -23.604 11.677  -1.384  1.00 33.97 ? 51   SER A N   1 
ATOM   407  C  CA  . SER A 1 51  ? -24.754 11.570  -2.275  1.00 34.42 ? 51   SER A CA  1 
ATOM   408  C  C   . SER A 1 51  ? -25.182 10.125  -2.526  1.00 33.91 ? 51   SER A C   1 
ATOM   409  O  O   . SER A 1 51  ? -26.175 9.876   -3.208  1.00 37.51 ? 51   SER A O   1 
ATOM   410  C  CB  . SER A 1 51  ? -24.472 12.282  -3.594  1.00 30.54 ? 51   SER A CB  1 
ATOM   411  O  OG  . SER A 1 51  ? -24.494 13.684  -3.403  1.00 34.63 ? 51   SER A OG  1 
ATOM   412  N  N   . ASP A 1 52  ? -24.429 9.181   -1.973  1.00 27.36 ? 52   ASP A N   1 
ATOM   413  C  CA  . ASP A 1 52  ? -24.808 7.776   -2.020  1.00 27.27 ? 52   ASP A CA  1 
ATOM   414  C  C   . ASP A 1 52  ? -24.445 7.105   -0.700  1.00 37.69 ? 52   ASP A C   1 
ATOM   415  O  O   . ASP A 1 52  ? -23.451 6.386   -0.616  1.00 44.96 ? 52   ASP A O   1 
ATOM   416  C  CB  . ASP A 1 52  ? -24.122 7.068   -3.190  1.00 34.02 ? 52   ASP A CB  1 
ATOM   417  C  CG  . ASP A 1 52  ? -24.820 5.775   -3.582  1.00 45.90 ? 52   ASP A CG  1 
ATOM   418  O  OD1 . ASP A 1 52  ? -25.613 5.248   -2.772  1.00 51.27 ? 52   ASP A OD1 1 
ATOM   419  O  OD2 . ASP A 1 52  ? -24.579 5.289   -4.708  1.00 44.30 ? 52   ASP A OD2 1 
ATOM   420  N  N   . PRO A 1 53  ? -25.256 7.345   0.341   1.00 39.17 ? 53   PRO A N   1 
ATOM   421  C  CA  . PRO A 1 53  ? -25.035 6.831   1.698   1.00 40.87 ? 53   PRO A CA  1 
ATOM   422  C  C   . PRO A 1 53  ? -24.910 5.310   1.741   1.00 43.47 ? 53   PRO A C   1 
ATOM   423  O  O   . PRO A 1 53  ? -24.244 4.773   2.625   1.00 47.17 ? 53   PRO A O   1 
ATOM   424  C  CB  . PRO A 1 53  ? -26.298 7.269   2.448   1.00 42.61 ? 53   PRO A CB  1 
ATOM   425  C  CG  . PRO A 1 53  ? -26.801 8.447   1.687   1.00 42.90 ? 53   PRO A CG  1 
ATOM   426  C  CD  . PRO A 1 53  ? -26.477 8.165   0.253   1.00 40.05 ? 53   PRO A CD  1 
ATOM   427  N  N   . LYS A 1 54  ? -25.548 4.630   0.795   1.00 44.45 ? 54   LYS A N   1 
ATOM   428  C  CA  . LYS A 1 54  ? -25.541 3.171   0.763   1.00 43.83 ? 54   LYS A CA  1 
ATOM   429  C  C   . LYS A 1 54  ? -24.151 2.594   0.502   1.00 32.61 ? 54   LYS A C   1 
ATOM   430  O  O   . LYS A 1 54  ? -23.891 1.429   0.793   1.00 30.43 ? 54   LYS A O   1 
ATOM   431  C  CB  . LYS A 1 54  ? -26.545 2.652   -0.271  1.00 49.82 ? 54   LYS A CB  1 
ATOM   432  C  CG  . LYS A 1 54  ? -27.978 2.611   0.246   1.00 61.70 ? 54   LYS A CG  1 
ATOM   433  C  CD  . LYS A 1 54  ? -28.968 2.175   -0.827  1.00 67.47 ? 54   LYS A CD  1 
ATOM   434  C  CE  . LYS A 1 54  ? -29.248 3.296   -1.818  1.00 61.50 ? 54   LYS A CE  1 
ATOM   435  N  NZ  . LYS A 1 54  ? -30.512 3.069   -2.573  1.00 50.62 ? 54   LYS A NZ  1 
ATOM   436  N  N   . GLN A 1 55  ? -23.261 3.418   -0.040  1.00 29.02 ? 55   GLN A N   1 
ATOM   437  C  CA  . GLN A 1 55  ? -21.896 2.993   -0.319  1.00 18.79 ? 55   GLN A CA  1 
ATOM   438  C  C   . GLN A 1 55  ? -21.168 2.580   0.955   1.00 19.66 ? 55   GLN A C   1 
ATOM   439  O  O   . GLN A 1 55  ? -20.224 1.795   0.912   1.00 29.54 ? 55   GLN A O   1 
ATOM   440  C  CB  . GLN A 1 55  ? -21.126 4.116   -1.013  1.00 11.81 ? 55   GLN A CB  1 
ATOM   441  C  CG  . GLN A 1 55  ? -21.751 4.580   -2.324  1.00 16.82 ? 55   GLN A CG  1 
ATOM   442  C  CD  . GLN A 1 55  ? -21.590 3.574   -3.450  1.00 23.42 ? 55   GLN A CD  1 
ATOM   443  O  OE1 . GLN A 1 55  ? -20.514 3.008   -3.655  1.00 28.71 ? 55   GLN A OE1 1 
ATOM   444  N  NE2 . GLN A 1 55  ? -22.662 3.354   -4.194  1.00 29.09 ? 55   GLN A NE2 1 
ATOM   445  N  N   . LEU A 1 56  ? -21.620 3.108   2.086   1.00 19.20 ? 56   LEU A N   1 
ATOM   446  C  CA  . LEU A 1 56  ? -20.949 2.895   3.366   1.00 25.26 ? 56   LEU A CA  1 
ATOM   447  C  C   . LEU A 1 56  ? -21.388 1.627   4.097   1.00 29.47 ? 56   LEU A C   1 
ATOM   448  O  O   . LEU A 1 56  ? -20.723 1.187   5.031   1.00 34.51 ? 56   LEU A O   1 
ATOM   449  C  CB  . LEU A 1 56  ? -21.178 4.099   4.286   1.00 26.32 ? 56   LEU A CB  1 
ATOM   450  C  CG  . LEU A 1 56  ? -20.225 5.286   4.169   1.00 26.60 ? 56   LEU A CG  1 
ATOM   451  C  CD1 . LEU A 1 56  ? -20.763 6.468   4.952   1.00 33.39 ? 56   LEU A CD1 1 
ATOM   452  C  CD2 . LEU A 1 56  ? -18.838 4.906   4.662   1.00 20.50 ? 56   LEU A CD2 1 
ATOM   453  N  N   . GLU A 1 57  ? -22.508 1.049   3.680   1.00 34.85 ? 57   GLU A N   1 
ATOM   454  C  CA  . GLU A 1 57  ? -23.112 -0.061  4.412   1.00 30.67 ? 57   GLU A CA  1 
ATOM   455  C  C   . GLU A 1 57  ? -22.268 -1.332  4.389   1.00 33.27 ? 57   GLU A C   1 
ATOM   456  O  O   . GLU A 1 57  ? -22.356 -2.158  5.297   1.00 29.54 ? 57   GLU A O   1 
ATOM   457  C  CB  . GLU A 1 57  ? -24.518 -0.349  3.886   1.00 38.38 ? 57   GLU A CB  1 
ATOM   458  C  CG  . GLU A 1 57  ? -25.494 0.789   4.113   1.00 52.27 ? 57   GLU A CG  1 
ATOM   459  C  CD  . GLU A 1 57  ? -26.926 0.390   3.829   1.00 68.10 ? 57   GLU A CD  1 
ATOM   460  O  OE1 . GLU A 1 57  ? -27.136 -0.649  3.166   1.00 77.44 ? 57   GLU A OE1 1 
ATOM   461  O  OE2 . GLU A 1 57  ? -27.843 1.115   4.269   1.00 71.63 ? 57   GLU A OE2 1 
ATOM   462  N  N   . THR A 1 58  ? -21.449 -1.481  3.353   1.00 30.15 ? 58   THR A N   1 
ATOM   463  C  CA  . THR A 1 58  ? -20.591 -2.652  3.221   1.00 18.19 ? 58   THR A CA  1 
ATOM   464  C  C   . THR A 1 58  ? -19.412 -2.605  4.189   1.00 28.72 ? 58   THR A C   1 
ATOM   465  O  O   . THR A 1 58  ? -18.649 -3.567  4.297   1.00 39.31 ? 58   THR A O   1 
ATOM   466  C  CB  . THR A 1 58  ? -20.063 -2.792  1.793   1.00 12.42 ? 58   THR A CB  1 
ATOM   467  O  OG1 . THR A 1 58  ? -19.443 -1.566  1.392   1.00 21.35 ? 58   THR A OG1 1 
ATOM   468  C  CG2 . THR A 1 58  ? -21.202 -3.099  0.848   1.00 16.62 ? 58   THR A CG2 1 
ATOM   469  N  N   . GLU A 1 59  ? -19.282 -1.479  4.889   1.00 29.47 ? 59   GLU A N   1 
ATOM   470  C  CA  . GLU A 1 59  ? -18.212 -1.252  5.860   1.00 28.89 ? 59   GLU A CA  1 
ATOM   471  C  C   . GLU A 1 59  ? -18.381 0.141   6.464   1.00 22.89 ? 59   GLU A C   1 
ATOM   472  O  O   . GLU A 1 59  ? -17.699 1.087   6.070   1.00 18.53 ? 59   GLU A O   1 
ATOM   473  C  CB  . GLU A 1 59  ? -16.839 -1.394  5.193   1.00 33.68 ? 59   GLU A CB  1 
ATOM   474  C  CG  . GLU A 1 59  ? -15.645 -1.264  6.131   1.00 30.74 ? 59   GLU A CG  1 
ATOM   475  C  CD  . GLU A 1 59  ? -15.792 -2.090  7.389   1.00 36.45 ? 59   GLU A CD  1 
ATOM   476  O  OE1 . GLU A 1 59  ? -15.225 -3.202  7.441   1.00 37.06 ? 59   GLU A OE1 1 
ATOM   477  O  OE2 . GLU A 1 59  ? -16.481 -1.626  8.325   1.00 38.27 ? 59   GLU A OE2 1 
ATOM   478  N  N   . PRO A 1 60  ? -19.314 0.270   7.419   1.00 24.36 ? 60   PRO A N   1 
ATOM   479  C  CA  . PRO A 1 60  ? -19.726 1.546   8.016   1.00 23.56 ? 60   PRO A CA  1 
ATOM   480  C  C   . PRO A 1 60  ? -18.613 2.299   8.743   1.00 28.34 ? 60   PRO A C   1 
ATOM   481  O  O   . PRO A 1 60  ? -18.748 3.505   8.948   1.00 30.10 ? 60   PRO A O   1 
ATOM   482  C  CB  . PRO A 1 60  ? -20.819 1.124   9.011   1.00 18.00 ? 60   PRO A CB  1 
ATOM   483  C  CG  . PRO A 1 60  ? -20.574 -0.336  9.242   1.00 20.37 ? 60   PRO A CG  1 
ATOM   484  C  CD  . PRO A 1 60  ? -20.161 -0.832  7.900   1.00 26.83 ? 60   PRO A CD  1 
ATOM   485  N  N   . ASP A 1 61  ? -17.539 1.614   9.126   1.00 30.29 ? 61   ASP A N   1 
ATOM   486  C  CA  . ASP A 1 61  ? -16.453 2.274   9.849   1.00 32.43 ? 61   ASP A CA  1 
ATOM   487  C  C   . ASP A 1 61  ? -15.298 2.691   8.940   1.00 29.84 ? 61   ASP A C   1 
ATOM   488  O  O   . ASP A 1 61  ? -14.808 1.893   8.143   1.00 27.51 ? 61   ASP A O   1 
ATOM   489  C  CB  . ASP A 1 61  ? -15.941 1.394   10.991  1.00 31.26 ? 61   ASP A CB  1 
ATOM   490  C  CG  . ASP A 1 61  ? -16.809 1.488   12.233  1.00 49.92 ? 61   ASP A CG  1 
ATOM   491  O  OD1 . ASP A 1 61  ? -17.995 1.865   12.107  1.00 58.44 ? 61   ASP A OD1 1 
ATOM   492  O  OD2 . ASP A 1 61  ? -16.308 1.192   13.338  1.00 52.29 ? 61   ASP A OD2 1 
ATOM   493  N  N   . LEU A 1 62  ? -14.871 3.944   9.066   1.00 23.59 ? 62   LEU A N   1 
ATOM   494  C  CA  . LEU A 1 62  ? -13.733 4.453   8.304   1.00 23.60 ? 62   LEU A CA  1 
ATOM   495  C  C   . LEU A 1 62  ? -12.484 4.536   9.183   1.00 23.60 ? 62   LEU A C   1 
ATOM   496  O  O   . LEU A 1 62  ? -12.438 5.304   10.144  1.00 22.09 ? 62   LEU A O   1 
ATOM   497  C  CB  . LEU A 1 62  ? -14.055 5.820   7.688   1.00 17.14 ? 62   LEU A CB  1 
ATOM   498  C  CG  . LEU A 1 62  ? -15.270 5.895   6.755   1.00 19.95 ? 62   LEU A CG  1 
ATOM   499  C  CD1 . LEU A 1 62  ? -15.374 7.266   6.103   1.00 19.43 ? 62   LEU A CD1 1 
ATOM   500  C  CD2 . LEU A 1 62  ? -15.215 4.815   5.689   1.00 31.32 ? 62   LEU A CD2 1 
ATOM   501  N  N   . PHE A 1 63  ? -11.473 3.742   8.844   1.00 22.54 ? 63   PHE A N   1 
ATOM   502  C  CA  . PHE A 1 63  ? -10.287 3.615   9.681   1.00 19.92 ? 63   PHE A CA  1 
ATOM   503  C  C   . PHE A 1 63  ? -9.053  3.226   8.877   1.00 25.47 ? 63   PHE A C   1 
ATOM   504  O  O   . PHE A 1 63  ? -9.155  2.782   7.733   1.00 28.43 ? 63   PHE A O   1 
ATOM   505  C  CB  . PHE A 1 63  ? -10.523 2.557   10.760  1.00 18.57 ? 63   PHE A CB  1 
ATOM   506  C  CG  . PHE A 1 63  ? -10.698 1.163   10.216  1.00 24.72 ? 63   PHE A CG  1 
ATOM   507  C  CD1 . PHE A 1 63  ? -9.609  0.316   10.070  1.00 30.26 ? 63   PHE A CD1 1 
ATOM   508  C  CD2 . PHE A 1 63  ? -11.951 0.701   9.848   1.00 20.03 ? 63   PHE A CD2 1 
ATOM   509  C  CE1 . PHE A 1 63  ? -9.767  -0.965  9.566   1.00 14.59 ? 63   PHE A CE1 1 
ATOM   510  C  CE2 . PHE A 1 63  ? -12.112 -0.578  9.343   1.00 13.74 ? 63   PHE A CE2 1 
ATOM   511  C  CZ  . PHE A 1 63  ? -11.018 -1.410  9.203   1.00 5.11  ? 63   PHE A CZ  1 
ATOM   512  N  N   . ILE A 1 64  ? -7.887  3.401   9.496   1.00 19.05 ? 64   ILE A N   1 
ATOM   513  C  CA  . ILE A 1 64  ? -6.635  2.865   8.979   1.00 15.91 ? 64   ILE A CA  1 
ATOM   514  C  C   . ILE A 1 64  ? -6.104  1.907   10.029  1.00 17.28 ? 64   ILE A C   1 
ATOM   515  O  O   . ILE A 1 64  ? -6.055  2.250   11.211  1.00 17.37 ? 64   ILE A O   1 
ATOM   516  C  CB  . ILE A 1 64  ? -5.578  3.962   8.763   1.00 11.03 ? 64   ILE A CB  1 
ATOM   517  C  CG1 . ILE A 1 64  ? -6.138  5.112   7.928   1.00 5.82  ? 64   ILE A CG1 1 
ATOM   518  C  CG2 . ILE A 1 64  ? -4.330  3.384   8.109   1.00 2.17  ? 64   ILE A CG2 1 
ATOM   519  C  CD1 . ILE A 1 64  ? -5.210  6.301   7.868   1.00 8.16  ? 64   ILE A CD1 1 
ATOM   520  N  N   . ARG A 1 65  ? -5.706  0.710   9.608   1.00 17.70 ? 65   ARG A N   1 
ATOM   521  C  CA  . ARG A 1 65  ? -5.256  -0.301  10.558  1.00 16.83 ? 65   ARG A CA  1 
ATOM   522  C  C   . ARG A 1 65  ? -3.964  -1.007  10.159  1.00 16.09 ? 65   ARG A C   1 
ATOM   523  O  O   . ARG A 1 65  ? -3.875  -1.600  9.086   1.00 24.28 ? 65   ARG A O   1 
ATOM   524  C  CB  . ARG A 1 65  ? -6.349  -1.340  10.788  1.00 10.89 ? 65   ARG A CB  1 
ATOM   525  C  CG  . ARG A 1 65  ? -5.903  -2.463  11.697  1.00 17.32 ? 65   ARG A CG  1 
ATOM   526  C  CD  . ARG A 1 65  ? -6.987  -3.491  11.853  1.00 21.63 ? 65   ARG A CD  1 
ATOM   527  N  NE  . ARG A 1 65  ? -8.231  -2.887  12.309  1.00 27.17 ? 65   ARG A NE  1 
ATOM   528  C  CZ  . ARG A 1 65  ? -9.407  -3.504  12.283  1.00 15.59 ? 65   ARG A CZ  1 
ATOM   529  N  NH1 . ARG A 1 65  ? -9.496  -4.741  11.817  1.00 9.19  ? 65   ARG A NH1 1 
ATOM   530  N  NH2 . ARG A 1 65  ? -10.490 -2.881  12.718  1.00 13.96 ? 65   ARG A NH2 1 
ATOM   531  N  N   . ILE A 1 66  ? -2.971  -0.956  11.041  1.00 6.67  ? 66   ILE A N   1 
ATOM   532  C  CA  . ILE A 1 66  ? -1.701  -1.631  10.806  1.00 14.99 ? 66   ILE A CA  1 
ATOM   533  C  C   . ILE A 1 66  ? -1.577  -2.888  11.658  1.00 27.81 ? 66   ILE A C   1 
ATOM   534  O  O   . ILE A 1 66  ? -1.823  -2.859  12.864  1.00 37.79 ? 66   ILE A O   1 
ATOM   535  C  CB  . ILE A 1 66  ? -0.518  -0.711  11.121  1.00 14.49 ? 66   ILE A CB  1 
ATOM   536  C  CG1 . ILE A 1 66  ? -0.583  0.548   10.258  1.00 12.05 ? 66   ILE A CG1 1 
ATOM   537  C  CG2 . ILE A 1 66  ? 0.795   -1.442  10.905  1.00 10.71 ? 66   ILE A CG2 1 
ATOM   538  C  CD1 . ILE A 1 66  ? 0.261   1.678   10.792  1.00 16.03 ? 66   ILE A CD1 1 
ATOM   539  N  N   . THR A 1 67  ? -1.188  -3.990  11.025  1.00 24.93 ? 67   THR A N   1 
ATOM   540  C  CA  . THR A 1 67  ? -1.047  -5.263  11.722  1.00 13.10 ? 67   THR A CA  1 
ATOM   541  C  C   . THR A 1 67  ? 0.315   -5.901  11.480  1.00 20.23 ? 67   THR A C   1 
ATOM   542  O  O   . THR A 1 67  ? 0.594   -6.363  10.376  1.00 23.95 ? 67   THR A O   1 
ATOM   543  C  CB  . THR A 1 67  ? -2.123  -6.258  11.277  1.00 13.73 ? 67   THR A CB  1 
ATOM   544  O  OG1 . THR A 1 67  ? -3.419  -5.668  11.432  1.00 27.67 ? 67   THR A OG1 1 
ATOM   545  C  CG2 . THR A 1 67  ? -2.044  -7.529  12.105  1.00 13.41 ? 67   THR A CG2 1 
ATOM   546  N  N   . PRO A 1 68  ? 1.175   -5.915  12.510  1.00 30.56 ? 68   PRO A N   1 
ATOM   547  C  CA  . PRO A 1 68  ? 2.443   -6.654  12.470  1.00 28.14 ? 68   PRO A CA  1 
ATOM   548  C  C   . PRO A 1 68  ? 2.201   -8.152  12.626  1.00 32.32 ? 68   PRO A C   1 
ATOM   549  O  O   . PRO A 1 68  ? 1.408   -8.555  13.476  1.00 34.45 ? 68   PRO A O   1 
ATOM   550  C  CB  . PRO A 1 68  ? 3.201   -6.126  13.694  1.00 22.28 ? 68   PRO A CB  1 
ATOM   551  C  CG  . PRO A 1 68  ? 2.500   -4.853  14.081  1.00 22.81 ? 68   PRO A CG  1 
ATOM   552  C  CD  . PRO A 1 68  ? 1.073   -5.061  13.707  1.00 26.17 ? 68   PRO A CD  1 
ATOM   553  N  N   . LYS A 1 69  ? 2.870   -8.962  11.811  1.00 26.36 ? 69   LYS A N   1 
ATOM   554  C  CA  . LYS A 1 69  ? 2.739   -10.413 11.888  1.00 10.89 ? 69   LYS A CA  1 
ATOM   555  C  C   . LYS A 1 69  ? 4.109   -11.071 11.913  1.00 20.00 ? 69   LYS A C   1 
ATOM   556  O  O   . LYS A 1 69  ? 4.562   -11.625 10.908  1.00 14.06 ? 69   LYS A O   1 
ATOM   557  C  CB  . LYS A 1 69  ? 1.920   -10.946 10.717  1.00 5.75  ? 69   LYS A CB  1 
ATOM   558  C  CG  . LYS A 1 69  ? 0.494   -10.431 10.691  1.00 8.63  ? 69   LYS A CG  1 
ATOM   559  C  CD  . LYS A 1 69  ? -0.330  -11.165 9.653   1.00 10.46 ? 69   LYS A CD  1 
ATOM   560  C  CE  . LYS A 1 69  ? -1.770  -10.687 9.657   1.00 20.13 ? 69   LYS A CE  1 
ATOM   561  N  NZ  . LYS A 1 69  ? -2.648  -11.608 8.880   1.00 36.72 ? 69   LYS A NZ  1 
ATOM   562  N  N   . PRO A 1 70  ? 4.769   -11.009 13.080  1.00 24.76 ? 70   PRO A N   1 
ATOM   563  C  CA  . PRO A 1 70  ? 6.141   -11.460 13.323  1.00 19.77 ? 70   PRO A CA  1 
ATOM   564  C  C   . PRO A 1 70  ? 6.461   -12.813 12.706  1.00 24.14 ? 70   PRO A C   1 
ATOM   565  O  O   . PRO A 1 70  ? 7.528   -12.963 12.112  1.00 28.78 ? 70   PRO A O   1 
ATOM   566  C  CB  . PRO A 1 70  ? 6.201   -11.552 14.847  1.00 16.78 ? 70   PRO A CB  1 
ATOM   567  C  CG  . PRO A 1 70  ? 5.261   -10.495 15.308  1.00 13.23 ? 70   PRO A CG  1 
ATOM   568  C  CD  . PRO A 1 70  ? 4.144   -10.468 14.300  1.00 13.62 ? 70   PRO A CD  1 
ATOM   569  N  N   . GLU A 1 71  ? 5.555   -13.777 12.841  1.00 36.34 ? 71   GLU A N   1 
ATOM   570  C  CA  . GLU A 1 71  ? 5.823   -15.136 12.380  1.00 32.50 ? 71   GLU A CA  1 
ATOM   571  C  C   . GLU A 1 71  ? 6.103   -15.220 10.884  1.00 29.90 ? 71   GLU A C   1 
ATOM   572  O  O   . GLU A 1 71  ? 7.069   -15.858 10.471  1.00 42.16 ? 71   GLU A O   1 
ATOM   573  C  CB  . GLU A 1 71  ? 4.691   -16.092 12.762  1.00 46.32 ? 71   GLU A CB  1 
ATOM   574  C  CG  . GLU A 1 71  ? 4.838   -17.468 12.121  1.00 66.47 ? 71   GLU A CG  1 
ATOM   575  C  CD  . GLU A 1 71  ? 3.968   -18.531 12.769  1.00 80.69 ? 71   GLU A CD  1 
ATOM   576  O  OE1 . GLU A 1 71  ? 3.037   -18.174 13.524  1.00 84.12 ? 71   GLU A OE1 1 
ATOM   577  O  OE2 . GLU A 1 71  ? 4.219   -19.731 12.519  1.00 83.59 ? 71   GLU A OE2 1 
ATOM   578  N  N   . GLN A 1 72  ? 5.268   -14.585 10.069  1.00 25.76 ? 72   GLN A N   1 
ATOM   579  C  CA  . GLN A 1 72  ? 5.481   -14.632 8.625   1.00 33.35 ? 72   GLN A CA  1 
ATOM   580  C  C   . GLN A 1 72  ? 6.237   -13.407 8.119   1.00 38.72 ? 72   GLN A C   1 
ATOM   581  O  O   . GLN A 1 72  ? 6.271   -13.145 6.917   1.00 45.62 ? 72   GLN A O   1 
ATOM   582  C  CB  . GLN A 1 72  ? 4.161   -14.794 7.868   1.00 33.64 ? 72   GLN A CB  1 
ATOM   583  C  CG  . GLN A 1 72  ? 3.151   -15.674 8.575   1.00 31.49 ? 72   GLN A CG  1 
ATOM   584  C  CD  . GLN A 1 72  ? 2.096   -14.866 9.294   1.00 42.41 ? 72   GLN A CD  1 
ATOM   585  O  OE1 . GLN A 1 72  ? 2.160   -14.677 10.509  1.00 57.10 ? 72   GLN A OE1 1 
ATOM   586  N  NE2 . GLN A 1 72  ? 1.121   -14.368 8.542   1.00 39.39 ? 72   GLN A NE2 1 
ATOM   587  N  N   . LYS A 1 73  ? 6.848   -12.669 9.041   1.00 33.50 ? 73   LYS A N   1 
ATOM   588  C  CA  . LYS A 1 73  ? 7.639   -11.492 8.695   1.00 34.44 ? 73   LYS A CA  1 
ATOM   589  C  C   . LYS A 1 73  ? 6.845   -10.515 7.837   1.00 34.43 ? 73   LYS A C   1 
ATOM   590  O  O   . LYS A 1 73  ? 7.375   -9.930  6.894   1.00 41.28 ? 73   LYS A O   1 
ATOM   591  C  CB  . LYS A 1 73  ? 8.922   -11.895 7.960   1.00 38.86 ? 73   LYS A CB  1 
ATOM   592  C  CG  . LYS A 1 73  ? 9.859   -12.795 8.754   1.00 41.99 ? 73   LYS A CG  1 
ATOM   593  C  CD  . LYS A 1 73  ? 11.195  -12.972 8.040   1.00 43.05 ? 73   LYS A CD  1 
ATOM   594  C  CE  . LYS A 1 73  ? 12.076  -13.981 8.763   1.00 55.25 ? 73   LYS A CE  1 
ATOM   595  N  NZ  . LYS A 1 73  ? 13.484  -13.983 8.264   1.00 59.99 ? 73   LYS A NZ  1 
ATOM   596  N  N   . VAL A 1 74  ? 5.570   -10.340 8.163   1.00 30.28 ? 74   VAL A N   1 
ATOM   597  C  CA  . VAL A 1 74  ? 4.697   -9.504  7.351   1.00 27.05 ? 74   VAL A CA  1 
ATOM   598  C  C   . VAL A 1 74  ? 4.153   -8.300  8.113   1.00 25.28 ? 74   VAL A C   1 
ATOM   599  O  O   . VAL A 1 74  ? 3.798   -8.400  9.286   1.00 23.59 ? 74   VAL A O   1 
ATOM   600  C  CB  . VAL A 1 74  ? 3.518   -10.317 6.777   1.00 18.65 ? 74   VAL A CB  1 
ATOM   601  C  CG1 . VAL A 1 74  ? 2.513   -9.397  6.103   1.00 16.30 ? 74   VAL A CG1 1 
ATOM   602  C  CG2 . VAL A 1 74  ? 4.024   -11.360 5.799   1.00 9.48  ? 74   VAL A CG2 1 
ATOM   603  N  N   . LEU A 1 75  ? 4.106   -7.160  7.430   1.00 21.40 ? 75   LEU A N   1 
ATOM   604  C  CA  . LEU A 1 75  ? 3.423   -5.979  7.935   1.00 23.30 ? 75   LEU A CA  1 
ATOM   605  C  C   . LEU A 1 75  ? 2.258   -5.669  7.004   1.00 25.99 ? 75   LEU A C   1 
ATOM   606  O  O   . LEU A 1 75  ? 2.437   -5.564  5.791   1.00 34.04 ? 75   LEU A O   1 
ATOM   607  C  CB  . LEU A 1 75  ? 4.379   -4.786  7.991   1.00 20.75 ? 75   LEU A CB  1 
ATOM   608  C  CG  . LEU A 1 75  ? 3.818   -3.492  8.584   1.00 11.29 ? 75   LEU A CG  1 
ATOM   609  C  CD1 . LEU A 1 75  ? 3.614   -3.642  10.086  1.00 13.52 ? 75   LEU A CD1 1 
ATOM   610  C  CD2 . LEU A 1 75  ? 4.733   -2.315  8.276   1.00 2.80  ? 75   LEU A CD2 1 
ATOM   611  N  N   . GLU A 1 76  ? 1.063   -5.535  7.568   1.00 21.18 ? 76   GLU A N   1 
ATOM   612  C  CA  . GLU A 1 76  ? -0.115  -5.221  6.767   1.00 15.44 ? 76   GLU A CA  1 
ATOM   613  C  C   . GLU A 1 76  ? -0.641  -3.838  7.097   1.00 15.08 ? 76   GLU A C   1 
ATOM   614  O  O   . GLU A 1 76  ? -0.595  -3.404  8.246   1.00 21.94 ? 76   GLU A O   1 
ATOM   615  C  CB  . GLU A 1 76  ? -1.215  -6.261  6.979   1.00 9.54  ? 76   GLU A CB  1 
ATOM   616  C  CG  . GLU A 1 76  ? -0.942  -7.590  6.300   1.00 18.97 ? 76   GLU A CG  1 
ATOM   617  C  CD  . GLU A 1 76  ? -1.986  -8.637  6.627   1.00 19.59 ? 76   GLU A CD  1 
ATOM   618  O  OE1 . GLU A 1 76  ? -2.933  -8.323  7.374   1.00 16.73 ? 76   GLU A OE1 1 
ATOM   619  O  OE2 . GLU A 1 76  ? -1.858  -9.779  6.135   1.00 25.16 ? 76   GLU A OE2 1 
ATOM   620  N  N   . ILE A 1 77  ? -1.136  -3.144  6.079   1.00 13.54 ? 77   ILE A N   1 
ATOM   621  C  CA  . ILE A 1 77  ? -1.692  -1.813  6.266   1.00 14.76 ? 77   ILE A CA  1 
ATOM   622  C  C   . ILE A 1 77  ? -3.052  -1.729  5.591   1.00 20.15 ? 77   ILE A C   1 
ATOM   623  O  O   . ILE A 1 77  ? -3.142  -1.639  4.366   1.00 23.29 ? 77   ILE A O   1 
ATOM   624  C  CB  . ILE A 1 77  ? -0.768  -0.715  5.706   1.00 15.26 ? 77   ILE A CB  1 
ATOM   625  C  CG1 . ILE A 1 77  ? 0.614   -0.786  6.360   1.00 15.26 ? 77   ILE A CG1 1 
ATOM   626  C  CG2 . ILE A 1 77  ? -1.380  0.662   5.922   1.00 15.21 ? 77   ILE A CG2 1 
ATOM   627  C  CD1 . ILE A 1 77  ? 1.561   -1.769  5.705   1.00 14.36 ? 77   ILE A CD1 1 
ATOM   628  N  N   . ARG A 1 78  ? -4.107  -1.763  6.400   1.00 20.54 ? 78   ARG A N   1 
ATOM   629  C  CA  . ARG A 1 78  ? -5.470  -1.782  5.883   1.00 20.77 ? 78   ARG A CA  1 
ATOM   630  C  C   . ARG A 1 78  ? -6.203  -0.446  6.026   1.00 21.75 ? 78   ARG A C   1 
ATOM   631  O  O   . ARG A 1 78  ? -5.920  0.350   6.921   1.00 20.71 ? 78   ARG A O   1 
ATOM   632  C  CB  . ARG A 1 78  ? -6.285  -2.898  6.546   1.00 10.25 ? 78   ARG A CB  1 
ATOM   633  C  CG  . ARG A 1 78  ? -7.695  -3.031  5.994   1.00 12.69 ? 78   ARG A CG  1 
ATOM   634  C  CD  . ARG A 1 78  ? -8.515  -4.098  6.709   1.00 21.41 ? 78   ARG A CD  1 
ATOM   635  N  NE  . ARG A 1 78  ? -9.919  -4.038  6.299   1.00 32.84 ? 78   ARG A NE  1 
ATOM   636  C  CZ  . ARG A 1 78  ? -10.892 -4.791  6.809   1.00 23.34 ? 78   ARG A CZ  1 
ATOM   637  N  NH1 . ARG A 1 78  ? -10.627 -5.680  7.759   1.00 11.86 ? 78   ARG A NH1 1 
ATOM   638  N  NH2 . ARG A 1 78  ? -12.135 -4.651  6.361   1.00 20.70 ? 78   ARG A NH2 1 
ATOM   639  N  N   . ASP A 1 79  ? -7.138  -0.211  5.113   1.00 19.01 ? 79   ASP A N   1 
ATOM   640  C  CA  . ASP A 1 79  ? -8.054  0.915   5.196   1.00 14.38 ? 79   ASP A CA  1 
ATOM   641  C  C   . ASP A 1 79  ? -9.412  0.465   4.668   1.00 17.13 ? 79   ASP A C   1 
ATOM   642  O  O   . ASP A 1 79  ? -9.506  -0.523  3.937   1.00 19.51 ? 79   ASP A O   1 
ATOM   643  C  CB  . ASP A 1 79  ? -7.529  2.118   4.403   1.00 18.14 ? 79   ASP A CB  1 
ATOM   644  C  CG  . ASP A 1 79  ? -7.568  1.902   2.895   1.00 22.10 ? 79   ASP A CG  1 
ATOM   645  O  OD1 . ASP A 1 79  ? -6.488  1.745   2.291   1.00 25.79 ? 79   ASP A OD1 1 
ATOM   646  O  OD2 . ASP A 1 79  ? -8.670  1.898   2.309   1.00 25.91 ? 79   ASP A OD2 1 
ATOM   647  N  N   . SER A 1 80  ? -10.464 1.176   5.053   1.00 13.11 ? 80   SER A N   1 
ATOM   648  C  CA  . SER A 1 80  ? -11.798 0.871   4.555   1.00 13.11 ? 80   SER A CA  1 
ATOM   649  C  C   . SER A 1 80  ? -12.223 1.931   3.546   1.00 15.25 ? 80   SER A C   1 
ATOM   650  O  O   . SER A 1 80  ? -13.378 2.361   3.518   1.00 13.05 ? 80   SER A O   1 
ATOM   651  C  CB  . SER A 1 80  ? -12.795 0.787   5.708   1.00 8.28  ? 80   SER A CB  1 
ATOM   652  O  OG  . SER A 1 80  ? -12.725 1.954   6.501   1.00 20.45 ? 80   SER A OG  1 
ATOM   653  N  N   . GLY A 1 81  ? -11.269 2.345   2.722   1.00 14.38 ? 81   GLY A N   1 
ATOM   654  C  CA  . GLY A 1 81  ? -11.505 3.340   1.696   1.00 10.67 ? 81   GLY A CA  1 
ATOM   655  C  C   . GLY A 1 81  ? -12.318 2.777   0.554   1.00 13.79 ? 81   GLY A C   1 
ATOM   656  O  O   . GLY A 1 81  ? -12.964 1.742   0.697   1.00 23.36 ? 81   GLY A O   1 
ATOM   657  N  N   . ILE A 1 82  ? -12.271 3.453   -0.589  1.00 16.12 ? 82   ILE A N   1 
ATOM   658  C  CA  . ILE A 1 82  ? -13.152 3.137   -1.710  1.00 15.85 ? 82   ILE A CA  1 
ATOM   659  C  C   . ILE A 1 82  ? -12.904 1.761   -2.333  1.00 16.58 ? 82   ILE A C   1 
ATOM   660  O  O   . ILE A 1 82  ? -13.819 1.153   -2.884  1.00 25.76 ? 82   ILE A O   1 
ATOM   661  C  CB  . ILE A 1 82  ? -13.077 4.232   -2.798  1.00 16.21 ? 82   ILE A CB  1 
ATOM   662  C  CG1 . ILE A 1 82  ? -14.277 4.147   -3.741  1.00 10.26 ? 82   ILE A CG1 1 
ATOM   663  C  CG2 . ILE A 1 82  ? -11.770 4.148   -3.564  1.00 19.79 ? 82   ILE A CG2 1 
ATOM   664  C  CD1 . ILE A 1 82  ? -14.349 5.298   -4.712  1.00 3.73  ? 82   ILE A CD1 1 
ATOM   665  N  N   . GLY A 1 83  ? -11.674 1.269   -2.235  1.00 22.15 ? 83   GLY A N   1 
ATOM   666  C  CA  . GLY A 1 83  ? -11.323 -0.019  -2.804  1.00 23.65 ? 83   GLY A CA  1 
ATOM   667  C  C   . GLY A 1 83  ? -10.944 0.077   -4.272  1.00 26.68 ? 83   GLY A C   1 
ATOM   668  O  O   . GLY A 1 83  ? -11.053 1.140   -4.880  1.00 26.84 ? 83   GLY A O   1 
ATOM   669  N  N   . MET A 1 84  ? -10.489 -1.038  -4.836  1.00 31.88 ? 84   MET A N   1 
ATOM   670  C  CA  . MET A 1 84  ? -10.157 -1.111  -6.256  1.00 25.37 ? 84   MET A CA  1 
ATOM   671  C  C   . MET A 1 84  ? -10.752 -2.353  -6.912  1.00 26.88 ? 84   MET A C   1 
ATOM   672  O  O   . MET A 1 84  ? -10.784 -3.428  -6.317  1.00 34.86 ? 84   MET A O   1 
ATOM   673  C  CB  . MET A 1 84  ? -8.642  -1.090  -6.463  1.00 22.79 ? 84   MET A CB  1 
ATOM   674  C  CG  . MET A 1 84  ? -8.053  0.302   -6.576  1.00 25.24 ? 84   MET A CG  1 
ATOM   675  S  SD  . MET A 1 84  ? -6.256  0.264   -6.620  1.00 23.47 ? 84   MET A SD  1 
ATOM   676  C  CE  . MET A 1 84  ? -5.925  -0.567  -5.069  1.00 21.44 ? 84   MET A CE  1 
ATOM   677  N  N   . THR A 1 85  ? -11.229 -2.194  -8.139  1.00 29.91 ? 85   THR A N   1 
ATOM   678  C  CA  . THR A 1 85  ? -11.734 -3.318  -8.913  1.00 27.79 ? 85   THR A CA  1 
ATOM   679  C  C   . THR A 1 85  ? -10.581 -3.933  -9.689  1.00 30.43 ? 85   THR A C   1 
ATOM   680  O  O   . THR A 1 85  ? -9.490  -3.359  -9.745  1.00 36.79 ? 85   THR A O   1 
ATOM   681  C  CB  . THR A 1 85  ? -12.821 -2.871  -9.890  1.00 26.91 ? 85   THR A CB  1 
ATOM   682  O  OG1 . THR A 1 85  ? -12.241 -2.027  -10.893 1.00 23.30 ? 85   THR A OG1 1 
ATOM   683  C  CG2 . THR A 1 85  ? -13.911 -2.105  -9.147  1.00 15.33 ? 85   THR A CG2 1 
ATOM   684  N  N   . LYS A 1 86  ? -10.815 -5.096  -10.287 1.00 22.90 ? 86   LYS A N   1 
ATOM   685  C  CA  . LYS A 1 86  ? -9.742  -5.803  -10.978 1.00 25.55 ? 86   LYS A CA  1 
ATOM   686  C  C   . LYS A 1 86  ? -9.062  -4.929  -12.036 1.00 34.16 ? 86   LYS A C   1 
ATOM   687  O  O   . LYS A 1 86  ? -7.834  -4.917  -12.153 1.00 26.89 ? 86   LYS A O   1 
ATOM   688  C  CB  . LYS A 1 86  ? -10.259 -7.099  -11.605 1.00 23.01 ? 86   LYS A CB  1 
ATOM   689  C  CG  . LYS A 1 86  ? -9.186  -7.880  -12.348 1.00 25.80 ? 86   LYS A CG  1 
ATOM   690  C  CD  . LYS A 1 86  ? -9.778  -9.028  -13.147 1.00 30.85 ? 86   LYS A CD  1 
ATOM   691  C  CE  . LYS A 1 86  ? -8.796  -9.518  -14.201 1.00 41.14 ? 86   LYS A CE  1 
ATOM   692  N  NZ  . LYS A 1 86  ? -9.446  -10.455 -15.155 1.00 49.32 ? 86   LYS A NZ  1 
ATOM   693  N  N   . ALA A 1 87  ? -9.867  -4.190  -12.794 1.00 34.46 ? 87   ALA A N   1 
ATOM   694  C  CA  . ALA A 1 87  ? -9.350  -3.337  -13.858 1.00 25.15 ? 87   ALA A CA  1 
ATOM   695  C  C   . ALA A 1 87  ? -8.472  -2.219  -13.312 1.00 30.09 ? 87   ALA A C   1 
ATOM   696  O  O   . ALA A 1 87  ? -7.472  -1.854  -13.927 1.00 39.66 ? 87   ALA A O   1 
ATOM   697  C  CB  . ALA A 1 87  ? -10.490 -2.760  -14.676 1.00 25.20 ? 87   ALA A CB  1 
ATOM   698  N  N   . GLU A 1 88  ? -8.845  -1.677  -12.158 1.00 24.33 ? 88   GLU A N   1 
ATOM   699  C  CA  . GLU A 1 88  ? -8.088  -0.582  -11.564 1.00 12.93 ? 88   GLU A CA  1 
ATOM   700  C  C   . GLU A 1 88  ? -6.783  -1.095  -10.980 1.00 22.04 ? 88   GLU A C   1 
ATOM   701  O  O   . GLU A 1 88  ? -5.746  -0.446  -11.104 1.00 27.15 ? 88   GLU A O   1 
ATOM   702  C  CB  . GLU A 1 88  ? -8.902  0.111   -10.483 1.00 6.70  ? 88   GLU A CB  1 
ATOM   703  C  CG  . GLU A 1 88  ? -10.369 0.203   -10.802 1.00 17.97 ? 88   GLU A CG  1 
ATOM   704  C  CD  . GLU A 1 88  ? -11.117 1.059   -9.810  1.00 30.70 ? 88   GLU A CD  1 
ATOM   705  O  OE1 . GLU A 1 88  ? -11.990 0.517   -9.099  1.00 33.20 ? 88   GLU A OE1 1 
ATOM   706  O  OE2 . GLU A 1 88  ? -10.821 2.272   -9.737  1.00 36.65 ? 88   GLU A OE2 1 
ATOM   707  N  N   . LEU A 1 89  ? -6.839  -2.257  -10.339 1.00 19.96 ? 89   LEU A N   1 
ATOM   708  C  CA  . LEU A 1 89  ? -5.628  -2.914  -9.866  1.00 19.05 ? 89   LEU A CA  1 
ATOM   709  C  C   . LEU A 1 89  ? -4.628  -3.011  -11.007 1.00 20.05 ? 89   LEU A C   1 
ATOM   710  O  O   . LEU A 1 89  ? -3.444  -2.729  -10.841 1.00 26.01 ? 89   LEU A O   1 
ATOM   711  C  CB  . LEU A 1 89  ? -5.944  -4.312  -9.346  1.00 10.77 ? 89   LEU A CB  1 
ATOM   712  C  CG  . LEU A 1 89  ? -6.591  -4.390  -7.967  1.00 7.36  ? 89   LEU A CG  1 
ATOM   713  C  CD1 . LEU A 1 89  ? -6.919  -5.828  -7.634  1.00 2.93  ? 89   LEU A CD1 1 
ATOM   714  C  CD2 . LEU A 1 89  ? -5.675  -3.790  -6.912  1.00 7.58  ? 89   LEU A CD2 1 
ATOM   715  N  N   . ILE A 1 90  ? -5.126  -3.407  -12.169 1.00 20.98 ? 90   ILE A N   1 
ATOM   716  C  CA  . ILE A 1 90  ? -4.293  -3.565  -13.349 1.00 25.32 ? 90   ILE A CA  1 
ATOM   717  C  C   . ILE A 1 90  ? -3.751  -2.222  -13.839 1.00 26.51 ? 90   ILE A C   1 
ATOM   718  O  O   . ILE A 1 90  ? -2.548  -2.074  -14.049 1.00 31.86 ? 90   ILE A O   1 
ATOM   719  C  CB  . ILE A 1 90  ? -5.070  -4.277  -14.478 1.00 20.42 ? 90   ILE A CB  1 
ATOM   720  C  CG1 . ILE A 1 90  ? -5.449  -5.693  -14.033 1.00 10.24 ? 90   ILE A CG1 1 
ATOM   721  C  CG2 . ILE A 1 90  ? -4.256  -4.307  -15.760 1.00 16.25 ? 90   ILE A CG2 1 
ATOM   722  C  CD1 . ILE A 1 90  ? -6.108  -6.518  -15.105 1.00 9.11  ? 90   ILE A CD1 1 
ATOM   723  N  N   . ASN A 1 91  ? -4.638  -1.246  -13.999 1.00 20.24 ? 91   ASN A N   1 
ATOM   724  C  CA  . ASN A 1 91  ? -4.258  0.053   -14.543 1.00 17.88 ? 91   ASN A CA  1 
ATOM   725  C  C   . ASN A 1 91  ? -3.425  0.888   -13.584 1.00 29.42 ? 91   ASN A C   1 
ATOM   726  O  O   . ASN A 1 91  ? -2.375  1.410   -13.953 1.00 40.31 ? 91   ASN A O   1 
ATOM   727  C  CB  . ASN A 1 91  ? -5.504  0.837   -14.953 1.00 26.43 ? 91   ASN A CB  1 
ATOM   728  C  CG  . ASN A 1 91  ? -6.225  0.209   -16.125 1.00 42.05 ? 91   ASN A CG  1 
ATOM   729  O  OD1 . ASN A 1 91  ? -5.677  -0.648  -16.821 1.00 54.61 ? 91   ASN A OD1 1 
ATOM   730  N  ND2 . ASN A 1 91  ? -7.461  0.630   -16.354 1.00 36.63 ? 91   ASN A ND2 1 
ATOM   731  N  N   . ASN A 1 92  ? -3.903  1.006   -12.350 1.00 36.05 ? 92   ASN A N   1 
ATOM   732  C  CA  . ASN A 1 92  ? -3.289  1.876   -11.349 1.00 32.26 ? 92   ASN A CA  1 
ATOM   733  C  C   . ASN A 1 92  ? -1.992  1.342   -10.743 1.00 28.28 ? 92   ASN A C   1 
ATOM   734  O  O   . ASN A 1 92  ? -1.257  2.083   -10.096 1.00 27.30 ? 92   ASN A O   1 
ATOM   735  C  CB  . ASN A 1 92  ? -4.287  2.171   -10.225 1.00 38.39 ? 92   ASN A CB  1 
ATOM   736  C  CG  . ASN A 1 92  ? -5.503  2.941   -10.709 1.00 41.76 ? 92   ASN A CG  1 
ATOM   737  O  OD1 . ASN A 1 92  ? -6.632  2.645   -10.322 1.00 47.72 ? 92   ASN A OD1 1 
ATOM   738  N  ND2 . ASN A 1 92  ? -5.276  3.935   -11.557 1.00 44.78 ? 92   ASN A ND2 1 
ATOM   739  N  N   . LEU A 1 93  ? -1.713  0.061   -10.951 1.00 33.97 ? 93   LEU A N   1 
ATOM   740  C  CA  . LEU A 1 93  ? -0.570  -0.568  -10.302 1.00 26.32 ? 93   LEU A CA  1 
ATOM   741  C  C   . LEU A 1 93  ? 0.327   -1.361  -11.248 1.00 38.97 ? 93   LEU A C   1 
ATOM   742  O  O   . LEU A 1 93  ? 0.849   -2.403  -10.862 1.00 52.55 ? 93   LEU A O   1 
ATOM   743  C  CB  . LEU A 1 93  ? -1.046  -1.502  -9.183  1.00 15.95 ? 93   LEU A CB  1 
ATOM   744  C  CG  . LEU A 1 93  ? -1.755  -0.881  -7.982  1.00 11.04 ? 93   LEU A CG  1 
ATOM   745  C  CD1 . LEU A 1 93  ? -2.154  -1.958  -6.980  1.00 4.35  ? 93   LEU A CD1 1 
ATOM   746  C  CD2 . LEU A 1 93  ? -0.855  0.148   -7.338  1.00 10.37 ? 93   LEU A CD2 1 
ATOM   747  N  N   . GLY A 1 94  ? 0.517   -0.894  -12.477 1.00 38.23 ? 94   GLY A N   1 
ATOM   748  C  CA  . GLY A 1 94  ? 1.422   -1.603  -13.365 1.00 44.60 ? 94   GLY A CA  1 
ATOM   749  C  C   . GLY A 1 94  ? 1.376   -1.294  -14.849 1.00 47.72 ? 94   GLY A C   1 
ATOM   750  O  O   . GLY A 1 94  ? 2.349   -0.789  -15.407 1.00 54.74 ? 94   GLY A O   1 
ATOM   751  N  N   . THR A 1 95  ? 0.260   -1.614  -15.494 1.00 41.04 ? 95   THR A N   1 
ATOM   752  C  CA  . THR A 1 95  ? 0.177   -1.520  -16.950 1.00 46.91 ? 95   THR A CA  1 
ATOM   753  C  C   . THR A 1 95  ? 0.302   -0.092  -17.478 1.00 59.69 ? 95   THR A C   1 
ATOM   754  O  O   . THR A 1 95  ? 0.985   0.149   -18.475 1.00 71.96 ? 95   THR A O   1 
ATOM   755  C  CB  . THR A 1 95  ? -1.113  -2.157  -17.486 1.00 48.89 ? 95   THR A CB  1 
ATOM   756  O  OG1 . THR A 1 95  ? -2.239  -1.613  -16.788 1.00 59.59 ? 95   THR A OG1 1 
ATOM   757  C  CG2 . THR A 1 95  ? -1.077  -3.664  -17.293 1.00 48.52 ? 95   THR A CG2 1 
ATOM   758  N  N   . ILE A 1 96  ? -0.354  0.854   -16.812 1.00 52.53 ? 96   ILE A N   1 
ATOM   759  C  CA  . ILE A 1 96  ? -0.258  2.252   -17.215 1.00 55.27 ? 96   ILE A CA  1 
ATOM   760  C  C   . ILE A 1 96  ? 0.726   3.014   -16.331 1.00 57.01 ? 96   ILE A C   1 
ATOM   761  O  O   . ILE A 1 96  ? 0.639   2.962   -15.103 1.00 52.80 ? 96   ILE A O   1 
ATOM   762  C  CB  . ILE A 1 96  ? -1.621  2.962   -17.161 1.00 58.74 ? 96   ILE A CB  1 
ATOM   763  C  CG1 . ILE A 1 96  ? -2.759  1.962   -17.368 1.00 50.53 ? 96   ILE A CG1 1 
ATOM   764  C  CG2 . ILE A 1 96  ? -1.675  4.087   -18.192 1.00 61.56 ? 96   ILE A CG2 1 
ATOM   765  C  CD1 . ILE A 1 96  ? -4.131  2.600   -17.342 1.00 41.90 ? 96   ILE A CD1 1 
ATOM   766  N  N   . ALA A 1 97  ? 1.655   3.723   -16.968 1.00 61.78 ? 97   ALA A N   1 
ATOM   767  C  CA  . ALA A 1 97  ? 2.672   4.494   -16.257 1.00 58.75 ? 97   ALA A CA  1 
ATOM   768  C  C   . ALA A 1 97  ? 2.160   5.869   -15.855 1.00 54.96 ? 97   ALA A C   1 
ATOM   769  O  O   . ALA A 1 97  ? 2.319   6.831   -16.604 1.00 53.03 ? 97   ALA A O   1 
ATOM   770  C  CB  . ALA A 1 97  ? 3.912   4.645   -17.118 1.00 55.97 ? 97   ALA A CB  1 
ATOM   771  N  N   . LYS A 1 98  ? 1.559   5.963   -14.673 1.00 57.99 ? 98   LYS A N   1 
ATOM   772  C  CA  . LYS A 1 98  ? 1.037   7.235   -14.186 1.00 59.78 ? 98   LYS A CA  1 
ATOM   773  C  C   . LYS A 1 98  ? 2.000   8.390   -14.464 1.00 62.27 ? 98   LYS A C   1 
ATOM   774  O  O   . LYS A 1 98  ? 3.209   8.263   -14.269 1.00 59.97 ? 98   LYS A O   1 
ATOM   775  C  CB  . LYS A 1 98  ? 0.720   7.162   -12.691 1.00 59.76 ? 98   LYS A CB  1 
ATOM   776  C  CG  . LYS A 1 98  ? 0.394   8.518   -12.078 1.00 55.22 ? 98   LYS A CG  1 
ATOM   777  C  CD  . LYS A 1 98  ? -0.378  8.387   -10.777 1.00 48.69 ? 98   LYS A CD  1 
ATOM   778  C  CE  . LYS A 1 98  ? -1.017  9.712   -10.395 1.00 41.58 ? 98   LYS A CE  1 
ATOM   779  N  NZ  . LYS A 1 98  ? -1.827  10.266  -11.517 1.00 33.56 ? 98   LYS A NZ  1 
ATOM   780  N  N   . SER A 1 99  ? 1.452   9.509   -14.928 1.00 67.95 ? 99   SER A N   1 
ATOM   781  C  CA  . SER A 1 99  ? 2.249   10.690  -15.242 1.00 65.74 ? 99   SER A CA  1 
ATOM   782  C  C   . SER A 1 99  ? 3.093   11.124  -14.054 1.00 67.79 ? 99   SER A C   1 
ATOM   783  O  O   . SER A 1 99  ? 2.571   11.368  -12.963 1.00 73.15 ? 99   SER A O   1 
ATOM   784  C  CB  . SER A 1 99  ? 1.346   11.842  -15.681 1.00 69.81 ? 99   SER A CB  1 
ATOM   785  O  OG  . SER A 1 99  ? 2.097   13.032  -15.855 1.00 76.33 ? 99   SER A OG  1 
ATOM   786  N  N   . GLY A 1 100 ? 4.400   11.219  -14.272 1.00 60.74 ? 100  GLY A N   1 
ATOM   787  C  CA  . GLY A 1 100 ? 5.318   11.625  -13.226 1.00 50.88 ? 100  GLY A CA  1 
ATOM   788  C  C   . GLY A 1 100 ? 6.269   10.521  -12.807 1.00 42.93 ? 100  GLY A C   1 
ATOM   789  O  O   . GLY A 1 100 ? 7.229   10.768  -12.080 1.00 45.82 ? 100  GLY A O   1 
ATOM   790  N  N   . THR A 1 101 ? 6.000   9.301   -13.264 1.00 37.67 ? 101  THR A N   1 
ATOM   791  C  CA  . THR A 1 101 ? 6.847   8.158   -12.933 1.00 40.74 ? 101  THR A CA  1 
ATOM   792  C  C   . THR A 1 101 ? 8.285   8.404   -13.364 1.00 44.21 ? 101  THR A C   1 
ATOM   793  O  O   . THR A 1 101 ? 9.216   8.237   -12.578 1.00 55.43 ? 101  THR A O   1 
ATOM   794  C  CB  . THR A 1 101 ? 6.345   6.864   -13.594 1.00 45.52 ? 101  THR A CB  1 
ATOM   795  O  OG1 . THR A 1 101 ? 5.134   6.436   -12.958 1.00 50.82 ? 101  THR A OG1 1 
ATOM   796  C  CG2 . THR A 1 101 ? 7.390   5.767   -13.467 1.00 36.71 ? 101  THR A CG2 1 
ATOM   797  N  N   . LYS A 1 102 ? 8.457   8.802   -14.618 1.00 36.14 ? 102  LYS A N   1 
ATOM   798  C  CA  . LYS A 1 102 ? 9.777   9.111   -15.150 1.00 28.72 ? 102  LYS A CA  1 
ATOM   799  C  C   . LYS A 1 102 ? 10.326  10.406  -14.552 1.00 25.85 ? 102  LYS A C   1 
ATOM   800  O  O   . LYS A 1 102 ? 11.529  10.536  -14.328 1.00 31.79 ? 102  LYS A O   1 
ATOM   801  C  CB  . LYS A 1 102 ? 9.716   9.190   -16.678 1.00 38.16 ? 102  LYS A CB  1 
ATOM   802  C  CG  . LYS A 1 102 ? 10.848  9.960   -17.333 1.00 44.35 ? 102  LYS A CG  1 
ATOM   803  C  CD  . LYS A 1 102 ? 10.885  9.688   -18.829 1.00 50.03 ? 102  LYS A CD  1 
ATOM   804  C  CE  . LYS A 1 102 ? 11.614  10.790  -19.587 1.00 57.56 ? 102  LYS A CE  1 
ATOM   805  N  NZ  . LYS A 1 102 ? 10.823  12.053  -19.641 1.00 55.08 ? 102  LYS A NZ  1 
ATOM   806  N  N   . ALA A 1 103 ? 9.435   11.353  -14.274 1.00 23.94 ? 103  ALA A N   1 
ATOM   807  C  CA  . ALA A 1 103 ? 9.833   12.656  -13.744 1.00 13.40 ? 103  ALA A CA  1 
ATOM   808  C  C   . ALA A 1 103 ? 10.495  12.547  -12.379 1.00 26.02 ? 103  ALA A C   1 
ATOM   809  O  O   . ALA A 1 103 ? 11.455  13.263  -12.096 1.00 25.25 ? 103  ALA A O   1 
ATOM   810  C  CB  . ALA A 1 103 ? 8.641   13.580  -13.672 1.00 5.36  ? 103  ALA A CB  1 
ATOM   811  N  N   . PHE A 1 104 ? 9.970   11.659  -11.536 1.00 39.01 ? 104  PHE A N   1 
ATOM   812  C  CA  . PHE A 1 104 ? 10.529  11.431  -10.206 1.00 25.67 ? 104  PHE A CA  1 
ATOM   813  C  C   . PHE A 1 104 ? 11.874  10.742  -10.304 1.00 23.70 ? 104  PHE A C   1 
ATOM   814  O  O   . PHE A 1 104 ? 12.794  11.055  -9.552  1.00 26.62 ? 104  PHE A O   1 
ATOM   815  C  CB  . PHE A 1 104 ? 9.587   10.591  -9.347  1.00 24.15 ? 104  PHE A CB  1 
ATOM   816  C  CG  . PHE A 1 104 ? 10.152  10.233  -7.999  1.00 26.91 ? 104  PHE A CG  1 
ATOM   817  C  CD1 . PHE A 1 104 ? 10.304  11.199  -7.018  1.00 33.17 ? 104  PHE A CD1 1 
ATOM   818  C  CD2 . PHE A 1 104 ? 10.523  8.929   -7.711  1.00 22.06 ? 104  PHE A CD2 1 
ATOM   819  C  CE1 . PHE A 1 104 ? 10.823  10.874  -5.775  1.00 28.33 ? 104  PHE A CE1 1 
ATOM   820  C  CE2 . PHE A 1 104 ? 11.041  8.595   -6.470  1.00 21.80 ? 104  PHE A CE2 1 
ATOM   821  C  CZ  . PHE A 1 104 ? 11.191  9.568   -5.501  1.00 19.64 ? 104  PHE A CZ  1 
ATOM   822  N  N   . MET A 1 105 ? 11.981  9.796   -11.233 1.00 22.30 ? 105  MET A N   1 
ATOM   823  C  CA  . MET A 1 105 ? 13.244  9.114   -11.477 1.00 22.84 ? 105  MET A CA  1 
ATOM   824  C  C   . MET A 1 105 ? 14.321  10.118  -11.873 1.00 30.22 ? 105  MET A C   1 
ATOM   825  O  O   . MET A 1 105 ? 15.484  9.966   -11.504 1.00 36.33 ? 105  MET A O   1 
ATOM   826  C  CB  . MET A 1 105 ? 13.087  8.038   -12.552 1.00 20.29 ? 105  MET A CB  1 
ATOM   827  C  CG  . MET A 1 105 ? 12.318  6.815   -12.088 1.00 30.93 ? 105  MET A CG  1 
ATOM   828  S  SD  . MET A 1 105 ? 12.329  5.468   -13.290 1.00 44.72 ? 105  MET A SD  1 
ATOM   829  C  CE  . MET A 1 105 ? 11.437  6.207   -14.655 1.00 45.27 ? 105  MET A CE  1 
ATOM   830  N  N   . GLU A 1 106 ? 13.928  11.148  -12.617 1.00 28.07 ? 106  GLU A N   1 
ATOM   831  C  CA  . GLU A 1 106 ? 14.857  12.207  -13.000 1.00 24.15 ? 106  GLU A CA  1 
ATOM   832  C  C   . GLU A 1 106 ? 15.179  13.101  -11.812 1.00 27.27 ? 106  GLU A C   1 
ATOM   833  O  O   . GLU A 1 106 ? 16.347  13.346  -11.509 1.00 32.56 ? 106  GLU A O   1 
ATOM   834  C  CB  . GLU A 1 106 ? 14.288  13.041  -14.146 1.00 26.60 ? 106  GLU A CB  1 
ATOM   835  C  CG  . GLU A 1 106 ? 14.206  12.297  -15.463 1.00 31.93 ? 106  GLU A CG  1 
ATOM   836  C  CD  . GLU A 1 106 ? 13.665  13.160  -16.582 1.00 50.50 ? 106  GLU A CD  1 
ATOM   837  O  OE1 . GLU A 1 106 ? 13.570  14.391  -16.388 1.00 66.97 ? 106  GLU A OE1 1 
ATOM   838  O  OE2 . GLU A 1 106 ? 13.336  12.610  -17.653 1.00 56.55 ? 106  GLU A OE2 1 
ATOM   839  N  N   . ALA A 1 107 ? 14.136  13.592  -11.148 1.00 23.34 ? 107  ALA A N   1 
ATOM   840  C  CA  . ALA A 1 107 ? 14.308  14.394  -9.945  1.00 17.39 ? 107  ALA A CA  1 
ATOM   841  C  C   . ALA A 1 107 ? 15.262  13.680  -9.000  1.00 19.73 ? 107  ALA A C   1 
ATOM   842  O  O   . ALA A 1 107 ? 16.292  14.224  -8.613  1.00 22.77 ? 107  ALA A O   1 
ATOM   843  C  CB  . ALA A 1 107 ? 12.974  14.622  -9.276  1.00 13.92 ? 107  ALA A CB  1 
ATOM   844  N  N   . LEU A 1 108 ? 14.908  12.447  -8.656  1.00 28.03 ? 108  LEU A N   1 
ATOM   845  C  CA  . LEU A 1 108 ? 15.710  11.605  -7.776  1.00 30.74 ? 108  LEU A CA  1 
ATOM   846  C  C   . LEU A 1 108 ? 17.191  11.629  -8.158  1.00 33.61 ? 108  LEU A C   1 
ATOM   847  O  O   . LEU A 1 108 ? 18.060  11.768  -7.298  1.00 39.29 ? 108  LEU A O   1 
ATOM   848  C  CB  . LEU A 1 108 ? 15.188  10.167  -7.832  1.00 18.22 ? 108  LEU A CB  1 
ATOM   849  C  CG  . LEU A 1 108 ? 14.994  9.432   -6.507  1.00 13.15 ? 108  LEU A CG  1 
ATOM   850  C  CD1 . LEU A 1 108 ? 15.255  7.952   -6.695  1.00 15.30 ? 108  LEU A CD1 1 
ATOM   851  C  CD2 . LEU A 1 108 ? 15.910  10.000  -5.440  1.00 23.20 ? 108  LEU A CD2 1 
ATOM   852  N  N   . SER A 1 109 ? 17.468  11.498  -9.453  1.00 25.91 ? 109  SER A N   1 
ATOM   853  C  CA  . SER A 1 109 ? 18.841  11.471  -9.959  1.00 24.33 ? 109  SER A CA  1 
ATOM   854  C  C   . SER A 1 109 ? 19.559  12.800  -9.784  1.00 23.37 ? 109  SER A C   1 
ATOM   855  O  O   . SER A 1 109 ? 20.729  12.835  -9.411  1.00 31.68 ? 109  SER A O   1 
ATOM   856  C  CB  . SER A 1 109 ? 18.865  11.077  -11.435 1.00 25.16 ? 109  SER A CB  1 
ATOM   857  O  OG  . SER A 1 109 ? 18.595  9.697   -11.596 1.00 42.95 ? 109  SER A OG  1 
ATOM   858  N  N   . ALA A 1 110 ? 18.859  13.892  -10.067 1.00 22.73 ? 110  ALA A N   1 
ATOM   859  C  CA  . ALA A 1 110 ? 19.446  15.224  -9.969  1.00 20.30 ? 110  ALA A CA  1 
ATOM   860  C  C   . ALA A 1 110 ? 19.863  15.548  -8.536  1.00 24.51 ? 110  ALA A C   1 
ATOM   861  O  O   . ALA A 1 110 ? 20.635  16.477  -8.302  1.00 32.46 ? 110  ALA A O   1 
ATOM   862  C  CB  . ALA A 1 110 ? 18.478  16.275  -10.498 1.00 17.56 ? 110  ALA A CB  1 
ATOM   863  N  N   . GLY A 1 111 ? 19.342  14.783  -7.579  1.00 18.59 ? 111  GLY A N   1 
ATOM   864  C  CA  . GLY A 1 111 ? 19.734  14.926  -6.190  1.00 14.88 ? 111  GLY A CA  1 
ATOM   865  C  C   . GLY A 1 111 ? 18.575  15.037  -5.218  1.00 35.27 ? 111  GLY A C   1 
ATOM   866  O  O   . GLY A 1 111 ? 18.752  15.505  -4.097  1.00 48.90 ? 111  GLY A O   1 
ATOM   867  N  N   . ALA A 1 112 ? 17.393  14.591  -5.634  1.00 36.83 ? 112  ALA A N   1 
ATOM   868  C  CA  . ALA A 1 112 ? 16.171  14.811  -4.856  1.00 36.35 ? 112  ALA A CA  1 
ATOM   869  C  C   . ALA A 1 112 ? 15.994  13.873  -3.661  1.00 43.22 ? 112  ALA A C   1 
ATOM   870  O  O   . ALA A 1 112 ? 16.440  12.724  -3.681  1.00 39.25 ? 112  ALA A O   1 
ATOM   871  C  CB  . ALA A 1 112 ? 14.951  14.738  -5.762  1.00 34.83 ? 112  ALA A CB  1 
ATOM   872  N  N   . ASP A 1 113 ? 15.336  14.383  -2.620  1.00 45.51 ? 113  ASP A N   1 
ATOM   873  C  CA  . ASP A 1 113 ? 14.936  13.568  -1.480  1.00 41.62 ? 113  ASP A CA  1 
ATOM   874  C  C   . ASP A 1 113 ? 13.948  12.511  -1.941  1.00 32.93 ? 113  ASP A C   1 
ATOM   875  O  O   . ASP A 1 113 ? 12.972  12.821  -2.620  1.00 30.11 ? 113  ASP A O   1 
ATOM   876  C  CB  . ASP A 1 113 ? 14.282  14.429  -0.396  1.00 43.49 ? 113  ASP A CB  1 
ATOM   877  C  CG  . ASP A 1 113 ? 15.270  14.911  0.647   1.00 44.94 ? 113  ASP A CG  1 
ATOM   878  O  OD1 . ASP A 1 113 ? 16.408  14.402  0.667   1.00 50.84 ? 113  ASP A OD1 1 
ATOM   879  O  OD2 . ASP A 1 113 ? 14.904  15.794  1.454   1.00 34.61 ? 113  ASP A OD2 1 
ATOM   880  N  N   . VAL A 1 114 ? 14.197  11.264  -1.567  1.00 35.49 ? 114  VAL A N   1 
ATOM   881  C  CA  . VAL A 1 114 ? 13.297  10.182  -1.932  1.00 35.07 ? 114  VAL A CA  1 
ATOM   882  C  C   . VAL A 1 114 ? 11.948  10.370  -1.238  1.00 36.02 ? 114  VAL A C   1 
ATOM   883  O  O   . VAL A 1 114 ? 10.945  9.772   -1.630  1.00 43.63 ? 114  VAL A O   1 
ATOM   884  C  CB  . VAL A 1 114 ? 13.901  8.813   -1.579  1.00 32.68 ? 114  VAL A CB  1 
ATOM   885  C  CG1 . VAL A 1 114 ? 14.129  8.708   -0.079  1.00 42.52 ? 114  VAL A CG1 1 
ATOM   886  C  CG2 . VAL A 1 114 ? 13.009  7.685   -2.087  1.00 26.31 ? 114  VAL A CG2 1 
ATOM   887  N  N   . SER A 1 115 ? 11.927  11.221  -0.216  1.00 26.61 ? 115  SER A N   1 
ATOM   888  C  CA  . SER A 1 115 ? 10.699  11.494  0.526   1.00 28.66 ? 115  SER A CA  1 
ATOM   889  C  C   . SER A 1 115 ? 9.745   12.364  -0.286  1.00 33.75 ? 115  SER A C   1 
ATOM   890  O  O   . SER A 1 115 ? 8.603   12.594  0.112   1.00 35.89 ? 115  SER A O   1 
ATOM   891  C  CB  . SER A 1 115 ? 11.012  12.165  1.867   1.00 33.67 ? 115  SER A CB  1 
ATOM   892  O  OG  . SER A 1 115 ? 11.640  13.422  1.683   1.00 37.52 ? 115  SER A OG  1 
ATOM   893  N  N   . MET A 1 116 ? 10.223  12.847  -1.426  1.00 37.08 ? 116  MET A N   1 
ATOM   894  C  CA  . MET A 1 116 ? 9.421   13.708  -2.284  1.00 30.86 ? 116  MET A CA  1 
ATOM   895  C  C   . MET A 1 116 ? 8.676   12.871  -3.320  1.00 27.45 ? 116  MET A C   1 
ATOM   896  O  O   . MET A 1 116 ? 8.015   13.405  -4.208  1.00 38.68 ? 116  MET A O   1 
ATOM   897  C  CB  . MET A 1 116 ? 10.308  14.758  -2.963  1.00 31.26 ? 116  MET A CB  1 
ATOM   898  C  CG  . MET A 1 116 ? 11.261  15.494  -2.013  1.00 43.38 ? 116  MET A CG  1 
ATOM   899  S  SD  . MET A 1 116 ? 10.450  16.309  -0.608  1.00 61.11 ? 116  MET A SD  1 
ATOM   900  C  CE  . MET A 1 116 ? 11.858  16.875  0.347   1.00 49.10 ? 116  MET A CE  1 
ATOM   901  N  N   . ILE A 1 117 ? 8.782   11.554  -3.187  1.00 21.17 ? 117  ILE A N   1 
ATOM   902  C  CA  . ILE A 1 117 ? 8.146   10.622  -4.112  1.00 22.33 ? 117  ILE A CA  1 
ATOM   903  C  C   . ILE A 1 117 ? 6.640   10.860  -4.209  1.00 23.94 ? 117  ILE A C   1 
ATOM   904  O  O   . ILE A 1 117 ? 6.053   10.768  -5.285  1.00 21.21 ? 117  ILE A O   1 
ATOM   905  C  CB  . ILE A 1 117 ? 8.426   9.152   -3.704  1.00 16.80 ? 117  ILE A CB  1 
ATOM   906  C  CG1 . ILE A 1 117 ? 8.042   8.188   -4.822  1.00 14.91 ? 117  ILE A CG1 1 
ATOM   907  C  CG2 . ILE A 1 117 ? 7.691   8.788   -2.422  1.00 19.34 ? 117  ILE A CG2 1 
ATOM   908  C  CD1 . ILE A 1 117 ? 8.291   6.736   -4.478  1.00 9.95  ? 117  ILE A CD1 1 
ATOM   909  N  N   . GLY A 1 118 ? 6.023   11.184  -3.078  1.00 23.56 ? 118  GLY A N   1 
ATOM   910  C  CA  . GLY A 1 118 ? 4.586   11.355  -3.021  1.00 25.31 ? 118  GLY A CA  1 
ATOM   911  C  C   . GLY A 1 118 ? 4.100   12.538  -3.829  1.00 31.50 ? 118  GLY A C   1 
ATOM   912  O  O   . GLY A 1 118 ? 2.976   12.533  -4.326  1.00 42.53 ? 118  GLY A O   1 
ATOM   913  N  N   . GLN A 1 119 ? 4.945   13.553  -3.962  1.00 36.83 ? 119  GLN A N   1 
ATOM   914  C  CA  . GLN A 1 119 ? 4.570   14.756  -4.695  1.00 32.31 ? 119  GLN A CA  1 
ATOM   915  C  C   . GLN A 1 119 ? 4.624   14.505  -6.189  1.00 28.45 ? 119  GLN A C   1 
ATOM   916  O  O   . GLN A 1 119 ? 4.125   15.302  -6.980  1.00 37.35 ? 119  GLN A O   1 
ATOM   917  C  CB  . GLN A 1 119 ? 5.465   15.929  -4.306  1.00 28.49 ? 119  GLN A CB  1 
ATOM   918  C  CG  . GLN A 1 119 ? 5.315   16.321  -2.851  1.00 33.87 ? 119  GLN A CG  1 
ATOM   919  C  CD  . GLN A 1 119 ? 6.507   17.086  -2.335  1.00 50.03 ? 119  GLN A CD  1 
ATOM   920  O  OE1 . GLN A 1 119 ? 7.205   16.628  -1.431  1.00 62.88 ? 119  GLN A OE1 1 
ATOM   921  N  NE2 . GLN A 1 119 ? 6.759   18.255  -2.914  1.00 49.39 ? 119  GLN A NE2 1 
ATOM   922  N  N   . PHE A 1 120 ? 5.234   13.389  -6.566  1.00 24.43 ? 120  PHE A N   1 
ATOM   923  C  CA  . PHE A 1 120 ? 5.184   12.921  -7.942  1.00 19.16 ? 120  PHE A CA  1 
ATOM   924  C  C   . PHE A 1 120 ? 4.110   11.847  -8.064  1.00 26.41 ? 120  PHE A C   1 
ATOM   925  O  O   . PHE A 1 120 ? 3.976   11.201  -9.101  1.00 36.44 ? 120  PHE A O   1 
ATOM   926  C  CB  . PHE A 1 120 ? 6.545   12.385  -8.385  1.00 16.78 ? 120  PHE A CB  1 
ATOM   927  C  CG  . PHE A 1 120 ? 7.592   13.451  -8.530  1.00 22.17 ? 120  PHE A CG  1 
ATOM   928  C  CD1 . PHE A 1 120 ? 8.298   13.898  -7.428  1.00 30.39 ? 120  PHE A CD1 1 
ATOM   929  C  CD2 . PHE A 1 120 ? 7.860   14.014  -9.766  1.00 18.79 ? 120  PHE A CD2 1 
ATOM   930  C  CE1 . PHE A 1 120 ? 9.257   14.883  -7.555  1.00 29.20 ? 120  PHE A CE1 1 
ATOM   931  C  CE2 . PHE A 1 120 ? 8.819   14.999  -9.900  1.00 26.77 ? 120  PHE A CE2 1 
ATOM   932  C  CZ  . PHE A 1 120 ? 9.518   15.435  -8.794  1.00 27.54 ? 120  PHE A CZ  1 
ATOM   933  N  N   . GLY A 1 121 ? 3.350   11.666  -6.987  1.00 24.97 ? 121  GLY A N   1 
ATOM   934  C  CA  . GLY A 1 121 ? 2.246   10.724  -6.965  1.00 26.44 ? 121  GLY A CA  1 
ATOM   935  C  C   . GLY A 1 121 ? 2.636   9.288   -7.272  1.00 36.49 ? 121  GLY A C   1 
ATOM   936  O  O   . GLY A 1 121 ? 1.941   8.595   -8.018  1.00 38.63 ? 121  GLY A O   1 
ATOM   937  N  N   . VAL A 1 122 ? 3.748   8.839   -6.696  1.00 35.19 ? 122  VAL A N   1 
ATOM   938  C  CA  . VAL A 1 122 ? 4.207   7.468   -6.893  1.00 28.44 ? 122  VAL A CA  1 
ATOM   939  C  C   . VAL A 1 122 ? 4.585   6.817   -5.571  1.00 29.33 ? 122  VAL A C   1 
ATOM   940  O  O   . VAL A 1 122 ? 5.275   5.798   -5.544  1.00 24.54 ? 122  VAL A O   1 
ATOM   941  C  CB  . VAL A 1 122 ? 5.410   7.402   -7.849  1.00 24.67 ? 122  VAL A CB  1 
ATOM   942  C  CG1 . VAL A 1 122 ? 4.939   7.374   -9.293  1.00 26.04 ? 122  VAL A CG1 1 
ATOM   943  C  CG2 . VAL A 1 122 ? 6.344   8.570   -7.606  1.00 21.56 ? 122  VAL A CG2 1 
ATOM   944  N  N   . GLY A 1 123 ? 4.113   7.409   -4.479  1.00 34.11 ? 123  GLY A N   1 
ATOM   945  C  CA  . GLY A 1 123 ? 4.428   6.940   -3.142  1.00 29.98 ? 123  GLY A CA  1 
ATOM   946  C  C   . GLY A 1 123 ? 4.267   5.449   -2.925  1.00 29.29 ? 123  GLY A C   1 
ATOM   947  O  O   . GLY A 1 123 ? 4.980   4.861   -2.117  1.00 40.78 ? 123  GLY A O   1 
ATOM   948  N  N   . PHE A 1 124 ? 3.330   4.833   -3.641  1.00 27.43 ? 124  PHE A N   1 
ATOM   949  C  CA  . PHE A 1 124 ? 3.067   3.401   -3.498  1.00 23.22 ? 124  PHE A CA  1 
ATOM   950  C  C   . PHE A 1 124 ? 4.353   2.581   -3.559  1.00 19.21 ? 124  PHE A C   1 
ATOM   951  O  O   . PHE A 1 124 ? 4.582   1.703   -2.728  1.00 22.30 ? 124  PHE A O   1 
ATOM   952  C  CB  . PHE A 1 124 ? 2.076   2.928   -4.574  1.00 22.35 ? 124  PHE A CB  1 
ATOM   953  C  CG  . PHE A 1 124 ? 1.879   1.434   -4.613  1.00 10.99 ? 124  PHE A CG  1 
ATOM   954  C  CD1 . PHE A 1 124 ? 1.189   0.783   -3.604  1.00 19.63 ? 124  PHE A CD1 1 
ATOM   955  C  CD2 . PHE A 1 124 ? 2.374   0.685   -5.663  1.00 5.69  ? 124  PHE A CD2 1 
ATOM   956  C  CE1 . PHE A 1 124 ? 1.005   -0.591  -3.637  1.00 7.39  ? 124  PHE A CE1 1 
ATOM   957  C  CE2 . PHE A 1 124 ? 2.194   -0.686  -5.701  1.00 5.56  ? 124  PHE A CE2 1 
ATOM   958  C  CZ  . PHE A 1 124 ? 1.509   -1.324  -4.685  1.00 2.08  ? 124  PHE A CZ  1 
ATOM   959  N  N   . TYR A 1 125 ? 5.202   2.895   -4.530  1.00 20.43 ? 125  TYR A N   1 
ATOM   960  C  CA  . TYR A 1 125 ? 6.394   2.098   -4.806  1.00 22.04 ? 125  TYR A CA  1 
ATOM   961  C  C   . TYR A 1 125 ? 7.509   2.265   -3.779  1.00 23.07 ? 125  TYR A C   1 
ATOM   962  O  O   . TYR A 1 125 ? 8.506   1.545   -3.823  1.00 28.54 ? 125  TYR A O   1 
ATOM   963  C  CB  . TYR A 1 125 ? 6.899   2.389   -6.221  1.00 20.78 ? 125  TYR A CB  1 
ATOM   964  C  CG  . TYR A 1 125 ? 5.846   2.094   -7.256  1.00 22.52 ? 125  TYR A CG  1 
ATOM   965  C  CD1 . TYR A 1 125 ? 5.038   3.100   -7.762  1.00 22.66 ? 125  TYR A CD1 1 
ATOM   966  C  CD2 . TYR A 1 125 ? 5.629   0.794   -7.695  1.00 23.37 ? 125  TYR A CD2 1 
ATOM   967  C  CE1 . TYR A 1 125 ? 4.058   2.820   -8.694  1.00 25.19 ? 125  TYR A CE1 1 
ATOM   968  C  CE2 . TYR A 1 125 ? 4.653   0.506   -8.627  1.00 12.89 ? 125  TYR A CE2 1 
ATOM   969  C  CZ  . TYR A 1 125 ? 3.872   1.521   -9.121  1.00 11.10 ? 125  TYR A CZ  1 
ATOM   970  O  OH  . TYR A 1 125 ? 2.901   1.231   -10.048 1.00 23.85 ? 125  TYR A OH  1 
ATOM   971  N  N   . SER A 1 126 ? 7.333   3.199   -2.851  1.00 19.53 ? 126  SER A N   1 
ATOM   972  C  CA  . SER A 1 126 ? 8.324   3.427   -1.804  1.00 17.23 ? 126  SER A CA  1 
ATOM   973  C  C   . SER A 1 126 ? 8.324   2.278   -0.803  1.00 30.12 ? 126  SER A C   1 
ATOM   974  O  O   . SER A 1 126 ? 9.195   2.198   0.061   1.00 41.57 ? 126  SER A O   1 
ATOM   975  C  CB  . SER A 1 126 ? 8.054   4.748   -1.081  1.00 16.89 ? 126  SER A CB  1 
ATOM   976  O  OG  . SER A 1 126 ? 6.877   4.668   -0.292  1.00 17.12 ? 126  SER A OG  1 
ATOM   977  N  N   . LEU A 1 127 ? 7.339   1.393   -0.921  1.00 28.77 ? 127  LEU A N   1 
ATOM   978  C  CA  . LEU A 1 127 ? 7.223   0.250   -0.024  1.00 14.23 ? 127  LEU A CA  1 
ATOM   979  C  C   . LEU A 1 127 ? 8.358   -0.723  -0.264  1.00 15.33 ? 127  LEU A C   1 
ATOM   980  O  O   . LEU A 1 127 ? 8.736   -1.479  0.627   1.00 26.03 ? 127  LEU A O   1 
ATOM   981  C  CB  . LEU A 1 127 ? 5.882   -0.459  -0.226  1.00 18.00 ? 127  LEU A CB  1 
ATOM   982  C  CG  . LEU A 1 127 ? 5.609   -1.130  -1.574  1.00 10.37 ? 127  LEU A CG  1 
ATOM   983  C  CD1 . LEU A 1 127 ? 6.272   -2.499  -1.654  1.00 14.72 ? 127  LEU A CD1 1 
ATOM   984  C  CD2 . LEU A 1 127 ? 4.113   -1.265  -1.786  1.00 4.80  ? 127  LEU A CD2 1 
ATOM   985  N  N   . PHE A 1 128 ? 8.893   -0.706  -1.480  1.00 23.28 ? 128  PHE A N   1 
ATOM   986  C  CA  . PHE A 1 128 ? 9.972   -1.615  -1.851  1.00 27.51 ? 128  PHE A CA  1 
ATOM   987  C  C   . PHE A 1 128 ? 11.286  -1.253  -1.158  1.00 33.63 ? 128  PHE A C   1 
ATOM   988  O  O   . PHE A 1 128 ? 12.286  -1.961  -1.293  1.00 37.54 ? 128  PHE A O   1 
ATOM   989  C  CB  . PHE A 1 128 ? 10.145  -1.663  -3.372  1.00 18.70 ? 128  PHE A CB  1 
ATOM   990  C  CG  . PHE A 1 128 ? 9.070   -2.440  -4.076  1.00 8.09  ? 128  PHE A CG  1 
ATOM   991  C  CD1 . PHE A 1 128 ? 8.117   -1.795  -4.846  1.00 10.56 ? 128  PHE A CD1 1 
ATOM   992  C  CD2 . PHE A 1 128 ? 9.008   -3.818  -3.960  1.00 9.02  ? 128  PHE A CD2 1 
ATOM   993  C  CE1 . PHE A 1 128 ? 7.124   -2.512  -5.493  1.00 16.42 ? 128  PHE A CE1 1 
ATOM   994  C  CE2 . PHE A 1 128 ? 8.019   -4.544  -4.602  1.00 13.27 ? 128  PHE A CE2 1 
ATOM   995  C  CZ  . PHE A 1 128 ? 7.075   -3.890  -5.368  1.00 17.35 ? 128  PHE A CZ  1 
ATOM   996  N  N   . LEU A 1 129 ? 11.273  -0.152  -0.413  1.00 27.95 ? 129  LEU A N   1 
ATOM   997  C  CA  . LEU A 1 129 ? 12.389  0.206   0.446   1.00 27.50 ? 129  LEU A CA  1 
ATOM   998  C  C   . LEU A 1 129 ? 12.575  -0.832  1.552   1.00 32.87 ? 129  LEU A C   1 
ATOM   999  O  O   . LEU A 1 129 ? 13.700  -1.154  1.931   1.00 45.31 ? 129  LEU A O   1 
ATOM   1000 C  CB  . LEU A 1 129 ? 12.159  1.580   1.077   1.00 30.29 ? 129  LEU A CB  1 
ATOM   1001 C  CG  . LEU A 1 129 ? 12.299  2.809   0.181   1.00 31.48 ? 129  LEU A CG  1 
ATOM   1002 C  CD1 . LEU A 1 129 ? 11.839  4.048   0.925   1.00 23.46 ? 129  LEU A CD1 1 
ATOM   1003 C  CD2 . LEU A 1 129 ? 13.734  2.968   -0.289  1.00 37.85 ? 129  LEU A CD2 1 
ATOM   1004 N  N   . VAL A 1 130 ? 11.467  -1.356  2.066   1.00 27.61 ? 130  VAL A N   1 
ATOM   1005 C  CA  . VAL A 1 130 ? 11.518  -2.281  3.194   1.00 27.48 ? 130  VAL A CA  1 
ATOM   1006 C  C   . VAL A 1 130 ? 11.019  -3.690  2.851   1.00 34.53 ? 130  VAL A C   1 
ATOM   1007 O  O   . VAL A 1 130 ? 11.236  -4.634  3.616   1.00 35.96 ? 130  VAL A O   1 
ATOM   1008 C  CB  . VAL A 1 130 ? 10.724  -1.730  4.401   1.00 23.20 ? 130  VAL A CB  1 
ATOM   1009 C  CG1 . VAL A 1 130 ? 11.300  -0.394  4.855   1.00 14.35 ? 130  VAL A CG1 1 
ATOM   1010 C  CG2 . VAL A 1 130 ? 9.254   -1.582  4.050   1.00 24.33 ? 130  VAL A CG2 1 
ATOM   1011 N  N   . ALA A 1 131 ? 10.355  -3.831  1.706   1.00 29.20 ? 131  ALA A N   1 
ATOM   1012 C  CA  . ALA A 1 131 ? 9.816   -5.125  1.291   1.00 24.24 ? 131  ALA A CA  1 
ATOM   1013 C  C   . ALA A 1 131 ? 10.295  -5.535  -0.098  1.00 20.16 ? 131  ALA A C   1 
ATOM   1014 O  O   . ALA A 1 131 ? 10.595  -4.687  -0.938  1.00 25.44 ? 131  ALA A O   1 
ATOM   1015 C  CB  . ALA A 1 131 ? 8.297   -5.103  1.339   1.00 28.25 ? 131  ALA A CB  1 
ATOM   1016 N  N   . ASP A 1 132 ? 10.355  -6.841  -0.337  1.00 19.92 ? 132  ASP A N   1 
ATOM   1017 C  CA  . ASP A 1 132 ? 10.757  -7.370  -1.640  1.00 31.94 ? 132  ASP A CA  1 
ATOM   1018 C  C   . ASP A 1 132 ? 9.624   -8.123  -2.340  1.00 32.44 ? 132  ASP A C   1 
ATOM   1019 O  O   . ASP A 1 132 ? 9.760   -8.541  -3.489  1.00 31.05 ? 132  ASP A O   1 
ATOM   1020 C  CB  . ASP A 1 132 ? 11.992  -8.264  -1.498  1.00 43.83 ? 132  ASP A CB  1 
ATOM   1021 C  CG  . ASP A 1 132 ? 12.027  -9.008  -0.175  1.00 63.02 ? 132  ASP A CG  1 
ATOM   1022 O  OD1 . ASP A 1 132 ? 13.124  -9.120  0.414   1.00 71.65 ? 132  ASP A OD1 1 
ATOM   1023 O  OD2 . ASP A 1 132 ? 10.961  -9.474  0.282   1.00 68.57 ? 132  ASP A OD2 1 
ATOM   1024 N  N   . ARG A 1 133 ? 8.509   -8.292  -1.633  1.00 33.32 ? 133  ARG A N   1 
ATOM   1025 C  CA  . ARG A 1 133 ? 7.317   -8.933  -2.177  1.00 28.59 ? 133  ARG A CA  1 
ATOM   1026 C  C   . ARG A 1 133 ? 6.099   -8.260  -1.552  1.00 31.18 ? 133  ARG A C   1 
ATOM   1027 O  O   . ARG A 1 133 ? 6.121   -7.914  -0.370  1.00 31.48 ? 133  ARG A O   1 
ATOM   1028 C  CB  . ARG A 1 133 ? 7.333   -10.433 -1.868  1.00 23.96 ? 133  ARG A CB  1 
ATOM   1029 C  CG  . ARG A 1 133 ? 6.087   -11.203 -2.295  1.00 18.83 ? 133  ARG A CG  1 
ATOM   1030 C  CD  . ARG A 1 133 ? 6.166   -12.644 -1.808  1.00 29.41 ? 133  ARG A CD  1 
ATOM   1031 N  NE  . ARG A 1 133 ? 4.915   -13.378 -1.990  1.00 46.48 ? 133  ARG A NE  1 
ATOM   1032 C  CZ  . ARG A 1 133 ? 4.663   -14.567 -1.448  1.00 50.73 ? 133  ARG A CZ  1 
ATOM   1033 N  NH1 . ARG A 1 133 ? 5.571   -15.156 -0.684  1.00 57.46 ? 133  ARG A NH1 1 
ATOM   1034 N  NH2 . ARG A 1 133 ? 3.500   -15.168 -1.663  1.00 43.67 ? 133  ARG A NH2 1 
ATOM   1035 N  N   . VAL A 1 134 ? 5.046   -8.062  -2.344  1.00 28.21 ? 134  VAL A N   1 
ATOM   1036 C  CA  . VAL A 1 134 ? 3.860   -7.349  -1.871  1.00 22.01 ? 134  VAL A CA  1 
ATOM   1037 C  C   . VAL A 1 134 ? 2.562   -7.945  -2.398  1.00 14.66 ? 134  VAL A C   1 
ATOM   1038 O  O   . VAL A 1 134 ? 2.467   -8.311  -3.566  1.00 14.89 ? 134  VAL A O   1 
ATOM   1039 C  CB  . VAL A 1 134 ? 3.906   -5.849  -2.256  1.00 19.10 ? 134  VAL A CB  1 
ATOM   1040 C  CG1 . VAL A 1 134 ? 3.957   -5.688  -3.765  1.00 13.46 ? 134  VAL A CG1 1 
ATOM   1041 C  CG2 . VAL A 1 134 ? 2.706   -5.101  -1.679  1.00 9.81  ? 134  VAL A CG2 1 
ATOM   1042 N  N   . GLN A 1 135 ? 1.566   -8.049  -1.522  1.00 23.22 ? 135  GLN A N   1 
ATOM   1043 C  CA  . GLN A 1 135 ? 0.213   -8.407  -1.932  1.00 17.62 ? 135  GLN A CA  1 
ATOM   1044 C  C   . GLN A 1 135 ? -0.751  -7.257  -1.652  1.00 18.75 ? 135  GLN A C   1 
ATOM   1045 O  O   . GLN A 1 135 ? -0.857  -6.775  -0.520  1.00 8.35  ? 135  GLN A O   1 
ATOM   1046 C  CB  . GLN A 1 135 ? -0.268  -9.680  -1.228  1.00 18.29 ? 135  GLN A CB  1 
ATOM   1047 C  CG  . GLN A 1 135 ? 0.461   -10.949 -1.644  1.00 20.18 ? 135  GLN A CG  1 
ATOM   1048 C  CD  . GLN A 1 135 ? -0.154  -12.208 -1.052  1.00 23.80 ? 135  GLN A CD  1 
ATOM   1049 O  OE1 . GLN A 1 135 ? -1.208  -12.163 -0.417  1.00 26.73 ? 135  GLN A OE1 1 
ATOM   1050 N  NE2 . GLN A 1 135 ? 0.503   -13.340 -1.260  1.00 30.12 ? 135  GLN A NE2 1 
ATOM   1051 N  N   . VAL A 1 136 ? -1.432  -6.809  -2.700  1.00 26.86 ? 136  VAL A N   1 
ATOM   1052 C  CA  . VAL A 1 136 ? -2.476  -5.803  -2.580  1.00 20.51 ? 136  VAL A CA  1 
ATOM   1053 C  C   . VAL A 1 136 ? -3.820  -6.502  -2.684  1.00 20.98 ? 136  VAL A C   1 
ATOM   1054 O  O   . VAL A 1 136 ? -4.161  -7.052  -3.730  1.00 23.55 ? 136  VAL A O   1 
ATOM   1055 C  CB  . VAL A 1 136 ? -2.372  -4.745  -3.691  1.00 16.13 ? 136  VAL A CB  1 
ATOM   1056 C  CG1 . VAL A 1 136 ? -3.553  -3.786  -3.624  1.00 7.58  ? 136  VAL A CG1 1 
ATOM   1057 C  CG2 . VAL A 1 136 ? -1.056  -3.991  -3.577  1.00 21.82 ? 136  VAL A CG2 1 
ATOM   1058 N  N   . ILE A 1 137 ? -4.571  -6.494  -1.589  1.00 21.07 ? 137  ILE A N   1 
ATOM   1059 C  CA  . ILE A 1 137 ? -5.838  -7.214  -1.515  1.00 13.82 ? 137  ILE A CA  1 
ATOM   1060 C  C   . ILE A 1 137 ? -6.967  -6.212  -1.425  1.00 17.01 ? 137  ILE A C   1 
ATOM   1061 O  O   . ILE A 1 137 ? -7.114  -5.526  -0.416  1.00 23.25 ? 137  ILE A O   1 
ATOM   1062 C  CB  . ILE A 1 137 ? -5.888  -8.125  -0.279  1.00 12.30 ? 137  ILE A CB  1 
ATOM   1063 C  CG1 . ILE A 1 137 ? -4.666  -9.046  -0.249  1.00 9.23  ? 137  ILE A CG1 1 
ATOM   1064 C  CG2 . ILE A 1 137 ? -7.184  -8.925  -0.267  1.00 12.55 ? 137  ILE A CG2 1 
ATOM   1065 C  CD1 . ILE A 1 137 ? -4.076  -9.233  1.132   1.00 10.75 ? 137  ILE A CD1 1 
ATOM   1066 N  N   . SER A 1 138 ? -7.769  -6.124  -2.479  1.00 17.04 ? 138  SER A N   1 
ATOM   1067 C  CA  . SER A 1 138 ? -8.753  -5.053  -2.558  1.00 19.11 ? 138  SER A CA  1 
ATOM   1068 C  C   . SER A 1 138 ? -10.180 -5.554  -2.670  1.00 23.67 ? 138  SER A C   1 
ATOM   1069 O  O   . SER A 1 138 ? -10.432 -6.663  -3.141  1.00 28.87 ? 138  SER A O   1 
ATOM   1070 C  CB  . SER A 1 138 ? -8.435  -4.118  -3.725  1.00 18.73 ? 138  SER A CB  1 
ATOM   1071 O  OG  . SER A 1 138 ? -8.852  -2.796  -3.433  1.00 21.98 ? 138  SER A OG  1 
ATOM   1072 N  N   . LYS A 1 139 ? -11.112 -4.723  -2.220  1.00 24.62 ? 139  LYS A N   1 
ATOM   1073 C  CA  . LYS A 1 139 ? -12.531 -5.009  -2.347  1.00 15.35 ? 139  LYS A CA  1 
ATOM   1074 C  C   . LYS A 1 139 ? -13.283 -3.719  -2.646  1.00 19.90 ? 139  LYS A C   1 
ATOM   1075 O  O   . LYS A 1 139 ? -13.382 -2.827  -1.803  1.00 21.02 ? 139  LYS A O   1 
ATOM   1076 C  CB  . LYS A 1 139 ? -13.067 -5.670  -1.079  1.00 8.44  ? 139  LYS A CB  1 
ATOM   1077 C  CG  . LYS A 1 139 ? -14.533 -6.072  -1.159  1.00 11.32 ? 139  LYS A CG  1 
ATOM   1078 C  CD  . LYS A 1 139 ? -14.843 -6.780  -2.466  1.00 10.55 ? 139  LYS A CD  1 
ATOM   1079 C  CE  . LYS A 1 139 ? -16.293 -7.241  -2.509  1.00 17.16 ? 139  LYS A CE  1 
ATOM   1080 N  NZ  . LYS A 1 139 ? -17.252 -6.121  -2.287  1.00 22.40 ? 139  LYS A NZ  1 
ATOM   1081 N  N   . SER A 1 140 ? -13.785 -3.618  -3.870  1.00 16.81 ? 140  SER A N   1 
ATOM   1082 C  CA  . SER A 1 140 ? -14.581 -2.475  -4.269  1.00 15.53 ? 140  SER A CA  1 
ATOM   1083 C  C   . SER A 1 140 ? -16.051 -2.848  -4.161  1.00 21.97 ? 140  SER A C   1 
ATOM   1084 O  O   . SER A 1 140 ? -16.404 -4.025  -4.214  1.00 22.82 ? 140  SER A O   1 
ATOM   1085 C  CB  . SER A 1 140 ? -14.245 -2.069  -5.703  1.00 16.85 ? 140  SER A CB  1 
ATOM   1086 O  OG  . SER A 1 140 ? -15.097 -1.028  -6.147  1.00 21.35 ? 140  SER A OG  1 
ATOM   1087 N  N   . ASN A 1 141 ? -16.908 -1.845  -4.002  1.00 22.59 ? 141  ASN A N   1 
ATOM   1088 C  CA  . ASN A 1 141 ? -18.342 -2.086  -3.988  1.00 14.50 ? 141  ASN A CA  1 
ATOM   1089 C  C   . ASN A 1 141 ? -18.815 -2.662  -5.317  1.00 15.49 ? 141  ASN A C   1 
ATOM   1090 O  O   . ASN A 1 141 ? -19.853 -3.322  -5.386  1.00 21.25 ? 141  ASN A O   1 
ATOM   1091 C  CB  . ASN A 1 141 ? -19.102 -0.796  -3.675  1.00 19.25 ? 141  ASN A CB  1 
ATOM   1092 C  CG  . ASN A 1 141 ? -19.067 -0.437  -2.199  1.00 25.74 ? 141  ASN A CG  1 
ATOM   1093 O  OD1 . ASN A 1 141 ? -18.616 -1.222  -1.365  1.00 30.42 ? 141  ASN A OD1 1 
ATOM   1094 N  ND2 . ASN A 1 141 ? -19.554 0.757   -1.870  1.00 20.08 ? 141  ASN A ND2 1 
ATOM   1095 N  N   . ASP A 1 142 ? -18.034 -2.433  -6.366  1.00 15.75 ? 142  ASP A N   1 
ATOM   1096 C  CA  . ASP A 1 142 ? -18.464 -2.761  -7.721  1.00 26.34 ? 142  ASP A CA  1 
ATOM   1097 C  C   . ASP A 1 142 ? -17.731 -3.947  -8.348  1.00 35.38 ? 142  ASP A C   1 
ATOM   1098 O  O   . ASP A 1 142 ? -17.736 -4.106  -9.569  1.00 44.21 ? 142  ASP A O   1 
ATOM   1099 C  CB  . ASP A 1 142 ? -18.319 -1.530  -8.619  1.00 32.44 ? 142  ASP A CB  1 
ATOM   1100 C  CG  . ASP A 1 142 ? -19.026 -0.313  -8.056  1.00 55.18 ? 142  ASP A CG  1 
ATOM   1101 O  OD1 . ASP A 1 142 ? -19.942 -0.484  -7.222  1.00 62.51 ? 142  ASP A OD1 1 
ATOM   1102 O  OD2 . ASP A 1 142 ? -18.665 0.815   -8.449  1.00 65.65 ? 142  ASP A OD2 1 
ATOM   1103 N  N   . ASP A 1 143 ? -17.108 -4.777  -7.518  1.00 33.82 ? 143  ASP A N   1 
ATOM   1104 C  CA  . ASP A 1 143 ? -16.409 -5.967  -8.003  1.00 26.37 ? 143  ASP A CA  1 
ATOM   1105 C  C   . ASP A 1 143 ? -16.145 -6.929  -6.840  1.00 35.45 ? 143  ASP A C   1 
ATOM   1106 O  O   . ASP A 1 143 ? -16.398 -6.597  -5.679  1.00 24.78 ? 143  ASP A O   1 
ATOM   1107 C  CB  . ASP A 1 143 ? -15.098 -5.577  -8.701  1.00 21.43 ? 143  ASP A CB  1 
ATOM   1108 C  CG  . ASP A 1 143 ? -14.661 -6.590  -9.761  1.00 26.30 ? 143  ASP A CG  1 
ATOM   1109 O  OD1 . ASP A 1 143 ? -15.403 -7.565  -9.994  1.00 27.09 ? 143  ASP A OD1 1 
ATOM   1110 O  OD2 . ASP A 1 143 ? -13.574 -6.406  -10.363 1.00 16.05 ? 143  ASP A OD2 1 
ATOM   1111 N  N   . GLU A 1 144 ? -15.651 -8.123  -7.157  1.00 42.36 ? 144  GLU A N   1 
ATOM   1112 C  CA  . GLU A 1 144 ? -15.284 -9.100  -6.138  1.00 33.95 ? 144  GLU A CA  1 
ATOM   1113 C  C   . GLU A 1 144 ? -13.957 -8.707  -5.501  1.00 34.09 ? 144  GLU A C   1 
ATOM   1114 O  O   . GLU A 1 144 ? -13.317 -7.744  -5.928  1.00 33.99 ? 144  GLU A O   1 
ATOM   1115 C  CB  . GLU A 1 144 ? -15.175 -10.504 -6.744  1.00 24.10 ? 144  GLU A CB  1 
ATOM   1116 C  CG  . GLU A 1 144 ? -16.457 -11.031 -7.377  1.00 21.12 ? 144  GLU A CG  1 
ATOM   1117 C  CD  . GLU A 1 144 ? -17.561 -11.265 -6.363  1.00 41.11 ? 144  GLU A CD  1 
ATOM   1118 O  OE1 . GLU A 1 144 ? -17.540 -10.616 -5.297  1.00 57.38 ? 144  GLU A OE1 1 
ATOM   1119 O  OE2 . GLU A 1 144 ? -18.455 -12.095 -6.631  1.00 45.29 ? 144  GLU A OE2 1 
ATOM   1120 N  N   . GLN A 1 145 ? -13.548 -9.447  -4.474  1.00 30.52 ? 145  GLN A N   1 
ATOM   1121 C  CA  . GLN A 1 145 ? -12.267 -9.206  -3.821  1.00 17.52 ? 145  GLN A CA  1 
ATOM   1122 C  C   . GLN A 1 145 ? -11.154 -9.844  -4.637  1.00 11.58 ? 145  GLN A C   1 
ATOM   1123 O  O   . GLN A 1 145 ? -11.295 -10.966 -5.116  1.00 17.54 ? 145  GLN A O   1 
ATOM   1124 C  CB  . GLN A 1 145 ? -12.271 -9.764  -2.399  1.00 18.85 ? 145  GLN A CB  1 
ATOM   1125 C  CG  . GLN A 1 145 ? -10.990 -9.502  -1.630  1.00 22.45 ? 145  GLN A CG  1 
ATOM   1126 C  CD  . GLN A 1 145 ? -11.103 -9.872  -0.166  1.00 19.43 ? 145  GLN A CD  1 
ATOM   1127 O  OE1 . GLN A 1 145 ? -12.145 -9.672  0.462   1.00 18.39 ? 145  GLN A OE1 1 
ATOM   1128 N  NE2 . GLN A 1 145 ? -10.025 -10.408 0.390   1.00 18.93 ? 145  GLN A NE2 1 
ATOM   1129 N  N   . TYR A 1 146 ? -10.049 -9.125  -4.796  1.00 17.30 ? 146  TYR A N   1 
ATOM   1130 C  CA  . TYR A 1 146 ? -8.946  -9.604  -5.624  1.00 26.64 ? 146  TYR A CA  1 
ATOM   1131 C  C   . TYR A 1 146 ? -7.587  -9.451  -4.958  1.00 26.77 ? 146  TYR A C   1 
ATOM   1132 O  O   . TYR A 1 146 ? -7.445  -8.771  -3.943  1.00 33.98 ? 146  TYR A O   1 
ATOM   1133 C  CB  . TYR A 1 146 ? -8.932  -8.886  -6.974  1.00 25.29 ? 146  TYR A CB  1 
ATOM   1134 C  CG  . TYR A 1 146 ? -9.893  -9.463  -7.979  1.00 32.08 ? 146  TYR A CG  1 
ATOM   1135 C  CD1 . TYR A 1 146 ? -11.255 -9.207  -7.895  1.00 42.30 ? 146  TYR A CD1 1 
ATOM   1136 C  CD2 . TYR A 1 146 ? -9.440  -10.264 -9.015  1.00 34.59 ? 146  TYR A CD2 1 
ATOM   1137 C  CE1 . TYR A 1 146 ? -12.138 -9.734  -8.812  1.00 46.99 ? 146  TYR A CE1 1 
ATOM   1138 C  CE2 . TYR A 1 146 ? -10.315 -10.794 -9.939  1.00 44.31 ? 146  TYR A CE2 1 
ATOM   1139 C  CZ  . TYR A 1 146 ? -11.663 -10.527 -9.832  1.00 48.58 ? 146  TYR A CZ  1 
ATOM   1140 O  OH  . TYR A 1 146 ? -12.538 -11.055 -10.751 1.00 49.33 ? 146  TYR A OH  1 
ATOM   1141 N  N   . ILE A 1 147 ? -6.589  -10.094 -5.552  1.00 20.69 ? 147  ILE A N   1 
ATOM   1142 C  CA  . ILE A 1 147 ? -5.230  -10.028 -5.053  1.00 18.69 ? 147  ILE A CA  1 
ATOM   1143 C  C   . ILE A 1 147 ? -4.293  -9.616  -6.178  1.00 20.16 ? 147  ILE A C   1 
ATOM   1144 O  O   . ILE A 1 147 ? -4.257  -10.241 -7.236  1.00 22.54 ? 147  ILE A O   1 
ATOM   1145 C  CB  . ILE A 1 147 ? -4.770  -11.385 -4.487  1.00 16.46 ? 147  ILE A CB  1 
ATOM   1146 C  CG1 . ILE A 1 147 ? -5.907  -12.058 -3.715  1.00 8.26  ? 147  ILE A CG1 1 
ATOM   1147 C  CG2 . ILE A 1 147 ? -3.531  -11.202 -3.612  1.00 16.29 ? 147  ILE A CG2 1 
ATOM   1148 C  CD1 . ILE A 1 147 ? -5.602  -13.487 -3.301  1.00 3.48  ? 147  ILE A CD1 1 
ATOM   1149 N  N   . TRP A 1 148 ? -3.544  -8.550  -5.944  1.00 26.20 ? 148  TRP A N   1 
ATOM   1150 C  CA  . TRP A 1 148 ? -2.541  -8.090  -6.888  1.00 25.28 ? 148  TRP A CA  1 
ATOM   1151 C  C   . TRP A 1 148 ? -1.201  -8.372  -6.233  1.00 26.43 ? 148  TRP A C   1 
ATOM   1152 O  O   . TRP A 1 148 ? -1.005  -8.061  -5.062  1.00 38.80 ? 148  TRP A O   1 
ATOM   1153 C  CB  . TRP A 1 148 ? -2.723  -6.594  -7.150  1.00 17.88 ? 148  TRP A CB  1 
ATOM   1154 C  CG  . TRP A 1 148 ? -1.680  -5.970  -8.023  1.00 16.72 ? 148  TRP A CG  1 
ATOM   1155 C  CD1 . TRP A 1 148 ? -1.757  -5.757  -9.367  1.00 17.83 ? 148  TRP A CD1 1 
ATOM   1156 C  CD2 . TRP A 1 148 ? -0.409  -5.454  -7.605  1.00 22.98 ? 148  TRP A CD2 1 
ATOM   1157 N  NE1 . TRP A 1 148 ? -0.608  -5.148  -9.817  1.00 20.88 ? 148  TRP A NE1 1 
ATOM   1158 C  CE2 . TRP A 1 148 ? 0.235   -4.952  -8.756  1.00 17.32 ? 148  TRP A CE2 1 
ATOM   1159 C  CE3 . TRP A 1 148 ? 0.252   -5.373  -6.375  1.00 15.04 ? 148  TRP A CE3 1 
ATOM   1160 C  CZ2 . TRP A 1 148 ? 1.505   -4.380  -8.708  1.00 13.83 ? 148  TRP A CZ2 1 
ATOM   1161 C  CZ3 . TRP A 1 148 ? 1.510   -4.804  -6.330  1.00 9.21  ? 148  TRP A CZ3 1 
ATOM   1162 C  CH2 . TRP A 1 148 ? 2.124   -4.315  -7.490  1.00 14.87 ? 148  TRP A CH2 1 
ATOM   1163 N  N   . GLU A 1 149 ? -0.283  -8.984  -6.968  1.00 14.50 ? 149  GLU A N   1 
ATOM   1164 C  CA  . GLU A 1 149 ? 0.968   -9.394  -6.355  1.00 12.14 ? 149  GLU A CA  1 
ATOM   1165 C  C   . GLU A 1 149 ? 2.188   -9.116  -7.213  1.00 19.08 ? 149  GLU A C   1 
ATOM   1166 O  O   . GLU A 1 149 ? 2.226   -9.448  -8.396  1.00 24.16 ? 149  GLU A O   1 
ATOM   1167 C  CB  . GLU A 1 149 ? 0.923   -10.874 -5.989  1.00 14.11 ? 149  GLU A CB  1 
ATOM   1168 C  CG  . GLU A 1 149 ? 2.166   -11.354 -5.279  1.00 15.35 ? 149  GLU A CG  1 
ATOM   1169 C  CD  . GLU A 1 149 ? 1.993   -12.734 -4.694  1.00 24.21 ? 149  GLU A CD  1 
ATOM   1170 O  OE1 . GLU A 1 149 ? 1.017   -13.417 -5.068  1.00 35.35 ? 149  GLU A OE1 1 
ATOM   1171 O  OE2 . GLU A 1 149 ? 2.829   -13.135 -3.859  1.00 26.89 ? 149  GLU A OE2 1 
ATOM   1172 N  N   . SER A 1 150 ? 3.186   -8.503  -6.594  1.00 20.63 ? 150  SER A N   1 
ATOM   1173 C  CA  . SER A 1 150 ? 4.447   -8.227  -7.253  1.00 28.91 ? 150  SER A CA  1 
ATOM   1174 C  C   . SER A 1 150 ? 5.585   -8.660  -6.343  1.00 33.28 ? 150  SER A C   1 
ATOM   1175 O  O   . SER A 1 150 ? 5.525   -8.474  -5.130  1.00 27.25 ? 150  SER A O   1 
ATOM   1176 C  CB  . SER A 1 150 ? 4.565   -6.738  -7.575  1.00 35.37 ? 150  SER A CB  1 
ATOM   1177 O  OG  . SER A 1 150 ? 5.860   -6.414  -8.050  1.00 41.55 ? 150  SER A OG  1 
ATOM   1178 N  N   . ASN A 1 151 ? 6.610   -9.258  -6.936  1.00 45.17 ? 151  ASN A N   1 
ATOM   1179 C  CA  . ASN A 1 151 ? 7.802   -9.644  -6.196  1.00 41.65 ? 151  ASN A CA  1 
ATOM   1180 C  C   . ASN A 1 151 ? 8.989   -8.804  -6.646  1.00 43.24 ? 151  ASN A C   1 
ATOM   1181 O  O   . ASN A 1 151 ? 10.135  -9.253  -6.600  1.00 43.64 ? 151  ASN A O   1 
ATOM   1182 C  CB  . ASN A 1 151 ? 8.099   -11.126 -6.401  1.00 42.83 ? 151  ASN A CB  1 
ATOM   1183 C  CG  . ASN A 1 151 ? 8.573   -11.436 -7.806  1.00 51.98 ? 151  ASN A CG  1 
ATOM   1184 O  OD1 . ASN A 1 151 ? 8.394   -10.636 -8.726  1.00 51.40 ? 151  ASN A OD1 1 
ATOM   1185 N  ND2 . ASN A 1 151 ? 9.184   -12.602 -7.981  1.00 60.82 ? 151  ASN A ND2 1 
ATOM   1186 N  N   . ALA A 1 152 ? 8.693   -7.587  -7.095  1.00 41.24 ? 152  ALA A N   1 
ATOM   1187 C  CA  . ALA A 1 152 ? 9.708   -6.653  -7.570  1.00 47.73 ? 152  ALA A CA  1 
ATOM   1188 C  C   . ALA A 1 152 ? 10.279  -7.057  -8.927  1.00 63.16 ? 152  ALA A C   1 
ATOM   1189 O  O   . ALA A 1 152 ? 11.141  -6.368  -9.476  1.00 77.11 ? 152  ALA A O   1 
ATOM   1190 C  CB  . ALA A 1 152 ? 10.817  -6.490  -6.540  1.00 46.11 ? 152  ALA A CB  1 
ATOM   1191 N  N   . GLY A 1 153 ? 9.794   -8.171  -9.466  1.00 57.32 ? 153  GLY A N   1 
ATOM   1192 C  CA  . GLY A 1 153 ? 10.166  -8.600  -10.801 1.00 54.64 ? 153  GLY A CA  1 
ATOM   1193 C  C   . GLY A 1 153 ? 9.567   -7.703  -11.869 1.00 57.76 ? 153  GLY A C   1 
ATOM   1194 O  O   . GLY A 1 153 ? 9.087   -6.606  -11.577 1.00 62.41 ? 153  GLY A O   1 
ATOM   1195 N  N   . GLY A 1 154 ? 9.588   -8.171  -13.113 1.00 51.23 ? 154  GLY A N   1 
ATOM   1196 C  CA  . GLY A 1 154 ? 9.100   -7.387  -14.232 1.00 31.32 ? 154  GLY A CA  1 
ATOM   1197 C  C   . GLY A 1 154 ? 7.604   -7.491  -14.448 1.00 31.70 ? 154  GLY A C   1 
ATOM   1198 O  O   . GLY A 1 154 ? 7.020   -6.677  -15.160 1.00 42.81 ? 154  GLY A O   1 
ATOM   1199 N  N   . SER A 1 155 ? 6.978   -8.490  -13.834 1.00 35.59 ? 155  SER A N   1 
ATOM   1200 C  CA  . SER A 1 155 ? 5.546   -8.712  -14.013 1.00 35.43 ? 155  SER A CA  1 
ATOM   1201 C  C   . SER A 1 155 ? 4.797   -8.758  -12.683 1.00 36.79 ? 155  SER A C   1 
ATOM   1202 O  O   . SER A 1 155 ? 5.400   -8.703  -11.615 1.00 42.10 ? 155  SER A O   1 
ATOM   1203 C  CB  . SER A 1 155 ? 5.298   -10.008 -14.787 1.00 34.77 ? 155  SER A CB  1 
ATOM   1204 O  OG  . SER A 1 155 ? 5.525   -11.142 -13.970 1.00 40.56 ? 155  SER A OG  1 
ATOM   1205 N  N   . PHE A 1 156 ? 3.475   -8.855  -12.760 1.00 26.81 ? 156  PHE A N   1 
ATOM   1206 C  CA  . PHE A 1 156 ? 2.638   -8.983  -11.575 1.00 21.70 ? 156  PHE A CA  1 
ATOM   1207 C  C   . PHE A 1 156 ? 1.434   -9.855  -11.899 1.00 21.50 ? 156  PHE A C   1 
ATOM   1208 O  O   . PHE A 1 156 ? 1.204   -10.195 -13.059 1.00 27.14 ? 156  PHE A O   1 
ATOM   1209 C  CB  . PHE A 1 156 ? 2.189   -7.609  -11.074 1.00 25.78 ? 156  PHE A CB  1 
ATOM   1210 C  CG  . PHE A 1 156 ? 1.362   -6.838  -12.065 1.00 22.33 ? 156  PHE A CG  1 
ATOM   1211 C  CD1 . PHE A 1 156 ? -0.018  -6.982  -12.098 1.00 26.90 ? 156  PHE A CD1 1 
ATOM   1212 C  CD2 . PHE A 1 156 ? 1.961   -5.963  -12.956 1.00 10.20 ? 156  PHE A CD2 1 
ATOM   1213 C  CE1 . PHE A 1 156 ? -0.783  -6.272  -13.006 1.00 18.47 ? 156  PHE A CE1 1 
ATOM   1214 C  CE2 . PHE A 1 156 ? 1.202   -5.248  -13.865 1.00 7.44  ? 156  PHE A CE2 1 
ATOM   1215 C  CZ  . PHE A 1 156 ? -0.172  -5.402  -13.889 1.00 10.98 ? 156  PHE A CZ  1 
ATOM   1216 N  N   . THR A 1 157 ? 0.664   -10.221 -10.881 1.00 21.21 ? 157  THR A N   1 
ATOM   1217 C  CA  . THR A 1 157 ? -0.468  -11.115 -11.091 1.00 24.36 ? 157  THR A CA  1 
ATOM   1218 C  C   . THR A 1 157 ? -1.714  -10.673 -10.341 1.00 28.76 ? 157  THR A C   1 
ATOM   1219 O  O   . THR A 1 157 ? -1.631  -10.101 -9.254  1.00 30.46 ? 157  THR A O   1 
ATOM   1220 C  CB  . THR A 1 157 ? -0.137  -12.553 -10.664 1.00 29.88 ? 157  THR A CB  1 
ATOM   1221 O  OG1 . THR A 1 157 ? 0.131   -12.581 -9.259  1.00 42.08 ? 157  THR A OG1 1 
ATOM   1222 C  CG2 . THR A 1 157 ? 1.075   -13.071 -11.417 1.00 34.19 ? 157  THR A CG2 1 
ATOM   1223 N  N   . VAL A 1 158 ? -2.870  -10.952 -10.933 1.00 27.82 ? 158  VAL A N   1 
ATOM   1224 C  CA  . VAL A 1 158 ? -4.151  -10.652 -10.313 1.00 20.57 ? 158  VAL A CA  1 
ATOM   1225 C  C   . VAL A 1 158 ? -4.974  -11.932 -10.219 1.00 25.00 ? 158  VAL A C   1 
ATOM   1226 O  O   . VAL A 1 158 ? -5.185  -12.618 -11.218 1.00 34.83 ? 158  VAL A O   1 
ATOM   1227 C  CB  . VAL A 1 158 ? -4.931  -9.601  -11.121 1.00 9.35  ? 158  VAL A CB  1 
ATOM   1228 C  CG1 . VAL A 1 158 ? -5.919  -8.868  -10.224 1.00 11.17 ? 158  VAL A CG1 1 
ATOM   1229 C  CG2 . VAL A 1 158 ? -3.973  -8.618  -11.768 1.00 12.85 ? 158  VAL A CG2 1 
ATOM   1230 N  N   . THR A 1 159 ? -5.435  -12.254 -9.014  1.00 19.29 ? 159  THR A N   1 
ATOM   1231 C  CA  . THR A 1 159 ? -6.176  -13.487 -8.789  1.00 20.96 ? 159  THR A CA  1 
ATOM   1232 C  C   . THR A 1 159 ? -7.419  -13.237 -7.955  1.00 15.31 ? 159  THR A C   1 
ATOM   1233 O  O   . THR A 1 159 ? -7.355  -12.571 -6.924  1.00 26.37 ? 159  THR A O   1 
ATOM   1234 C  CB  . THR A 1 159 ? -5.320  -14.531 -8.048  1.00 26.62 ? 159  THR A CB  1 
ATOM   1235 O  OG1 . THR A 1 159 ? -4.018  -14.599 -8.642  1.00 37.77 ? 159  THR A OG1 1 
ATOM   1236 C  CG2 . THR A 1 159 ? -5.984  -15.901 -8.099  1.00 20.59 ? 159  THR A CG2 1 
ATOM   1237 N  N   . LEU A 1 160 ? -8.551  -13.768 -8.398  1.00 12.19 ? 160  LEU A N   1 
ATOM   1238 C  CA  . LEU A 1 160 ? -9.763  -13.674 -7.607  1.00 13.64 ? 160  LEU A CA  1 
ATOM   1239 C  C   . LEU A 1 160 ? -9.437  -14.199 -6.218  1.00 21.34 ? 160  LEU A C   1 
ATOM   1240 O  O   . LEU A 1 160 ? -8.851  -15.274 -6.074  1.00 29.69 ? 160  LEU A O   1 
ATOM   1241 C  CB  . LEU A 1 160 ? -10.894 -14.486 -8.235  1.00 15.57 ? 160  LEU A CB  1 
ATOM   1242 C  CG  . LEU A 1 160 ? -12.168 -14.537 -7.386  1.00 28.90 ? 160  LEU A CG  1 
ATOM   1243 C  CD1 . LEU A 1 160 ? -12.795 -13.158 -7.279  1.00 24.43 ? 160  LEU A CD1 1 
ATOM   1244 C  CD2 . LEU A 1 160 ? -13.165 -15.538 -7.944  1.00 30.83 ? 160  LEU A CD2 1 
ATOM   1245 N  N   . ASP A 1 161 ? -9.793  -13.431 -5.196  1.00 23.34 ? 161  ASP A N   1 
ATOM   1246 C  CA  . ASP A 1 161 ? -9.449  -13.789 -3.826  1.00 27.46 ? 161  ASP A CA  1 
ATOM   1247 C  C   . ASP A 1 161 ? -10.399 -14.834 -3.255  1.00 29.85 ? 161  ASP A C   1 
ATOM   1248 O  O   . ASP A 1 161 ? -11.590 -14.577 -3.078  1.00 31.53 ? 161  ASP A O   1 
ATOM   1249 C  CB  . ASP A 1 161 ? -9.431  -12.546 -2.934  1.00 28.58 ? 161  ASP A CB  1 
ATOM   1250 C  CG  . ASP A 1 161 ? -8.826  -12.814 -1.569  1.00 25.34 ? 161  ASP A CG  1 
ATOM   1251 O  OD1 . ASP A 1 161 ? -9.206  -13.815 -0.930  1.00 28.85 ? 161  ASP A OD1 1 
ATOM   1252 O  OD2 . ASP A 1 161 ? -7.971  -12.018 -1.130  1.00 26.40 ? 161  ASP A OD2 1 
ATOM   1253 N  N   . GLU A 1 162 ? -9.858  -16.013 -2.968  1.00 29.75 ? 162  GLU A N   1 
ATOM   1254 C  CA  . GLU A 1 162 ? -10.609 -17.070 -2.305  1.00 22.33 ? 162  GLU A CA  1 
ATOM   1255 C  C   . GLU A 1 162 ? -9.801  -17.660 -1.156  1.00 31.77 ? 162  GLU A C   1 
ATOM   1256 O  O   . GLU A 1 162 ? -10.059 -18.780 -0.715  1.00 35.63 ? 162  GLU A O   1 
ATOM   1257 C  CB  . GLU A 1 162 ? -10.983 -18.164 -3.304  1.00 21.54 ? 162  GLU A CB  1 
ATOM   1258 C  CG  . GLU A 1 162 ? -12.222 -17.853 -4.125  1.00 33.38 ? 162  GLU A CG  1 
ATOM   1259 C  CD  . GLU A 1 162 ? -12.314 -18.695 -5.384  1.00 46.74 ? 162  GLU A CD  1 
ATOM   1260 O  OE1 . GLU A 1 162 ? -11.516 -19.645 -5.530  1.00 45.37 ? 162  GLU A OE1 1 
ATOM   1261 O  OE2 . GLU A 1 162 ? -13.183 -18.402 -6.232  1.00 53.93 ? 162  GLU A OE2 1 
ATOM   1262 N  N   . VAL A 1 163 ? -8.828  -16.898 -0.664  1.00 28.21 ? 163  VAL A N   1 
ATOM   1263 C  CA  . VAL A 1 163 ? -7.914  -17.400 0.355   1.00 26.19 ? 163  VAL A CA  1 
ATOM   1264 C  C   . VAL A 1 163 ? -7.763  -16.458 1.545   1.00 27.92 ? 163  VAL A C   1 
ATOM   1265 O  O   . VAL A 1 163 ? -7.467  -16.890 2.655   1.00 32.24 ? 163  VAL A O   1 
ATOM   1266 C  CB  . VAL A 1 163 ? -6.529  -17.668 -0.242  1.00 12.55 ? 163  VAL A CB  1 
ATOM   1267 C  CG1 . VAL A 1 163 ? -6.576  -18.893 -1.135  1.00 16.30 ? 163  VAL A CG1 1 
ATOM   1268 C  CG2 . VAL A 1 163 ? -6.064  -16.464 -1.024  1.00 17.02 ? 163  VAL A CG2 1 
ATOM   1269 N  N   . ASN A 1 164 ? -7.962  -15.170 1.308   1.00 28.06 ? 164  ASN A N   1 
ATOM   1270 C  CA  . ASN A 1 164 ? -7.826  -14.182 2.366   1.00 26.30 ? 164  ASN A CA  1 
ATOM   1271 C  C   . ASN A 1 164 ? -9.161  -13.898 3.033   1.00 25.75 ? 164  ASN A C   1 
ATOM   1272 O  O   . ASN A 1 164 ? -10.215 -14.178 2.467   1.00 33.82 ? 164  ASN A O   1 
ATOM   1273 C  CB  . ASN A 1 164 ? -7.243  -12.888 1.803   1.00 28.02 ? 164  ASN A CB  1 
ATOM   1274 C  CG  . ASN A 1 164 ? -5.829  -13.061 1.306   1.00 22.33 ? 164  ASN A CG  1 
ATOM   1275 O  OD1 . ASN A 1 164 ? -4.988  -13.636 1.995   1.00 30.33 ? 164  ASN A OD1 1 
ATOM   1276 N  ND2 . ASN A 1 164 ? -5.554  -12.563 0.106   1.00 17.92 ? 164  ASN A ND2 1 
ATOM   1277 N  N   . GLU A 1 165 ? -9.113  -13.342 4.239   1.00 33.18 ? 165  GLU A N   1 
ATOM   1278 C  CA  . GLU A 1 165 ? -10.326 -12.951 4.946   1.00 33.49 ? 165  GLU A CA  1 
ATOM   1279 C  C   . GLU A 1 165 ? -11.116 -11.964 4.097   1.00 34.23 ? 165  GLU A C   1 
ATOM   1280 O  O   . GLU A 1 165 ? -10.563 -11.303 3.220   1.00 39.45 ? 165  GLU A O   1 
ATOM   1281 C  CB  . GLU A 1 165 ? -9.979  -12.302 6.283   1.00 25.88 ? 165  GLU A CB  1 
ATOM   1282 C  CG  . GLU A 1 165 ? -8.999  -11.147 6.146   1.00 40.52 ? 165  GLU A CG  1 
ATOM   1283 C  CD  . GLU A 1 165 ? -9.181  -10.090 7.216   1.00 51.08 ? 165  GLU A CD  1 
ATOM   1284 O  OE1 . GLU A 1 165 ? -10.331 -9.878  7.654   1.00 54.39 ? 165  GLU A OE1 1 
ATOM   1285 O  OE2 . GLU A 1 165 ? -8.175  -9.463  7.611   1.00 54.56 ? 165  GLU A OE2 1 
ATOM   1286 N  N   . ARG A 1 166 ? -12.413 -11.868 4.360   1.00 24.28 ? 166  ARG A N   1 
ATOM   1287 C  CA  . ARG A 1 166 ? -13.255 -10.924 3.643   1.00 24.66 ? 166  ARG A CA  1 
ATOM   1288 C  C   . ARG A 1 166 ? -13.145 -9.528  4.245   1.00 27.90 ? 166  ARG A C   1 
ATOM   1289 O  O   . ARG A 1 166 ? -13.588 -9.291  5.371   1.00 28.13 ? 166  ARG A O   1 
ATOM   1290 C  CB  . ARG A 1 166 ? -14.717 -11.369 3.688   1.00 16.18 ? 166  ARG A CB  1 
ATOM   1291 C  CG  . ARG A 1 166 ? -14.997 -12.733 3.092   1.00 15.19 ? 166  ARG A CG  1 
ATOM   1292 C  CD  . ARG A 1 166 ? -14.639 -12.794 1.619   1.00 18.03 ? 166  ARG A CD  1 
ATOM   1293 N  NE  . ARG A 1 166 ? -13.365 -13.467 1.394   1.00 25.20 ? 166  ARG A NE  1 
ATOM   1294 C  CZ  . ARG A 1 166 ? -12.882 -13.756 0.191   1.00 25.34 ? 166  ARG A CZ  1 
ATOM   1295 N  NH1 . ARG A 1 166 ? -13.567 -13.420 -0.892  1.00 25.36 ? 166  ARG A NH1 1 
ATOM   1296 N  NH2 . ARG A 1 166 ? -11.714 -14.375 0.072   1.00 21.59 ? 166  ARG A NH2 1 
ATOM   1297 N  N   . ILE A 1 167 ? -12.553 -8.602  3.503   1.00 21.64 ? 167  ILE A N   1 
ATOM   1298 C  CA  . ILE A 1 167 ? -12.643 -7.200  3.876   1.00 22.94 ? 167  ILE A CA  1 
ATOM   1299 C  C   . ILE A 1 167 ? -13.939 -6.674  3.267   1.00 32.01 ? 167  ILE A C   1 
ATOM   1300 O  O   . ILE A 1 167 ? -14.225 -6.932  2.096   1.00 48.52 ? 167  ILE A O   1 
ATOM   1301 C  CB  . ILE A 1 167 ? -11.412 -6.378  3.405   1.00 9.96  ? 167  ILE A CB  1 
ATOM   1302 C  CG1 . ILE A 1 167 ? -11.456 -6.116  1.903   1.00 5.63  ? 167  ILE A CG1 1 
ATOM   1303 C  CG2 . ILE A 1 167 ? -10.120 -7.093  3.758   1.00 13.23 ? 167  ILE A CG2 1 
ATOM   1304 C  CD1 . ILE A 1 167 ? -10.265 -5.334  1.396   1.00 8.61  ? 167  ILE A CD1 1 
ATOM   1305 N  N   . GLY A 1 168 ? -14.745 -5.981  4.065   1.00 19.90 ? 168  GLY A N   1 
ATOM   1306 C  CA  . GLY A 1 168 ? -16.011 -5.458  3.579   1.00 8.35  ? 168  GLY A CA  1 
ATOM   1307 C  C   . GLY A 1 168 ? -15.801 -4.494  2.427   1.00 10.90 ? 168  GLY A C   1 
ATOM   1308 O  O   . GLY A 1 168 ? -16.453 -4.588  1.388   1.00 14.54 ? 168  GLY A O   1 
ATOM   1309 N  N   . ARG A 1 169 ? -14.870 -3.567  2.611   1.00 13.57 ? 169  ARG A N   1 
ATOM   1310 C  CA  . ARG A 1 169 ? -14.555 -2.576  1.592   1.00 20.52 ? 169  ARG A CA  1 
ATOM   1311 C  C   . ARG A 1 169 ? -13.176 -2.003  1.890   1.00 21.51 ? 169  ARG A C   1 
ATOM   1312 O  O   . ARG A 1 169 ? -12.813 -1.824  3.052   1.00 35.32 ? 169  ARG A O   1 
ATOM   1313 C  CB  . ARG A 1 169 ? -15.604 -1.460  1.603   1.00 25.37 ? 169  ARG A CB  1 
ATOM   1314 C  CG  . ARG A 1 169 ? -15.472 -0.438  0.484   1.00 19.89 ? 169  ARG A CG  1 
ATOM   1315 C  CD  . ARG A 1 169 ? -16.412 0.738   0.708   1.00 16.56 ? 169  ARG A CD  1 
ATOM   1316 N  NE  . ARG A 1 169 ? -16.033 1.513   1.887   1.00 25.50 ? 169  ARG A NE  1 
ATOM   1317 C  CZ  . ARG A 1 169 ? -16.628 1.415   3.071   1.00 28.86 ? 169  ARG A CZ  1 
ATOM   1318 N  NH1 . ARG A 1 169 ? -17.644 0.579   3.238   1.00 20.81 ? 169  ARG A NH1 1 
ATOM   1319 N  NH2 . ARG A 1 169 ? -16.210 2.159   4.087   1.00 25.36 ? 169  ARG A NH2 1 
ATOM   1320 N  N   . GLY A 1 170 ? -12.399 -1.733  0.849   1.00 11.55 ? 170  GLY A N   1 
ATOM   1321 C  CA  . GLY A 1 170 ? -11.096 -1.127  1.044   1.00 13.92 ? 170  GLY A CA  1 
ATOM   1322 C  C   . GLY A 1 170 ? -9.934  -1.893  0.449   1.00 20.54 ? 170  GLY A C   1 
ATOM   1323 O  O   . GLY A 1 170 ? -10.046 -2.496  -0.620  1.00 23.88 ? 170  GLY A O   1 
ATOM   1324 N  N   . THR A 1 171 ? -8.805  -1.864  1.151   1.00 14.36 ? 171  THR A N   1 
ATOM   1325 C  CA  . THR A 1 171 ? -7.570  -2.427  0.626   1.00 19.57 ? 171  THR A CA  1 
ATOM   1326 C  C   . THR A 1 171 ? -6.632  -2.869  1.743   1.00 19.86 ? 171  THR A C   1 
ATOM   1327 O  O   . THR A 1 171 ? -6.564  -2.237  2.796   1.00 18.86 ? 171  THR A O   1 
ATOM   1328 C  CB  . THR A 1 171 ? -6.841  -1.406  -0.281  1.00 18.52 ? 171  THR A CB  1 
ATOM   1329 O  OG1 . THR A 1 171 ? -7.664  -1.092  -1.413  1.00 23.08 ? 171  THR A OG1 1 
ATOM   1330 C  CG2 . THR A 1 171 ? -5.509  -1.961  -0.772  1.00 14.84 ? 171  THR A CG2 1 
ATOM   1331 N  N   . ILE A 1 172 ? -5.922  -3.968  1.508   1.00 20.29 ? 172  ILE A N   1 
ATOM   1332 C  CA  . ILE A 1 172 ? -4.874  -4.425  2.411   1.00 16.22 ? 172  ILE A CA  1 
ATOM   1333 C  C   . ILE A 1 172 ? -3.544  -4.483  1.670   1.00 24.83 ? 172  ILE A C   1 
ATOM   1334 O  O   . ILE A 1 172 ? -3.454  -5.046  0.578   1.00 26.91 ? 172  ILE A O   1 
ATOM   1335 C  CB  . ILE A 1 172 ? -5.177  -5.825  2.988   1.00 13.30 ? 172  ILE A CB  1 
ATOM   1336 C  CG1 . ILE A 1 172 ? -6.381  -5.781  3.927   1.00 7.76  ? 172  ILE A CG1 1 
ATOM   1337 C  CG2 . ILE A 1 172 ? -3.971  -6.371  3.737   1.00 6.45  ? 172  ILE A CG2 1 
ATOM   1338 C  CD1 . ILE A 1 172 ? -6.755  -7.146  4.478   1.00 2.82  ? 172  ILE A CD1 1 
ATOM   1339 N  N   . LEU A 1 173 ? -2.514  -3.890  2.262   1.00 36.56 ? 173  LEU A N   1 
ATOM   1340 C  CA  . LEU A 1 173 ? -1.161  -4.000  1.734   1.00 23.29 ? 173  LEU A CA  1 
ATOM   1341 C  C   . LEU A 1 173 ? -0.348  -4.980  2.564   1.00 28.03 ? 173  LEU A C   1 
ATOM   1342 O  O   . LEU A 1 173 ? 0.123   -4.647  3.653   1.00 23.94 ? 173  LEU A O   1 
ATOM   1343 C  CB  . LEU A 1 173 ? -0.471  -2.641  1.715   1.00 9.65  ? 173  LEU A CB  1 
ATOM   1344 C  CG  . LEU A 1 173 ? -0.562  -1.908  0.381   1.00 6.86  ? 173  LEU A CG  1 
ATOM   1345 C  CD1 . LEU A 1 173 ? -2.014  -1.646  0.027   1.00 2.88  ? 173  LEU A CD1 1 
ATOM   1346 C  CD2 . LEU A 1 173 ? 0.244   -0.618  0.421   1.00 8.64  ? 173  LEU A CD2 1 
ATOM   1347 N  N   . ARG A 1 174 ? -0.195  -6.194  2.047   1.00 25.67 ? 174  ARG A N   1 
ATOM   1348 C  CA  . ARG A 1 174 ? 0.556   -7.223  2.750   1.00 19.54 ? 174  ARG A CA  1 
ATOM   1349 C  C   . ARG A 1 174 ? 2.013   -7.183  2.323   1.00 31.51 ? 174  ARG A C   1 
ATOM   1350 O  O   . ARG A 1 174 ? 2.405   -7.825  1.349   1.00 41.21 ? 174  ARG A O   1 
ATOM   1351 C  CB  . ARG A 1 174 ? -0.042  -8.598  2.476   1.00 12.52 ? 174  ARG A CB  1 
ATOM   1352 C  CG  . ARG A 1 174 ? 0.570   -9.712  3.299   1.00 8.80  ? 174  ARG A CG  1 
ATOM   1353 C  CD  . ARG A 1 174 ? -0.190  -11.006 3.090   1.00 9.86  ? 174  ARG A CD  1 
ATOM   1354 N  NE  . ARG A 1 174 ? -1.567  -10.896 3.561   1.00 15.78 ? 174  ARG A NE  1 
ATOM   1355 C  CZ  . ARG A 1 174 ? -2.500  -11.822 3.364   1.00 20.59 ? 174  ARG A CZ  1 
ATOM   1356 N  NH1 . ARG A 1 174 ? -2.208  -12.930 2.698   1.00 28.29 ? 174  ARG A NH1 1 
ATOM   1357 N  NH2 . ARG A 1 174 ? -3.727  -11.638 3.832   1.00 22.61 ? 174  ARG A NH2 1 
ATOM   1358 N  N   . LEU A 1 175 ? 2.810   -6.414  3.057   1.00 33.24 ? 175  LEU A N   1 
ATOM   1359 C  CA  . LEU A 1 175 ? 4.228   -6.271  2.763   1.00 26.81 ? 175  LEU A CA  1 
ATOM   1360 C  C   . LEU A 1 175 ? 5.013   -7.411  3.394   1.00 26.43 ? 175  LEU A C   1 
ATOM   1361 O  O   . LEU A 1 175 ? 4.958   -7.622  4.605   1.00 26.13 ? 175  LEU A O   1 
ATOM   1362 C  CB  . LEU A 1 175 ? 4.754   -4.930  3.284   1.00 23.31 ? 175  LEU A CB  1 
ATOM   1363 C  CG  . LEU A 1 175 ? 3.907   -3.690  2.989   1.00 29.01 ? 175  LEU A CG  1 
ATOM   1364 C  CD1 . LEU A 1 175 ? 4.504   -2.472  3.667   1.00 35.00 ? 175  LEU A CD1 1 
ATOM   1365 C  CD2 . LEU A 1 175 ? 3.770   -3.456  1.493   1.00 31.27 ? 175  LEU A CD2 1 
ATOM   1366 N  N   . PHE A 1 176 ? 5.733   -8.154  2.564   1.00 27.49 ? 176  PHE A N   1 
ATOM   1367 C  CA  . PHE A 1 176 ? 6.635   -9.184  3.052   1.00 24.44 ? 176  PHE A CA  1 
ATOM   1368 C  C   . PHE A 1 176 ? 7.999   -8.540  3.257   1.00 26.82 ? 176  PHE A C   1 
ATOM   1369 O  O   . PHE A 1 176 ? 8.732   -8.294  2.296   1.00 22.38 ? 176  PHE A O   1 
ATOM   1370 C  CB  . PHE A 1 176 ? 6.724   -10.341 2.055   1.00 19.58 ? 176  PHE A CB  1 
ATOM   1371 C  CG  . PHE A 1 176 ? 5.400   -11.002 1.768   1.00 16.54 ? 176  PHE A CG  1 
ATOM   1372 C  CD1 . PHE A 1 176 ? 4.501   -10.433 0.877   1.00 17.70 ? 176  PHE A CD1 1 
ATOM   1373 C  CD2 . PHE A 1 176 ? 5.060   -12.196 2.381   1.00 11.10 ? 176  PHE A CD2 1 
ATOM   1374 C  CE1 . PHE A 1 176 ? 3.284   -11.042 0.605   1.00 17.29 ? 176  PHE A CE1 1 
ATOM   1375 C  CE2 . PHE A 1 176 ? 3.849   -12.810 2.114   1.00 14.87 ? 176  PHE A CE2 1 
ATOM   1376 C  CZ  . PHE A 1 176 ? 2.958   -12.232 1.223   1.00 14.60 ? 176  PHE A CZ  1 
ATOM   1377 N  N   . LEU A 1 177 ? 8.321   -8.258  4.516   1.00 27.57 ? 177  LEU A N   1 
ATOM   1378 C  CA  . LEU A 1 177 ? 9.500   -7.472  4.868   1.00 22.61 ? 177  LEU A CA  1 
ATOM   1379 C  C   . LEU A 1 177 ? 10.816  -8.184  4.577   1.00 28.15 ? 177  LEU A C   1 
ATOM   1380 O  O   . LEU A 1 177 ? 10.882  -9.415  4.571   1.00 30.58 ? 177  LEU A O   1 
ATOM   1381 C  CB  . LEU A 1 177 ? 9.458   -7.091  6.348   1.00 17.43 ? 177  LEU A CB  1 
ATOM   1382 C  CG  . LEU A 1 177 ? 8.349   -6.154  6.817   1.00 12.57 ? 177  LEU A CG  1 
ATOM   1383 C  CD1 . LEU A 1 177 ? 8.418   -5.989  8.329   1.00 5.78  ? 177  LEU A CD1 1 
ATOM   1384 C  CD2 . LEU A 1 177 ? 8.453   -4.805  6.113   1.00 8.42  ? 177  LEU A CD2 1 
ATOM   1385 N  N   . LYS A 1 178 ? 11.859  -7.394  4.340   1.00 22.64 ? 178  LYS A N   1 
ATOM   1386 C  CA  . LYS A 1 178 ? 13.211  -7.915  4.185   1.00 20.61 ? 178  LYS A CA  1 
ATOM   1387 C  C   . LYS A 1 178 ? 13.771  -8.289  5.548   1.00 34.89 ? 178  LYS A C   1 
ATOM   1388 O  O   . LYS A 1 178 ? 13.389  -7.704  6.563   1.00 37.63 ? 178  LYS A O   1 
ATOM   1389 C  CB  . LYS A 1 178 ? 14.115  -6.864  3.547   1.00 21.87 ? 178  LYS A CB  1 
ATOM   1390 C  CG  . LYS A 1 178 ? 13.835  -6.586  2.085   1.00 22.39 ? 178  LYS A CG  1 
ATOM   1391 C  CD  . LYS A 1 178 ? 14.464  -5.268  1.654   1.00 17.55 ? 178  LYS A CD  1 
ATOM   1392 C  CE  . LYS A 1 178 ? 14.502  -5.156  0.141   1.00 24.29 ? 178  LYS A CE  1 
ATOM   1393 N  NZ  . LYS A 1 178 ? 14.753  -3.761  -0.306  1.00 35.42 ? 178  LYS A NZ  1 
ATOM   1394 N  N   . ASP A 1 179 ? 14.686  -9.253  5.569   1.00 40.89 ? 179  ASP A N   1 
ATOM   1395 C  CA  . ASP A 1 179 ? 15.269  -9.719  6.824   1.00 40.06 ? 179  ASP A CA  1 
ATOM   1396 C  C   . ASP A 1 179 ? 15.971  -8.603  7.595   1.00 31.12 ? 179  ASP A C   1 
ATOM   1397 O  O   . ASP A 1 179 ? 16.103  -8.672  8.816   1.00 34.17 ? 179  ASP A O   1 
ATOM   1398 C  CB  . ASP A 1 179 ? 16.226  -10.883 6.575   1.00 47.02 ? 179  ASP A CB  1 
ATOM   1399 C  CG  . ASP A 1 179 ? 15.509  -12.129 6.099   1.00 62.64 ? 179  ASP A CG  1 
ATOM   1400 O  OD1 . ASP A 1 179 ? 14.261  -12.125 6.092   1.00 69.43 ? 179  ASP A OD1 1 
ATOM   1401 O  OD2 . ASP A 1 179 ? 16.189  -13.111 5.732   1.00 69.74 ? 179  ASP A OD2 1 
ATOM   1402 N  N   . ASP A 1 180 ? 16.408  -7.571  6.882   1.00 25.40 ? 180  ASP A N   1 
ATOM   1403 C  CA  . ASP A 1 180 ? 17.090  -6.449  7.517   1.00 36.43 ? 180  ASP A CA  1 
ATOM   1404 C  C   . ASP A 1 180 ? 16.169  -5.248  7.744   1.00 49.02 ? 180  ASP A C   1 
ATOM   1405 O  O   . ASP A 1 180 ? 16.642  -4.136  7.981   1.00 56.37 ? 180  ASP A O   1 
ATOM   1406 C  CB  . ASP A 1 180 ? 18.314  -6.021  6.700   1.00 41.06 ? 180  ASP A CB  1 
ATOM   1407 C  CG  . ASP A 1 180 ? 17.942  -5.363  5.385   1.00 48.33 ? 180  ASP A CG  1 
ATOM   1408 O  OD1 . ASP A 1 180 ? 17.295  -6.022  4.545   1.00 55.01 ? 180  ASP A OD1 1 
ATOM   1409 O  OD2 . ASP A 1 180 ? 18.310  -4.184  5.189   1.00 48.31 ? 180  ASP A OD2 1 
ATOM   1410 N  N   . GLN A 1 181 ? 14.860  -5.475  7.678   1.00 41.50 ? 181  GLN A N   1 
ATOM   1411 C  CA  . GLN A 1 181 ? 13.894  -4.393  7.848   1.00 28.66 ? 181  GLN A CA  1 
ATOM   1412 C  C   . GLN A 1 181 ? 12.792  -4.773  8.822   1.00 29.80 ? 181  GLN A C   1 
ATOM   1413 O  O   . GLN A 1 181 ? 11.723  -4.168  8.826   1.00 31.15 ? 181  GLN A O   1 
ATOM   1414 C  CB  . GLN A 1 181 ? 13.274  -4.018  6.504   1.00 25.04 ? 181  GLN A CB  1 
ATOM   1415 C  CG  . GLN A 1 181 ? 14.274  -3.521  5.483   1.00 31.06 ? 181  GLN A CG  1 
ATOM   1416 C  CD  . GLN A 1 181 ? 14.968  -2.253  5.926   1.00 30.30 ? 181  GLN A CD  1 
ATOM   1417 O  OE1 . GLN A 1 181 ? 14.501  -1.553  6.826   1.00 19.19 ? 181  GLN A OE1 1 
ATOM   1418 N  NE2 . GLN A 1 181 ? 16.093  -1.944  5.291   1.00 39.31 ? 181  GLN A NE2 1 
ATOM   1419 N  N   . LEU A 1 182 ? 13.067  -5.770  9.656   1.00 30.25 ? 182  LEU A N   1 
ATOM   1420 C  CA  . LEU A 1 182 ? 12.050  -6.346  10.530  1.00 19.78 ? 182  LEU A CA  1 
ATOM   1421 C  C   . LEU A 1 182 ? 11.749  -5.517  11.774  1.00 17.53 ? 182  LEU A C   1 
ATOM   1422 O  O   . LEU A 1 182 ? 10.935  -5.913  12.603  1.00 25.42 ? 182  LEU A O   1 
ATOM   1423 C  CB  . LEU A 1 182 ? 12.445  -7.766  10.932  1.00 18.19 ? 182  LEU A CB  1 
ATOM   1424 C  CG  . LEU A 1 182 ? 12.612  -8.725  9.756   1.00 20.22 ? 182  LEU A CG  1 
ATOM   1425 C  CD1 . LEU A 1 182 ? 12.880  -10.133 10.249  1.00 22.06 ? 182  LEU A CD1 1 
ATOM   1426 C  CD2 . LEU A 1 182 ? 11.374  -8.693  8.881   1.00 20.17 ? 182  LEU A CD2 1 
ATOM   1427 N  N   . GLU A 1 183 ? 12.395  -4.366  11.903  1.00 22.84 ? 183  GLU A N   1 
ATOM   1428 C  CA  . GLU A 1 183 ? 12.154  -3.500  13.048  1.00 24.53 ? 183  GLU A CA  1 
ATOM   1429 C  C   . GLU A 1 183 ? 10.762  -2.896  12.941  1.00 27.47 ? 183  GLU A C   1 
ATOM   1430 O  O   . GLU A 1 183 ? 10.275  -2.257  13.874  1.00 30.56 ? 183  GLU A O   1 
ATOM   1431 C  CB  . GLU A 1 183 ? 13.191  -2.385  13.090  1.00 28.48 ? 183  GLU A CB  1 
ATOM   1432 C  CG  . GLU A 1 183 ? 12.792  -1.160  12.299  1.00 43.50 ? 183  GLU A CG  1 
ATOM   1433 C  CD  . GLU A 1 183 ? 13.977  -0.474  11.664  1.00 56.72 ? 183  GLU A CD  1 
ATOM   1434 O  OE1 . GLU A 1 183 ? 14.696  -1.140  10.887  1.00 64.94 ? 183  GLU A OE1 1 
ATOM   1435 O  OE2 . GLU A 1 183 ? 14.188  0.727   11.933  1.00 59.52 ? 183  GLU A OE2 1 
ATOM   1436 N  N   . TYR A 1 184 ? 10.127  -3.102  11.793  1.00 27.10 ? 184  TYR A N   1 
ATOM   1437 C  CA  . TYR A 1 184 ? 8.814   -2.526  11.529  1.00 35.92 ? 184  TYR A CA  1 
ATOM   1438 C  C   . TYR A 1 184 ? 7.693   -3.476  11.922  1.00 39.64 ? 184  TYR A C   1 
ATOM   1439 O  O   . TYR A 1 184 ? 6.525   -3.241  11.614  1.00 43.65 ? 184  TYR A O   1 
ATOM   1440 C  CB  . TYR A 1 184 ? 8.700   -2.101  10.064  1.00 33.34 ? 184  TYR A CB  1 
ATOM   1441 C  CG  . TYR A 1 184 ? 9.647   -0.978  9.733   1.00 21.46 ? 184  TYR A CG  1 
ATOM   1442 C  CD1 . TYR A 1 184 ? 10.787  -1.200  8.977   1.00 14.00 ? 184  TYR A CD1 1 
ATOM   1443 C  CD2 . TYR A 1 184 ? 9.418   0.302   10.217  1.00 24.84 ? 184  TYR A CD2 1 
ATOM   1444 C  CE1 . TYR A 1 184 ? 11.662  -0.166  8.694   1.00 24.16 ? 184  TYR A CE1 1 
ATOM   1445 C  CE2 . TYR A 1 184 ? 10.283  1.337   9.940   1.00 21.08 ? 184  TYR A CE2 1 
ATOM   1446 C  CZ  . TYR A 1 184 ? 11.403  1.099   9.182   1.00 21.11 ? 184  TYR A CZ  1 
ATOM   1447 O  OH  . TYR A 1 184 ? 12.260  2.138   8.910   1.00 25.18 ? 184  TYR A OH  1 
ATOM   1448 N  N   . LEU A 1 185 ? 8.063   -4.553  12.605  1.00 36.63 ? 185  LEU A N   1 
ATOM   1449 C  CA  . LEU A 1 185 ? 7.090   -5.453  13.206  1.00 26.08 ? 185  LEU A CA  1 
ATOM   1450 C  C   . LEU A 1 185 ? 6.958   -5.105  14.685  1.00 22.59 ? 185  LEU A C   1 
ATOM   1451 O  O   . LEU A 1 185 ? 6.132   -5.668  15.401  1.00 25.00 ? 185  LEU A O   1 
ATOM   1452 C  CB  . LEU A 1 185 ? 7.530   -6.907  13.031  1.00 14.37 ? 185  LEU A CB  1 
ATOM   1453 C  CG  . LEU A 1 185 ? 7.770   -7.346  11.584  1.00 15.26 ? 185  LEU A CG  1 
ATOM   1454 C  CD1 . LEU A 1 185 ? 8.379   -8.737  11.532  1.00 17.86 ? 185  LEU A CD1 1 
ATOM   1455 C  CD2 . LEU A 1 185 ? 6.479   -7.299  10.787  1.00 23.39 ? 185  LEU A CD2 1 
ATOM   1456 N  N   . GLU A 1 186 ? 7.781   -4.154  15.122  1.00 21.17 ? 186  GLU A N   1 
ATOM   1457 C  CA  . GLU A 1 186 ? 7.821   -3.722  16.512  1.00 15.04 ? 186  GLU A CA  1 
ATOM   1458 C  C   . GLU A 1 186 ? 6.804   -2.629  16.800  1.00 20.85 ? 186  GLU A C   1 
ATOM   1459 O  O   . GLU A 1 186 ? 6.658   -1.682  16.029  1.00 31.69 ? 186  GLU A O   1 
ATOM   1460 C  CB  . GLU A 1 186 ? 9.218   -3.210  16.857  1.00 30.80 ? 186  GLU A CB  1 
ATOM   1461 C  CG  . GLU A 1 186 ? 10.323  -4.234  16.685  1.00 41.25 ? 186  GLU A CG  1 
ATOM   1462 C  CD  . GLU A 1 186 ? 11.683  -3.678  17.052  1.00 53.06 ? 186  GLU A CD  1 
ATOM   1463 O  OE1 . GLU A 1 186 ? 11.742  -2.532  17.548  1.00 59.00 ? 186  GLU A OE1 1 
ATOM   1464 O  OE2 . GLU A 1 186 ? 12.692  -4.384  16.844  1.00 55.86 ? 186  GLU A OE2 1 
ATOM   1465 N  N   . GLU A 1 187 ? 6.114   -2.758  17.924  1.00 25.38 ? 187  GLU A N   1 
ATOM   1466 C  CA  . GLU A 1 187 ? 5.097   -1.792  18.314  1.00 30.22 ? 187  GLU A CA  1 
ATOM   1467 C  C   . GLU A 1 187 ? 5.669   -0.388  18.495  1.00 30.35 ? 187  GLU A C   1 
ATOM   1468 O  O   . GLU A 1 187 ? 5.055   0.595   18.079  1.00 35.21 ? 187  GLU A O   1 
ATOM   1469 C  CB  . GLU A 1 187 ? 4.408   -2.245  19.603  1.00 41.90 ? 187  GLU A CB  1 
ATOM   1470 C  CG  . GLU A 1 187 ? 3.279   -1.334  20.061  1.00 55.46 ? 187  GLU A CG  1 
ATOM   1471 C  CD  . GLU A 1 187 ? 2.626   -1.813  21.345  1.00 62.69 ? 187  GLU A CD  1 
ATOM   1472 O  OE1 . GLU A 1 187 ? 3.024   -2.883  21.853  1.00 64.79 ? 187  GLU A OE1 1 
ATOM   1473 O  OE2 . GLU A 1 187 ? 1.715   -1.121  21.846  1.00 65.05 ? 187  GLU A OE2 1 
ATOM   1474 N  N   . LYS A 1 188 ? 6.842   -0.296  19.113  1.00 26.99 ? 188  LYS A N   1 
ATOM   1475 C  CA  . LYS A 1 188 ? 7.422   1.003   19.446  1.00 28.88 ? 188  LYS A CA  1 
ATOM   1476 C  C   . LYS A 1 188 ? 7.905   1.760   18.213  1.00 31.98 ? 188  LYS A C   1 
ATOM   1477 O  O   . LYS A 1 188 ? 7.623   2.947   18.059  1.00 34.59 ? 188  LYS A O   1 
ATOM   1478 C  CB  . LYS A 1 188 ? 8.568   0.854   20.447  1.00 43.50 ? 188  LYS A CB  1 
ATOM   1479 C  CG  . LYS A 1 188 ? 8.879   2.143   21.195  1.00 53.90 ? 188  LYS A CG  1 
ATOM   1480 C  CD  . LYS A 1 188 ? 10.205  2.076   21.930  1.00 57.18 ? 188  LYS A CD  1 
ATOM   1481 C  CE  . LYS A 1 188 ? 10.478  3.377   22.671  1.00 58.14 ? 188  LYS A CE  1 
ATOM   1482 N  NZ  . LYS A 1 188 ? 10.196  4.569   21.821  1.00 53.67 ? 188  LYS A NZ  1 
ATOM   1483 N  N   . ARG A 1 189 ? 8.638   1.066   17.347  1.00 30.11 ? 189  ARG A N   1 
ATOM   1484 C  CA  . ARG A 1 189 ? 9.140   1.657   16.110  1.00 25.60 ? 189  ARG A CA  1 
ATOM   1485 C  C   . ARG A 1 189 ? 8.003   2.189   15.233  1.00 33.38 ? 189  ARG A C   1 
ATOM   1486 O  O   . ARG A 1 189 ? 8.020   3.347   14.811  1.00 39.06 ? 189  ARG A O   1 
ATOM   1487 C  CB  . ARG A 1 189 ? 9.962   0.628   15.335  1.00 27.30 ? 189  ARG A CB  1 
ATOM   1488 C  CG  . ARG A 1 189 ? 10.663  1.192   14.115  1.00 34.80 ? 189  ARG A CG  1 
ATOM   1489 C  CD  . ARG A 1 189 ? 11.799  2.119   14.514  1.00 43.00 ? 189  ARG A CD  1 
ATOM   1490 N  NE  . ARG A 1 189 ? 12.431  2.734   13.351  1.00 47.89 ? 189  ARG A NE  1 
ATOM   1491 C  CZ  . ARG A 1 189 ? 12.279  4.006   12.998  1.00 51.76 ? 189  ARG A CZ  1 
ATOM   1492 N  NH1 . ARG A 1 189 ? 11.519  4.815   13.726  1.00 49.10 ? 189  ARG A NH1 1 
ATOM   1493 N  NH2 . ARG A 1 189 ? 12.894  4.471   11.918  1.00 54.66 ? 189  ARG A NH2 1 
ATOM   1494 N  N   . ILE A 1 190 ? 7.019   1.338   14.958  1.00 24.63 ? 190  ILE A N   1 
ATOM   1495 C  CA  . ILE A 1 190 ? 5.855   1.745   14.179  1.00 25.85 ? 190  ILE A CA  1 
ATOM   1496 C  C   . ILE A 1 190 ? 5.187   2.949   14.823  1.00 30.96 ? 190  ILE A C   1 
ATOM   1497 O  O   . ILE A 1 190 ? 4.920   3.958   14.166  1.00 30.45 ? 190  ILE A O   1 
ATOM   1498 C  CB  . ILE A 1 190 ? 4.814   0.614   14.079  1.00 26.23 ? 190  ILE A CB  1 
ATOM   1499 C  CG1 . ILE A 1 190 ? 5.407   -0.607  13.377  1.00 18.71 ? 190  ILE A CG1 1 
ATOM   1500 C  CG2 . ILE A 1 190 ? 3.574   1.096   13.341  1.00 30.85 ? 190  ILE A CG2 1 
ATOM   1501 C  CD1 . ILE A 1 190 ? 4.524   -1.822  13.455  1.00 16.56 ? 190  ILE A CD1 1 
ATOM   1502 N  N   . LYS A 1 191 ? 4.928   2.831   16.120  1.00 35.31 ? 191  LYS A N   1 
ATOM   1503 C  CA  . LYS A 1 191 ? 4.252   3.875   16.880  1.00 42.23 ? 191  LYS A CA  1 
ATOM   1504 C  C   . LYS A 1 191 ? 5.027   5.193   16.835  1.00 39.44 ? 191  LYS A C   1 
ATOM   1505 O  O   . LYS A 1 191 ? 4.433   6.273   16.862  1.00 29.92 ? 191  LYS A O   1 
ATOM   1506 C  CB  . LYS A 1 191 ? 4.068   3.417   18.325  1.00 48.77 ? 191  LYS A CB  1 
ATOM   1507 C  CG  . LYS A 1 191 ? 2.814   3.924   19.010  1.00 54.94 ? 191  LYS A CG  1 
ATOM   1508 C  CD  . LYS A 1 191 ? 2.783   3.425   20.446  1.00 60.47 ? 191  LYS A CD  1 
ATOM   1509 C  CE  . LYS A 1 191 ? 1.376   3.382   21.009  1.00 66.45 ? 191  LYS A CE  1 
ATOM   1510 N  NZ  . LYS A 1 191 ? 1.337   2.591   22.269  1.00 75.42 ? 191  LYS A NZ  1 
ATOM   1511 N  N   . GLU A 1 192 ? 6.353   5.098   16.774  1.00 40.01 ? 192  GLU A N   1 
ATOM   1512 C  CA  . GLU A 1 192 ? 7.209   6.273   16.636  1.00 36.47 ? 192  GLU A CA  1 
ATOM   1513 C  C   . GLU A 1 192 ? 6.982   6.935   15.287  1.00 33.34 ? 192  GLU A C   1 
ATOM   1514 O  O   . GLU A 1 192 ? 6.503   8.067   15.208  1.00 37.60 ? 192  GLU A O   1 
ATOM   1515 C  CB  . GLU A 1 192 ? 8.684   5.888   16.744  1.00 40.59 ? 192  GLU A CB  1 
ATOM   1516 C  CG  . GLU A 1 192 ? 9.172   5.572   18.143  1.00 49.13 ? 192  GLU A CG  1 
ATOM   1517 C  CD  . GLU A 1 192 ? 10.649  5.231   18.160  1.00 60.17 ? 192  GLU A CD  1 
ATOM   1518 O  OE1 . GLU A 1 192 ? 11.088  4.505   19.076  1.00 58.57 ? 192  GLU A OE1 1 
ATOM   1519 O  OE2 . GLU A 1 192 ? 11.368  5.684   17.244  1.00 72.84 ? 192  GLU A OE2 1 
ATOM   1520 N  N   . VAL A 1 193 ? 7.339   6.215   14.228  1.00 25.68 ? 193  VAL A N   1 
ATOM   1521 C  CA  . VAL A 1 193 ? 7.210   6.720   12.868  1.00 26.68 ? 193  VAL A CA  1 
ATOM   1522 C  C   . VAL A 1 193 ? 5.856   7.388   12.640  1.00 26.67 ? 193  VAL A C   1 
ATOM   1523 O  O   . VAL A 1 193 ? 5.776   8.463   12.044  1.00 20.09 ? 193  VAL A O   1 
ATOM   1524 C  CB  . VAL A 1 193 ? 7.399   5.594   11.834  1.00 23.87 ? 193  VAL A CB  1 
ATOM   1525 C  CG1 . VAL A 1 193 ? 7.233   6.137   10.424  1.00 32.23 ? 193  VAL A CG1 1 
ATOM   1526 C  CG2 . VAL A 1 193 ? 8.762   4.939   12.003  1.00 9.59  ? 193  VAL A CG2 1 
ATOM   1527 N  N   . ILE A 1 194 ? 4.797   6.752   13.130  1.00 25.19 ? 194  ILE A N   1 
ATOM   1528 C  CA  . ILE A 1 194 ? 3.444   7.254   12.923  1.00 18.54 ? 194  ILE A CA  1 
ATOM   1529 C  C   . ILE A 1 194 ? 3.232   8.622   13.569  1.00 26.58 ? 194  ILE A C   1 
ATOM   1530 O  O   . ILE A 1 194 ? 2.614   9.507   12.977  1.00 29.80 ? 194  ILE A O   1 
ATOM   1531 C  CB  . ILE A 1 194 ? 2.391   6.259   13.441  1.00 11.02 ? 194  ILE A CB  1 
ATOM   1532 C  CG1 . ILE A 1 194 ? 2.467   4.950   12.655  1.00 25.52 ? 194  ILE A CG1 1 
ATOM   1533 C  CG2 . ILE A 1 194 ? 1.004   6.842   13.317  1.00 6.35  ? 194  ILE A CG2 1 
ATOM   1534 C  CD1 . ILE A 1 194 ? 1.377   3.961   13.006  1.00 27.69 ? 194  ILE A CD1 1 
ATOM   1535 N  N   . LYS A 1 195 ? 3.753   8.796   14.779  1.00 30.27 ? 195  LYS A N   1 
ATOM   1536 C  CA  . LYS A 1 195 ? 3.548   10.037  15.521  1.00 34.22 ? 195  LYS A CA  1 
ATOM   1537 C  C   . LYS A 1 195 ? 4.356   11.187  14.939  1.00 45.08 ? 195  LYS A C   1 
ATOM   1538 O  O   . LYS A 1 195 ? 3.900   12.330  14.919  1.00 50.82 ? 195  LYS A O   1 
ATOM   1539 C  CB  . LYS A 1 195 ? 3.896   9.849   17.000  1.00 29.46 ? 195  LYS A CB  1 
ATOM   1540 C  CG  . LYS A 1 195 ? 2.875   9.026   17.776  1.00 35.30 ? 195  LYS A CG  1 
ATOM   1541 C  CD  . LYS A 1 195 ? 3.331   8.778   19.208  1.00 43.42 ? 195  LYS A CD  1 
ATOM   1542 C  CE  . LYS A 1 195 ? 2.412   7.792   19.922  1.00 42.54 ? 195  LYS A CE  1 
ATOM   1543 N  NZ  . LYS A 1 195 ? 2.893   7.453   21.294  1.00 34.11 ? 195  LYS A NZ  1 
ATOM   1544 N  N   . ARG A 1 196 ? 5.556   10.876  14.463  1.00 47.23 ? 196  ARG A N   1 
ATOM   1545 C  CA  . ARG A 1 196 ? 6.464   11.899  13.959  1.00 46.70 ? 196  ARG A CA  1 
ATOM   1546 C  C   . ARG A 1 196 ? 6.073   12.419  12.577  1.00 46.82 ? 196  ARG A C   1 
ATOM   1547 O  O   . ARG A 1 196 ? 6.225   13.603  12.294  1.00 52.95 ? 196  ARG A O   1 
ATOM   1548 C  CB  . ARG A 1 196 ? 7.905   11.375  13.951  1.00 50.76 ? 196  ARG A CB  1 
ATOM   1549 C  CG  . ARG A 1 196 ? 8.624   11.520  15.290  1.00 59.76 ? 196  ARG A CG  1 
ATOM   1550 C  CD  . ARG A 1 196 ? 9.618   10.387  15.528  1.00 68.24 ? 196  ARG A CD  1 
ATOM   1551 N  NE  . ARG A 1 196 ? 10.378  10.047  14.326  1.00 77.19 ? 196  ARG A NE  1 
ATOM   1552 C  CZ  . ARG A 1 196 ? 11.187  8.995   14.225  1.00 69.47 ? 196  ARG A CZ  1 
ATOM   1553 N  NH1 . ARG A 1 196 ? 11.345  8.176   15.257  1.00 70.26 ? 196  ARG A NH1 1 
ATOM   1554 N  NH2 . ARG A 1 196 ? 11.838  8.760   13.093  1.00 53.61 ? 196  ARG A NH2 1 
ATOM   1555 N  N   . HIS A 1 197 ? 5.557   11.543  11.721  1.00 45.92 ? 197  HIS A N   1 
ATOM   1556 C  CA  . HIS A 1 197 ? 5.332   11.914  10.325  1.00 40.82 ? 197  HIS A CA  1 
ATOM   1557 C  C   . HIS A 1 197 ? 3.884   11.835  9.846   1.00 41.08 ? 197  HIS A C   1 
ATOM   1558 O  O   . HIS A 1 197 ? 3.604   12.140  8.687   1.00 42.06 ? 197  HIS A O   1 
ATOM   1559 C  CB  . HIS A 1 197 ? 6.226   11.083  9.403   1.00 48.74 ? 197  HIS A CB  1 
ATOM   1560 C  CG  . HIS A 1 197 ? 7.636   11.579  9.320   1.00 58.98 ? 197  HIS A CG  1 
ATOM   1561 N  ND1 . HIS A 1 197 ? 7.991   12.688  8.588   1.00 63.97 ? 197  HIS A ND1 1 
ATOM   1562 C  CD2 . HIS A 1 197 ? 8.780   11.109  9.876   1.00 64.47 ? 197  HIS A CD2 1 
ATOM   1563 C  CE1 . HIS A 1 197 ? 9.296   12.886  8.695   1.00 69.22 ? 197  HIS A CE1 1 
ATOM   1564 N  NE2 . HIS A 1 197 ? 9.794   11.940  9.471   1.00 71.61 ? 197  HIS A NE2 1 
ATOM   1565 N  N   . SER A 1 198 ? 2.969   11.432  10.724  1.00 41.01 ? 198  SER A N   1 
ATOM   1566 C  CA  . SER A 1 198 ? 1.553   11.345  10.357  1.00 39.51 ? 198  SER A CA  1 
ATOM   1567 C  C   . SER A 1 198 ? 0.642   11.972  11.414  1.00 38.29 ? 198  SER A C   1 
ATOM   1568 O  O   . SER A 1 198 ? -0.228  11.299  11.969  1.00 36.04 ? 198  SER A O   1 
ATOM   1569 C  CB  . SER A 1 198 ? 1.143   9.888   10.107  1.00 31.17 ? 198  SER A CB  1 
ATOM   1570 O  OG  . SER A 1 198 ? 1.911   9.299   9.070   1.00 17.47 ? 198  SER A OG  1 
ATOM   1571 N  N   . GLU A 1 199 ? 0.834   13.260  11.682  1.00 36.87 ? 199  GLU A N   1 
ATOM   1572 C  CA  . GLU A 1 199 ? 0.075   13.940  12.729  1.00 42.55 ? 199  GLU A CA  1 
ATOM   1573 C  C   . GLU A 1 199 ? -1.303  14.411  12.267  1.00 47.72 ? 199  GLU A C   1 
ATOM   1574 O  O   . GLU A 1 199 ? -2.263  14.379  13.036  1.00 55.54 ? 199  GLU A O   1 
ATOM   1575 C  CB  . GLU A 1 199 ? 0.858   15.129  13.295  1.00 53.88 ? 199  GLU A CB  1 
ATOM   1576 C  CG  . GLU A 1 199 ? 0.111   15.872  14.406  1.00 65.40 ? 199  GLU A CG  1 
ATOM   1577 C  CD  . GLU A 1 199 ? 0.740   17.210  14.770  1.00 70.02 ? 199  GLU A CD  1 
ATOM   1578 O  OE1 . GLU A 1 199 ? 1.705   17.625  14.093  1.00 75.07 ? 199  GLU A OE1 1 
ATOM   1579 O  OE2 . GLU A 1 199 ? 0.262   17.852  15.733  1.00 64.01 ? 199  GLU A OE2 1 
ATOM   1580 N  N   . PHE A 1 200 ? -1.398  14.853  11.017  1.00 38.19 ? 200  PHE A N   1 
ATOM   1581 C  CA  . PHE A 1 200 ? -2.647  15.416  10.511  1.00 22.41 ? 200  PHE A CA  1 
ATOM   1582 C  C   . PHE A 1 200 ? -3.438  14.437  9.648   1.00 27.02 ? 200  PHE A C   1 
ATOM   1583 O  O   . PHE A 1 200 ? -3.720  14.714  8.482   1.00 40.44 ? 200  PHE A O   1 
ATOM   1584 C  CB  . PHE A 1 200 ? -2.379  16.701  9.725   1.00 23.89 ? 200  PHE A CB  1 
ATOM   1585 C  CG  . PHE A 1 200 ? -1.763  17.796  10.546  1.00 16.31 ? 200  PHE A CG  1 
ATOM   1586 C  CD1 . PHE A 1 200 ? -0.414  18.081  10.440  1.00 10.61 ? 200  PHE A CD1 1 
ATOM   1587 C  CD2 . PHE A 1 200 ? -2.534  18.538  11.423  1.00 12.63 ? 200  PHE A CD2 1 
ATOM   1588 C  CE1 . PHE A 1 200 ? 0.154   19.086  11.195  1.00 11.95 ? 200  PHE A CE1 1 
ATOM   1589 C  CE2 . PHE A 1 200 ? -1.971  19.544  12.181  1.00 11.37 ? 200  PHE A CE2 1 
ATOM   1590 C  CZ  . PHE A 1 200 ? -0.626  19.819  12.067  1.00 10.61 ? 200  PHE A CZ  1 
ATOM   1591 N  N   . VAL A 1 201 ? -3.800  13.299  10.228  1.00 19.74 ? 201  VAL A N   1 
ATOM   1592 C  CA  . VAL A 1 201 ? -4.628  12.315  9.540   1.00 17.94 ? 201  VAL A CA  1 
ATOM   1593 C  C   . VAL A 1 201 ? -6.044  12.334  10.102  1.00 25.53 ? 201  VAL A C   1 
ATOM   1594 O  O   . VAL A 1 201 ? -6.240  12.223  11.311  1.00 38.10 ? 201  VAL A O   1 
ATOM   1595 C  CB  . VAL A 1 201 ? -4.041  10.893  9.660   1.00 15.74 ? 201  VAL A CB  1 
ATOM   1596 C  CG1 . VAL A 1 201 ? -5.119  9.845   9.423   1.00 15.65 ? 201  VAL A CG1 1 
ATOM   1597 C  CG2 . VAL A 1 201 ? -2.880  10.715  8.690   1.00 11.39 ? 201  VAL A CG2 1 
ATOM   1598 N  N   . ALA A 1 202 ? -7.029  12.474  9.218   1.00 26.41 ? 202  ALA A N   1 
ATOM   1599 C  CA  . ALA A 1 202 ? -8.427  12.607  9.627   1.00 22.03 ? 202  ALA A CA  1 
ATOM   1600 C  C   . ALA A 1 202 ? -9.044  11.325  10.194  1.00 22.95 ? 202  ALA A C   1 
ATOM   1601 O  O   . ALA A 1 202 ? -10.132 11.360  10.767  1.00 29.64 ? 202  ALA A O   1 
ATOM   1602 C  CB  . ALA A 1 202 ? -9.272  13.123  8.463   1.00 14.29 ? 202  ALA A CB  1 
ATOM   1603 N  N   . TYR A 1 203 ? -8.354  10.201  10.045  1.00 12.75 ? 203  TYR A N   1 
ATOM   1604 C  CA  . TYR A 1 203 ? -8.947  8.920   10.401  1.00 14.21 ? 203  TYR A CA  1 
ATOM   1605 C  C   . TYR A 1 203 ? -8.234  8.218   11.539  1.00 24.27 ? 203  TYR A C   1 
ATOM   1606 O  O   . TYR A 1 203 ? -7.047  8.436   11.774  1.00 34.18 ? 203  TYR A O   1 
ATOM   1607 C  CB  . TYR A 1 203 ? -8.994  8.000   9.183   1.00 18.60 ? 203  TYR A CB  1 
ATOM   1608 C  CG  . TYR A 1 203 ? -9.731  8.612   8.025   1.00 18.51 ? 203  TYR A CG  1 
ATOM   1609 C  CD1 . TYR A 1 203 ? -9.046  9.267   7.014   1.00 9.63  ? 203  TYR A CD1 1 
ATOM   1610 C  CD2 . TYR A 1 203 ? -11.115 8.555   7.951   1.00 16.77 ? 203  TYR A CD2 1 
ATOM   1611 C  CE1 . TYR A 1 203 ? -9.713  9.836   5.962   1.00 13.19 ? 203  TYR A CE1 1 
ATOM   1612 C  CE2 . TYR A 1 203 ? -11.795 9.120   6.896   1.00 10.21 ? 203  TYR A CE2 1 
ATOM   1613 C  CZ  . TYR A 1 203 ? -11.086 9.759   5.905   1.00 16.83 ? 203  TYR A CZ  1 
ATOM   1614 O  OH  . TYR A 1 203 ? -11.751 10.328  4.848   1.00 30.07 ? 203  TYR A OH  1 
ATOM   1615 N  N   . PRO A 1 204 ? -8.975  7.363   12.250  1.00 16.23 ? 204  PRO A N   1 
ATOM   1616 C  CA  . PRO A 1 204 ? -8.425  6.533   13.318  1.00 8.21  ? 204  PRO A CA  1 
ATOM   1617 C  C   . PRO A 1 204 ? -7.337  5.638   12.755  1.00 17.32 ? 204  PRO A C   1 
ATOM   1618 O  O   . PRO A 1 204 ? -7.575  4.917   11.787  1.00 21.68 ? 204  PRO A O   1 
ATOM   1619 C  CB  . PRO A 1 204 ? -9.622  5.680   13.746  1.00 5.63  ? 204  PRO A CB  1 
ATOM   1620 C  CG  . PRO A 1 204 ? -10.822 6.448   13.307  1.00 9.17  ? 204  PRO A CG  1 
ATOM   1621 C  CD  . PRO A 1 204 ? -10.414 7.129   12.049  1.00 17.78 ? 204  PRO A CD  1 
ATOM   1622 N  N   . ILE A 1 205 ? -6.152  5.696   13.346  1.00 15.69 ? 205  ILE A N   1 
ATOM   1623 C  CA  . ILE A 1 205 ? -5.060  4.830   12.935  1.00 13.88 ? 205  ILE A CA  1 
ATOM   1624 C  C   . ILE A 1 205 ? -4.846  3.772   14.005  1.00 22.00 ? 205  ILE A C   1 
ATOM   1625 O  O   . ILE A 1 205 ? -4.170  4.009   15.005  1.00 32.13 ? 205  ILE A O   1 
ATOM   1626 C  CB  . ILE A 1 205 ? -3.765  5.633   12.680  1.00 6.53  ? 205  ILE A CB  1 
ATOM   1627 C  CG1 . ILE A 1 205 ? -3.987  6.645   11.558  1.00 8.18  ? 205  ILE A CG1 1 
ATOM   1628 C  CG2 . ILE A 1 205 ? -2.612  4.718   12.314  1.00 4.09  ? 205  ILE A CG2 1 
ATOM   1629 C  CD1 . ILE A 1 205 ? -2.719  7.295   11.078  1.00 13.19 ? 205  ILE A CD1 1 
ATOM   1630 N  N   . GLN A 1 206 ? -5.444  2.605   13.794  1.00 17.80 ? 206  GLN A N   1 
ATOM   1631 C  CA  . GLN A 1 206 ? -5.380  1.522   14.766  1.00 14.58 ? 206  GLN A CA  1 
ATOM   1632 C  C   . GLN A 1 206 ? -4.123  0.685   14.612  1.00 11.22 ? 206  GLN A C   1 
ATOM   1633 O  O   . GLN A 1 206 ? -3.747  0.312   13.503  1.00 22.40 ? 206  GLN A O   1 
ATOM   1634 C  CB  . GLN A 1 206 ? -6.604  0.615   14.626  1.00 10.66 ? 206  GLN A CB  1 
ATOM   1635 C  CG  . GLN A 1 206 ? -7.920  1.355   14.682  1.00 10.35 ? 206  GLN A CG  1 
ATOM   1636 C  CD  . GLN A 1 206 ? -9.055  0.540   14.119  1.00 26.37 ? 206  GLN A CD  1 
ATOM   1637 O  OE1 . GLN A 1 206 ? -8.930  -0.669  13.934  1.00 40.65 ? 206  GLN A OE1 1 
ATOM   1638 N  NE2 . GLN A 1 206 ? -10.171 1.197   13.833  1.00 35.06 ? 206  GLN A NE2 1 
ATOM   1639 N  N   . LEU A 1 207 ? -3.482  0.385   15.733  1.00 15.27 ? 207  LEU A N   1 
ATOM   1640 C  CA  . LEU A 1 207 ? -2.355  -0.537  15.748  1.00 17.62 ? 207  LEU A CA  1 
ATOM   1641 C  C   . LEU A 1 207 ? -2.775  -1.839  16.420  1.00 21.82 ? 207  LEU A C   1 
ATOM   1642 O  O   . LEU A 1 207 ? -3.250  -1.833  17.555  1.00 22.27 ? 207  LEU A O   1 
ATOM   1643 C  CB  . LEU A 1 207 ? -1.155  0.073   16.476  1.00 5.56  ? 207  LEU A CB  1 
ATOM   1644 C  CG  . LEU A 1 207 ? 0.103   -0.798  16.531  1.00 12.62 ? 207  LEU A CG  1 
ATOM   1645 C  CD1 . LEU A 1 207 ? 0.749   -0.939  15.150  1.00 13.73 ? 207  LEU A CD1 1 
ATOM   1646 C  CD2 . LEU A 1 207 ? 1.100   -0.241  17.536  1.00 6.63  ? 207  LEU A CD2 1 
ATOM   1647 N  N   . VAL A 1 208 ? -2.607  -2.948  15.708  1.00 19.13 ? 208  VAL A N   1 
ATOM   1648 C  CA  . VAL A 1 208 ? -3.019  -4.256  16.200  1.00 11.87 ? 208  VAL A CA  1 
ATOM   1649 C  C   . VAL A 1 208 ? -1.849  -4.996  16.832  1.00 24.15 ? 208  VAL A C   1 
ATOM   1650 O  O   . VAL A 1 208 ? -0.885  -5.339  16.153  1.00 35.88 ? 208  VAL A O   1 
ATOM   1651 C  CB  . VAL A 1 208 ? -3.586  -5.122  15.065  1.00 15.77 ? 208  VAL A CB  1 
ATOM   1652 C  CG1 . VAL A 1 208 ? -3.779  -6.555  15.537  1.00 8.84  ? 208  VAL A CG1 1 
ATOM   1653 C  CG2 . VAL A 1 208 ? -4.894  -4.536  14.548  1.00 13.45 ? 208  VAL A CG2 1 
ATOM   1654 N  N   . VAL A 1 209 ? -1.943  -5.253  18.132  1.00 30.56 ? 209  VAL A N   1 
ATOM   1655 C  CA  . VAL A 1 209 ? -0.844  -5.865  18.870  1.00 32.52 ? 209  VAL A CA  1 
ATOM   1656 C  C   . VAL A 1 209 ? -1.221  -7.207  19.486  1.00 27.45 ? 209  VAL A C   1 
ATOM   1657 O  O   . VAL A 1 209 ? -2.306  -7.360  20.041  1.00 32.84 ? 209  VAL A O   1 
ATOM   1658 C  CB  . VAL A 1 209 ? -0.338  -4.928  19.975  1.00 34.28 ? 209  VAL A CB  1 
ATOM   1659 C  CG1 . VAL A 1 209 ? 0.624   -5.661  20.897  1.00 37.16 ? 209  VAL A CG1 1 
ATOM   1660 C  CG2 . VAL A 1 209 ? 0.320   -3.707  19.360  1.00 40.49 ? 209  VAL A CG2 1 
ATOM   1661 N  N   . THR A 1 210 ? -0.309  -8.169  19.385  1.00 17.97 ? 210  THR A N   1 
ATOM   1662 C  CA  . THR A 1 210 ? -0.515  -9.510  19.919  1.00 16.82 ? 210  THR A CA  1 
ATOM   1663 C  C   . THR A 1 210 ? 0.448   -9.785  21.069  1.00 26.99 ? 210  THR A C   1 
ATOM   1664 O  O   . THR A 1 210 ? 1.665   -9.798  20.881  1.00 31.52 ? 210  THR A O   1 
ATOM   1665 C  CB  . THR A 1 210 ? -0.279  -10.575 18.836  1.00 20.46 ? 210  THR A CB  1 
ATOM   1666 O  OG1 . THR A 1 210 ? -1.038  -10.250 17.664  1.00 24.70 ? 210  THR A OG1 1 
ATOM   1667 C  CG2 . THR A 1 210 ? -0.679  -11.950 19.342  1.00 19.21 ? 210  THR A CG2 1 
ATOM   1668 N  N   . LYS A 1 211 ? -0.098  -10.013 22.258  1.00 28.57 ? 211  LYS A N   1 
ATOM   1669 C  CA  . LYS A 1 211 ? 0.726   -10.223 23.440  1.00 31.20 ? 211  LYS A CA  1 
ATOM   1670 C  C   . LYS A 1 211 ? 0.302   -11.463 24.211  1.00 32.92 ? 211  LYS A C   1 
ATOM   1671 O  O   . LYS A 1 211 ? -0.870  -11.628 24.540  1.00 40.41 ? 211  LYS A O   1 
ATOM   1672 C  CB  . LYS A 1 211 ? 0.643   -9.006  24.353  1.00 40.94 ? 211  LYS A CB  1 
ATOM   1673 C  CG  . LYS A 1 211 ? -0.780  -8.592  24.656  1.00 41.16 ? 211  LYS A CG  1 
ATOM   1674 C  CD  . LYS A 1 211 ? -0.837  -7.312  25.459  1.00 41.39 ? 211  LYS A CD  1 
ATOM   1675 C  CE  . LYS A 1 211 ? -2.135  -6.592  25.174  1.00 41.76 ? 211  LYS A CE  1 
ATOM   1676 N  NZ  . LYS A 1 211 ? -2.323  -6.460  23.703  1.00 37.18 ? 211  LYS A NZ  1 
ATOM   1677 N  N   . GLU A 1 212 ? 1.264   -12.331 24.503  1.00 32.69 ? 212  GLU A N   1 
ATOM   1678 C  CA  . GLU A 1 212 ? 0.989   -13.517 25.296  1.00 30.50 ? 212  GLU A CA  1 
ATOM   1679 C  C   . GLU A 1 212 ? 0.601   -13.120 26.713  1.00 34.58 ? 212  GLU A C   1 
ATOM   1680 O  O   . GLU A 1 212 ? 1.164   -12.186 27.279  1.00 37.74 ? 212  GLU A O   1 
ATOM   1681 C  CB  . GLU A 1 212 ? 2.205   -14.443 25.337  1.00 30.25 ? 212  GLU A CB  1 
ATOM   1682 C  CG  . GLU A 1 212 ? 1.861   -15.859 25.764  1.00 44.82 ? 212  GLU A CG  1 
ATOM   1683 C  CD  . GLU A 1 212 ? 3.025   -16.584 26.404  1.00 60.60 ? 212  GLU A CD  1 
ATOM   1684 O  OE1 . GLU A 1 212 ? 4.185   -16.292 26.043  1.00 66.28 ? 212  GLU A OE1 1 
ATOM   1685 O  OE2 . GLU A 1 212 ? 2.775   -17.447 27.273  1.00 67.35 ? 212  GLU A OE2 1 
ATOM   1686 N  N   . VAL A 1 213 ? -0.369  -13.828 27.277  1.00 41.77 ? 213  VAL A N   1 
ATOM   1687 C  CA  . VAL A 1 213 ? -0.775  -13.605 28.656  1.00 46.26 ? 213  VAL A CA  1 
ATOM   1688 C  C   . VAL A 1 213 ? 0.115   -14.425 29.582  1.00 59.46 ? 213  VAL A C   1 
ATOM   1689 O  O   . VAL A 1 213 ? 0.326   -15.617 29.357  1.00 62.03 ? 213  VAL A O   1 
ATOM   1690 C  CB  . VAL A 1 213 ? -2.240  -14.007 28.882  1.00 44.81 ? 213  VAL A CB  1 
ATOM   1691 C  CG1 . VAL A 1 213 ? -2.714  -13.538 30.249  1.00 43.15 ? 213  VAL A CG1 1 
ATOM   1692 C  CG2 . VAL A 1 213 ? -3.121  -13.441 27.778  1.00 43.47 ? 213  VAL A CG2 1 
ATOM   1693 N  N   . GLU A 1 214 ? 0.639   -13.782 30.620  1.00 68.08 ? 214  GLU A N   1 
ATOM   1694 C  CA  . GLU A 1 214 ? 1.537   -14.457 31.551  1.00 76.48 ? 214  GLU A CA  1 
ATOM   1695 C  C   . GLU A 1 214 ? 0.765   -15.246 32.605  1.00 88.62 ? 214  GLU A C   1 
ATOM   1696 O  O   . GLU A 1 214 ? -0.318  -14.844 33.034  1.00 92.12 ? 214  GLU A O   1 
ATOM   1697 C  CB  . GLU A 1 214 ? 2.472   -13.448 32.223  1.00 75.35 ? 214  GLU A CB  1 
ATOM   1698 C  CG  . GLU A 1 214 ? 3.138   -12.474 31.260  1.00 76.86 ? 214  GLU A CG  1 
ATOM   1699 C  CD  . GLU A 1 214 ? 3.968   -13.168 30.196  1.00 78.23 ? 214  GLU A CD  1 
ATOM   1700 O  OE1 . GLU A 1 214 ? 4.168   -14.400 30.296  1.00 78.56 ? 214  GLU A OE1 1 
ATOM   1701 O  OE2 . GLU A 1 214 ? 4.424   -12.478 29.259  1.00 75.07 ? 214  GLU A OE2 1 
ATOM   1702 O  OXT . GLU A 1 214 ? 1.206   -16.304 33.057  1.00 90.60 ? 214  GLU A OXT 1 
HETATM 1703 C  C1  . NP5 B 2 .   ? -6.729  2.566   -3.281  1.00 41.16 ? 1215 NP5 A C1  1 
HETATM 1704 O  O10 . NP5 B 2 .   ? -6.898  3.548   -4.341  1.00 48.59 ? 1215 NP5 A O10 1 
HETATM 1705 C  C2  . NP5 B 2 .   ? -5.412  2.488   -2.569  1.00 38.96 ? 1215 NP5 A C2  1 
HETATM 1706 C  C3  . NP5 B 2 .   ? -5.362  2.342   -1.192  1.00 36.47 ? 1215 NP5 A C3  1 
HETATM 1707 C  C4  . NP5 B 2 .   ? -4.136  2.274   -0.542  1.00 30.60 ? 1215 NP5 A C4  1 
HETATM 1708 C  C5  . NP5 B 2 .   ? -2.956  2.360   -1.267  1.00 32.28 ? 1215 NP5 A C5  1 
HETATM 1709 C  C6  . NP5 B 2 .   ? -3.014  2.511   -2.645  1.00 40.17 ? 1215 NP5 A C6  1 
HETATM 1710 C  C7  . NP5 B 2 .   ? -4.235  2.580   -3.295  1.00 37.44 ? 1215 NP5 A C7  1 
HETATM 1711 C  C8  . NP5 B 2 .   ? -4.271  2.747   -4.797  1.00 33.47 ? 1215 NP5 A C8  1 
HETATM 1712 C  C9  . NP5 B 2 .   ? -4.038  4.185   -5.211  1.00 39.50 ? 1215 NP5 A C9  1 
HETATM 1713 C  C10 . NP5 B 2 .   ? -3.404  5.190   -4.270  1.00 50.12 ? 1215 NP5 A C10 1 
HETATM 1714 C  C11 . NP5 B 2 .   ? -4.432  5.951   -3.431  1.00 55.79 ? 1215 NP5 A C11 1 
HETATM 1715 C  C12 . NP5 B 2 .   ? -5.223  6.983   -4.233  1.00 59.70 ? 1215 NP5 A C12 1 
HETATM 1716 C  C13 . NP5 B 2 .   ? -6.622  6.438   -4.374  1.00 58.69 ? 1215 NP5 A C13 1 
HETATM 1717 C  C14 . NP5 B 2 .   ? -6.899  5.618   -5.383  1.00 48.24 ? 1215 NP5 A C14 1 
HETATM 1718 C  C15 . NP5 B 2 .   ? -8.283  5.039   -5.526  1.00 42.79 ? 1215 NP5 A C15 1 
HETATM 1719 C  C16 . NP5 B 2 .   ? -8.266  3.763   -4.693  1.00 43.46 ? 1215 NP5 A C16 1 
HETATM 1720 O  O1  . NP5 B 2 .   ? -7.650  1.815   -3.001  1.00 29.48 ? 1215 NP5 A O1  1 
HETATM 1721 O  O3  . NP5 B 2 .   ? -6.519  2.254   -0.468  1.00 35.37 ? 1215 NP5 A O3  1 
HETATM 1722 O  O4  . NP5 B 2 .   ? -1.761  2.295   -0.618  1.00 24.07 ? 1215 NP5 A O4  1 
HETATM 1723 CL CL1 . NP5 B 2 .   ? -1.667  2.613   -3.509  1.00 43.92 ? 1215 NP5 A CL1 1 
HETATM 1724 O  O5  . NP5 B 2 .   ? -4.359  4.533   -6.337  1.00 42.07 ? 1215 NP5 A O5  1 
HETATM 1725 O  O   . HOH C 3 .   ? 20.232  0.844   -1.598  1.00 27.29 ? 2001 HOH A O   1 
HETATM 1726 O  O   . HOH C 3 .   ? 12.020  13.040  5.140   1.00 29.79 ? 2002 HOH A O   1 
HETATM 1727 O  O   . HOH C 3 .   ? -2.701  5.395   -14.111 1.00 35.37 ? 2003 HOH A O   1 
HETATM 1728 O  O   . HOH C 3 .   ? 8.915   12.990  -21.554 1.00 19.46 ? 2004 HOH A O   1 
HETATM 1729 O  O   . HOH C 3 .   ? 0.393   5.067   -7.178  1.00 35.27 ? 2005 HOH A O   1 
HETATM 1730 O  O   . HOH C 3 .   ? 7.092   -8.303  -9.747  1.00 44.42 ? 2006 HOH A O   1 
# 
loop_
_pdbx_poly_seq_scheme.asym_id 
_pdbx_poly_seq_scheme.entity_id 
_pdbx_poly_seq_scheme.seq_id 
_pdbx_poly_seq_scheme.mon_id 
_pdbx_poly_seq_scheme.ndb_seq_num 
_pdbx_poly_seq_scheme.pdb_seq_num 
_pdbx_poly_seq_scheme.auth_seq_num 
_pdbx_poly_seq_scheme.pdb_mon_id 
_pdbx_poly_seq_scheme.auth_mon_id 
_pdbx_poly_seq_scheme.pdb_strand_id 
_pdbx_poly_seq_scheme.pdb_ins_code 
_pdbx_poly_seq_scheme.hetero 
A 1 1   MET 1   1   1   MET MET A . n 
A 1 2   ALA 2   2   2   ALA ALA A . n 
A 1 3   SER 3   3   3   SER SER A . n 
A 1 4   GLU 4   4   4   GLU GLU A . n 
A 1 5   THR 5   5   5   THR THR A . n 
A 1 6   PHE 6   6   6   PHE PHE A . n 
A 1 7   GLU 7   7   7   GLU GLU A . n 
A 1 8   PHE 8   8   8   PHE PHE A . n 
A 1 9   GLN 9   9   9   GLN GLN A . n 
A 1 10  ALA 10  10  10  ALA ALA A . n 
A 1 11  GLU 11  11  11  GLU GLU A . n 
A 1 12  ILE 12  12  12  ILE ILE A . n 
A 1 13  THR 13  13  13  THR THR A . n 
A 1 14  GLN 14  14  14  GLN GLN A . n 
A 1 15  LEU 15  15  15  LEU LEU A . n 
A 1 16  MET 16  16  16  MET MET A . n 
A 1 17  SER 17  17  17  SER SER A . n 
A 1 18  LEU 18  18  18  LEU LEU A . n 
A 1 19  ILE 19  19  19  ILE ILE A . n 
A 1 20  ILE 20  20  20  ILE ILE A . n 
A 1 21  ASN 21  21  21  ASN ASN A . n 
A 1 22  THR 22  22  22  THR THR A . n 
A 1 23  VAL 23  23  23  VAL VAL A . n 
A 1 24  TYR 24  24  24  TYR TYR A . n 
A 1 25  SER 25  25  25  SER SER A . n 
A 1 26  ASN 26  26  26  ASN ASN A . n 
A 1 27  LYS 27  27  27  LYS LYS A . n 
A 1 28  GLU 28  28  28  GLU GLU A . n 
A 1 29  ILE 29  29  29  ILE ILE A . n 
A 1 30  PHE 30  30  30  PHE PHE A . n 
A 1 31  LEU 31  31  31  LEU LEU A . n 
A 1 32  ARG 32  32  32  ARG ARG A . n 
A 1 33  GLU 33  33  33  GLU GLU A . n 
A 1 34  LEU 34  34  34  LEU LEU A . n 
A 1 35  ILE 35  35  35  ILE ILE A . n 
A 1 36  SER 36  36  36  SER SER A . n 
A 1 37  ASN 37  37  37  ASN ASN A . n 
A 1 38  ALA 38  38  38  ALA ALA A . n 
A 1 39  SER 39  39  39  SER SER A . n 
A 1 40  ASP 40  40  40  ASP ASP A . n 
A 1 41  ALA 41  41  41  ALA ALA A . n 
A 1 42  LEU 42  42  42  LEU LEU A . n 
A 1 43  ASP 43  43  43  ASP ASP A . n 
A 1 44  LYS 44  44  44  LYS LYS A . n 
A 1 45  ILE 45  45  45  ILE ILE A . n 
A 1 46  ARG 46  46  46  ARG ARG A . n 
A 1 47  TYR 47  47  47  TYR TYR A . n 
A 1 48  LYS 48  48  48  LYS LYS A . n 
A 1 49  SER 49  49  49  SER SER A . n 
A 1 50  LEU 50  50  50  LEU LEU A . n 
A 1 51  SER 51  51  51  SER SER A . n 
A 1 52  ASP 52  52  52  ASP ASP A . n 
A 1 53  PRO 53  53  53  PRO PRO A . n 
A 1 54  LYS 54  54  54  LYS LYS A . n 
A 1 55  GLN 55  55  55  GLN GLN A . n 
A 1 56  LEU 56  56  56  LEU LEU A . n 
A 1 57  GLU 57  57  57  GLU GLU A . n 
A 1 58  THR 58  58  58  THR THR A . n 
A 1 59  GLU 59  59  59  GLU GLU A . n 
A 1 60  PRO 60  60  60  PRO PRO A . n 
A 1 61  ASP 61  61  61  ASP ASP A . n 
A 1 62  LEU 62  62  62  LEU LEU A . n 
A 1 63  PHE 63  63  63  PHE PHE A . n 
A 1 64  ILE 64  64  64  ILE ILE A . n 
A 1 65  ARG 65  65  65  ARG ARG A . n 
A 1 66  ILE 66  66  66  ILE ILE A . n 
A 1 67  THR 67  67  67  THR THR A . n 
A 1 68  PRO 68  68  68  PRO PRO A . n 
A 1 69  LYS 69  69  69  LYS LYS A . n 
A 1 70  PRO 70  70  70  PRO PRO A . n 
A 1 71  GLU 71  71  71  GLU GLU A . n 
A 1 72  GLN 72  72  72  GLN GLN A . n 
A 1 73  LYS 73  73  73  LYS LYS A . n 
A 1 74  VAL 74  74  74  VAL VAL A . n 
A 1 75  LEU 75  75  75  LEU LEU A . n 
A 1 76  GLU 76  76  76  GLU GLU A . n 
A 1 77  ILE 77  77  77  ILE ILE A . n 
A 1 78  ARG 78  78  78  ARG ARG A . n 
A 1 79  ASP 79  79  79  ASP ASP A . n 
A 1 80  SER 80  80  80  SER SER A . n 
A 1 81  GLY 81  81  81  GLY GLY A . n 
A 1 82  ILE 82  82  82  ILE ILE A . n 
A 1 83  GLY 83  83  83  GLY GLY A . n 
A 1 84  MET 84  84  84  MET MET A . n 
A 1 85  THR 85  85  85  THR THR A . n 
A 1 86  LYS 86  86  86  LYS LYS A . n 
A 1 87  ALA 87  87  87  ALA ALA A . n 
A 1 88  GLU 88  88  88  GLU GLU A . n 
A 1 89  LEU 89  89  89  LEU LEU A . n 
A 1 90  ILE 90  90  90  ILE ILE A . n 
A 1 91  ASN 91  91  91  ASN ASN A . n 
A 1 92  ASN 92  92  92  ASN ASN A . n 
A 1 93  LEU 93  93  93  LEU LEU A . n 
A 1 94  GLY 94  94  94  GLY GLY A . n 
A 1 95  THR 95  95  95  THR THR A . n 
A 1 96  ILE 96  96  96  ILE ILE A . n 
A 1 97  ALA 97  97  97  ALA ALA A . n 
A 1 98  LYS 98  98  98  LYS LYS A . n 
A 1 99  SER 99  99  99  SER SER A . n 
A 1 100 GLY 100 100 100 GLY GLY A . n 
A 1 101 THR 101 101 101 THR THR A . n 
A 1 102 LYS 102 102 102 LYS LYS A . n 
A 1 103 ALA 103 103 103 ALA ALA A . n 
A 1 104 PHE 104 104 104 PHE PHE A . n 
A 1 105 MET 105 105 105 MET MET A . n 
A 1 106 GLU 106 106 106 GLU GLU A . n 
A 1 107 ALA 107 107 107 ALA ALA A . n 
A 1 108 LEU 108 108 108 LEU LEU A . n 
A 1 109 SER 109 109 109 SER SER A . n 
A 1 110 ALA 110 110 110 ALA ALA A . n 
A 1 111 GLY 111 111 111 GLY GLY A . n 
A 1 112 ALA 112 112 112 ALA ALA A . n 
A 1 113 ASP 113 113 113 ASP ASP A . n 
A 1 114 VAL 114 114 114 VAL VAL A . n 
A 1 115 SER 115 115 115 SER SER A . n 
A 1 116 MET 116 116 116 MET MET A . n 
A 1 117 ILE 117 117 117 ILE ILE A . n 
A 1 118 GLY 118 118 118 GLY GLY A . n 
A 1 119 GLN 119 119 119 GLN GLN A . n 
A 1 120 PHE 120 120 120 PHE PHE A . n 
A 1 121 GLY 121 121 121 GLY GLY A . n 
A 1 122 VAL 122 122 122 VAL VAL A . n 
A 1 123 GLY 123 123 123 GLY GLY A . n 
A 1 124 PHE 124 124 124 PHE PHE A . n 
A 1 125 TYR 125 125 125 TYR TYR A . n 
A 1 126 SER 126 126 126 SER SER A . n 
A 1 127 LEU 127 127 127 LEU LEU A . n 
A 1 128 PHE 128 128 128 PHE PHE A . n 
A 1 129 LEU 129 129 129 LEU LEU A . n 
A 1 130 VAL 130 130 130 VAL VAL A . n 
A 1 131 ALA 131 131 131 ALA ALA A . n 
A 1 132 ASP 132 132 132 ASP ASP A . n 
A 1 133 ARG 133 133 133 ARG ARG A . n 
A 1 134 VAL 134 134 134 VAL VAL A . n 
A 1 135 GLN 135 135 135 GLN GLN A . n 
A 1 136 VAL 136 136 136 VAL VAL A . n 
A 1 137 ILE 137 137 137 ILE ILE A . n 
A 1 138 SER 138 138 138 SER SER A . n 
A 1 139 LYS 139 139 139 LYS LYS A . n 
A 1 140 SER 140 140 140 SER SER A . n 
A 1 141 ASN 141 141 141 ASN ASN A . n 
A 1 142 ASP 142 142 142 ASP ASP A . n 
A 1 143 ASP 143 143 143 ASP ASP A . n 
A 1 144 GLU 144 144 144 GLU GLU A . n 
A 1 145 GLN 145 145 145 GLN GLN A . n 
A 1 146 TYR 146 146 146 TYR TYR A . n 
A 1 147 ILE 147 147 147 ILE ILE A . n 
A 1 148 TRP 148 148 148 TRP TRP A . n 
A 1 149 GLU 149 149 149 GLU GLU A . n 
A 1 150 SER 150 150 150 SER SER A . n 
A 1 151 ASN 151 151 151 ASN ASN A . n 
A 1 152 ALA 152 152 152 ALA ALA A . n 
A 1 153 GLY 153 153 153 GLY GLY A . n 
A 1 154 GLY 154 154 154 GLY GLY A . n 
A 1 155 SER 155 155 155 SER SER A . n 
A 1 156 PHE 156 156 156 PHE PHE A . n 
A 1 157 THR 157 157 157 THR THR A . n 
A 1 158 VAL 158 158 158 VAL VAL A . n 
A 1 159 THR 159 159 159 THR THR A . n 
A 1 160 LEU 160 160 160 LEU LEU A . n 
A 1 161 ASP 161 161 161 ASP ASP A . n 
A 1 162 GLU 162 162 162 GLU GLU A . n 
A 1 163 VAL 163 163 163 VAL VAL A . n 
A 1 164 ASN 164 164 164 ASN ASN A . n 
A 1 165 GLU 165 165 165 GLU GLU A . n 
A 1 166 ARG 166 166 166 ARG ARG A . n 
A 1 167 ILE 167 167 167 ILE ILE A . n 
A 1 168 GLY 168 168 168 GLY GLY A . n 
A 1 169 ARG 169 169 169 ARG ARG A . n 
A 1 170 GLY 170 170 170 GLY GLY A . n 
A 1 171 THR 171 171 171 THR THR A . n 
A 1 172 ILE 172 172 172 ILE ILE A . n 
A 1 173 LEU 173 173 173 LEU LEU A . n 
A 1 174 ARG 174 174 174 ARG ARG A . n 
A 1 175 LEU 175 175 175 LEU LEU A . n 
A 1 176 PHE 176 176 176 PHE PHE A . n 
A 1 177 LEU 177 177 177 LEU LEU A . n 
A 1 178 LYS 178 178 178 LYS LYS A . n 
A 1 179 ASP 179 179 179 ASP ASP A . n 
A 1 180 ASP 180 180 180 ASP ASP A . n 
A 1 181 GLN 181 181 181 GLN GLN A . n 
A 1 182 LEU 182 182 182 LEU LEU A . n 
A 1 183 GLU 183 183 183 GLU GLU A . n 
A 1 184 TYR 184 184 184 TYR TYR A . n 
A 1 185 LEU 185 185 185 LEU LEU A . n 
A 1 186 GLU 186 186 186 GLU GLU A . n 
A 1 187 GLU 187 187 187 GLU GLU A . n 
A 1 188 LYS 188 188 188 LYS LYS A . n 
A 1 189 ARG 189 189 189 ARG ARG A . n 
A 1 190 ILE 190 190 190 ILE ILE A . n 
A 1 191 LYS 191 191 191 LYS LYS A . n 
A 1 192 GLU 192 192 192 GLU GLU A . n 
A 1 193 VAL 193 193 193 VAL VAL A . n 
A 1 194 ILE 194 194 194 ILE ILE A . n 
A 1 195 LYS 195 195 195 LYS LYS A . n 
A 1 196 ARG 196 196 196 ARG ARG A . n 
A 1 197 HIS 197 197 197 HIS HIS A . n 
A 1 198 SER 198 198 198 SER SER A . n 
A 1 199 GLU 199 199 199 GLU GLU A . n 
A 1 200 PHE 200 200 200 PHE PHE A . n 
A 1 201 VAL 201 201 201 VAL VAL A . n 
A 1 202 ALA 202 202 202 ALA ALA A . n 
A 1 203 TYR 203 203 203 TYR TYR A . n 
A 1 204 PRO 204 204 204 PRO PRO A . n 
A 1 205 ILE 205 205 205 ILE ILE A . n 
A 1 206 GLN 206 206 206 GLN GLN A . n 
A 1 207 LEU 207 207 207 LEU LEU A . n 
A 1 208 VAL 208 208 208 VAL VAL A . n 
A 1 209 VAL 209 209 209 VAL VAL A . n 
A 1 210 THR 210 210 210 THR THR A . n 
A 1 211 LYS 211 211 211 LYS LYS A . n 
A 1 212 GLU 212 212 212 GLU GLU A . n 
A 1 213 VAL 213 213 213 VAL VAL A . n 
A 1 214 GLU 214 214 214 GLU GLU A . n 
# 
loop_
_pdbx_nonpoly_scheme.asym_id 
_pdbx_nonpoly_scheme.entity_id 
_pdbx_nonpoly_scheme.mon_id 
_pdbx_nonpoly_scheme.ndb_seq_num 
_pdbx_nonpoly_scheme.pdb_seq_num 
_pdbx_nonpoly_scheme.auth_seq_num 
_pdbx_nonpoly_scheme.pdb_mon_id 
_pdbx_nonpoly_scheme.auth_mon_id 
_pdbx_nonpoly_scheme.pdb_strand_id 
_pdbx_nonpoly_scheme.pdb_ins_code 
B 2 NP5 1 1215 1215 NP5 NP5 A . 
C 3 HOH 1 2001 2001 HOH HOH A . 
C 3 HOH 2 2002 2002 HOH HOH A . 
C 3 HOH 3 2003 2003 HOH HOH A . 
C 3 HOH 4 2004 2004 HOH HOH A . 
C 3 HOH 5 2005 2005 HOH HOH A . 
C 3 HOH 6 2006 2006 HOH HOH A . 
# 
_pdbx_struct_assembly.id                   1 
_pdbx_struct_assembly.details              author_and_software_defined_assembly 
_pdbx_struct_assembly.method_details       PQS 
_pdbx_struct_assembly.oligomeric_details   monomeric 
_pdbx_struct_assembly.oligomeric_count     1 
# 
_pdbx_struct_assembly_gen.assembly_id       1 
_pdbx_struct_assembly_gen.oper_expression   1 
_pdbx_struct_assembly_gen.asym_id_list      A,B,C 
# 
_pdbx_struct_oper_list.id                   1 
_pdbx_struct_oper_list.type                 'identity operation' 
_pdbx_struct_oper_list.name                 1_555 
_pdbx_struct_oper_list.symmetry_operation   x,y,z 
_pdbx_struct_oper_list.matrix[1][1]         1.0000000000 
_pdbx_struct_oper_list.matrix[1][2]         0.0000000000 
_pdbx_struct_oper_list.matrix[1][3]         0.0000000000 
_pdbx_struct_oper_list.vector[1]            0.0000000000 
_pdbx_struct_oper_list.matrix[2][1]         0.0000000000 
_pdbx_struct_oper_list.matrix[2][2]         1.0000000000 
_pdbx_struct_oper_list.matrix[2][3]         0.0000000000 
_pdbx_struct_oper_list.vector[2]            0.0000000000 
_pdbx_struct_oper_list.matrix[3][1]         0.0000000000 
_pdbx_struct_oper_list.matrix[3][2]         0.0000000000 
_pdbx_struct_oper_list.matrix[3][3]         1.0000000000 
_pdbx_struct_oper_list.vector[3]            0.0000000000 
# 
loop_
_pdbx_audit_revision_history.ordinal 
_pdbx_audit_revision_history.data_content_type 
_pdbx_audit_revision_history.major_revision 
_pdbx_audit_revision_history.minor_revision 
_pdbx_audit_revision_history.revision_date 
1 'Structure model' 1 0 2006-11-30 
2 'Structure model' 1 1 2011-05-08 
3 'Structure model' 1 2 2011-07-13 
4 'Structure model' 1 3 2023-12-13 
# 
_pdbx_audit_revision_details.ordinal             1 
_pdbx_audit_revision_details.revision_ordinal    1 
_pdbx_audit_revision_details.data_content_type   'Structure model' 
_pdbx_audit_revision_details.provider            repository 
_pdbx_audit_revision_details.type                'Initial release' 
_pdbx_audit_revision_details.description         ? 
_pdbx_audit_revision_details.details             ? 
# 
loop_
_pdbx_audit_revision_group.ordinal 
_pdbx_audit_revision_group.revision_ordinal 
_pdbx_audit_revision_group.data_content_type 
_pdbx_audit_revision_group.group 
1 2 'Structure model' 'Version format compliance' 
2 3 'Structure model' 'Version format compliance' 
3 4 'Structure model' 'Data collection'           
4 4 'Structure model' 'Database references'       
5 4 'Structure model' Other                       
6 4 'Structure model' 'Refinement description'    
# 
loop_
_pdbx_audit_revision_category.ordinal 
_pdbx_audit_revision_category.revision_ordinal 
_pdbx_audit_revision_category.data_content_type 
_pdbx_audit_revision_category.category 
1 4 'Structure model' chem_comp_atom                
2 4 'Structure model' chem_comp_bond                
3 4 'Structure model' database_2                    
4 4 'Structure model' pdbx_database_status          
5 4 'Structure model' pdbx_initial_refinement_model 
# 
loop_
_pdbx_audit_revision_item.ordinal 
_pdbx_audit_revision_item.revision_ordinal 
_pdbx_audit_revision_item.data_content_type 
_pdbx_audit_revision_item.item 
1 4 'Structure model' '_database_2.pdbx_DOI'                 
2 4 'Structure model' '_database_2.pdbx_database_accession'  
3 4 'Structure model' '_pdbx_database_status.status_code_sf' 
# 
loop_
_software.name 
_software.classification 
_software.version 
_software.citation_id 
_software.pdbx_ordinal 
PHENIX refinement       . ? 1 
MOSFLM 'data reduction' . ? 2 
SCALA  'data scaling'   . ? 3 
PHENIX refinement       . ? 4 
# 
loop_
_pdbx_validate_torsion.id 
_pdbx_validate_torsion.PDB_model_num 
_pdbx_validate_torsion.auth_comp_id 
_pdbx_validate_torsion.auth_asym_id 
_pdbx_validate_torsion.auth_seq_id 
_pdbx_validate_torsion.PDB_ins_code 
_pdbx_validate_torsion.label_alt_id 
_pdbx_validate_torsion.phi 
_pdbx_validate_torsion.psi 
1 1 TYR A 24  ? ? -112.33 -77.18 
2 1 GLU A 59  ? ? -179.97 78.73  
3 1 ALA A 152 ? ? 72.75   -0.39  
4 1 PHE A 200 ? ? -101.22 59.15  
# 
loop_
_chem_comp_atom.comp_id 
_chem_comp_atom.atom_id 
_chem_comp_atom.type_symbol 
_chem_comp_atom.pdbx_aromatic_flag 
_chem_comp_atom.pdbx_stereo_config 
_chem_comp_atom.pdbx_ordinal 
ALA N    N  N N 1   
ALA CA   C  N S 2   
ALA C    C  N N 3   
ALA O    O  N N 4   
ALA CB   C  N N 5   
ALA OXT  O  N N 6   
ALA H    H  N N 7   
ALA H2   H  N N 8   
ALA HA   H  N N 9   
ALA HB1  H  N N 10  
ALA HB2  H  N N 11  
ALA HB3  H  N N 12  
ALA HXT  H  N N 13  
ARG N    N  N N 14  
ARG CA   C  N S 15  
ARG C    C  N N 16  
ARG O    O  N N 17  
ARG CB   C  N N 18  
ARG CG   C  N N 19  
ARG CD   C  N N 20  
ARG NE   N  N N 21  
ARG CZ   C  N N 22  
ARG NH1  N  N N 23  
ARG NH2  N  N N 24  
ARG OXT  O  N N 25  
ARG H    H  N N 26  
ARG H2   H  N N 27  
ARG HA   H  N N 28  
ARG HB2  H  N N 29  
ARG HB3  H  N N 30  
ARG HG2  H  N N 31  
ARG HG3  H  N N 32  
ARG HD2  H  N N 33  
ARG HD3  H  N N 34  
ARG HE   H  N N 35  
ARG HH11 H  N N 36  
ARG HH12 H  N N 37  
ARG HH21 H  N N 38  
ARG HH22 H  N N 39  
ARG HXT  H  N N 40  
ASN N    N  N N 41  
ASN CA   C  N S 42  
ASN C    C  N N 43  
ASN O    O  N N 44  
ASN CB   C  N N 45  
ASN CG   C  N N 46  
ASN OD1  O  N N 47  
ASN ND2  N  N N 48  
ASN OXT  O  N N 49  
ASN H    H  N N 50  
ASN H2   H  N N 51  
ASN HA   H  N N 52  
ASN HB2  H  N N 53  
ASN HB3  H  N N 54  
ASN HD21 H  N N 55  
ASN HD22 H  N N 56  
ASN HXT  H  N N 57  
ASP N    N  N N 58  
ASP CA   C  N S 59  
ASP C    C  N N 60  
ASP O    O  N N 61  
ASP CB   C  N N 62  
ASP CG   C  N N 63  
ASP OD1  O  N N 64  
ASP OD2  O  N N 65  
ASP OXT  O  N N 66  
ASP H    H  N N 67  
ASP H2   H  N N 68  
ASP HA   H  N N 69  
ASP HB2  H  N N 70  
ASP HB3  H  N N 71  
ASP HD2  H  N N 72  
ASP HXT  H  N N 73  
GLN N    N  N N 74  
GLN CA   C  N S 75  
GLN C    C  N N 76  
GLN O    O  N N 77  
GLN CB   C  N N 78  
GLN CG   C  N N 79  
GLN CD   C  N N 80  
GLN OE1  O  N N 81  
GLN NE2  N  N N 82  
GLN OXT  O  N N 83  
GLN H    H  N N 84  
GLN H2   H  N N 85  
GLN HA   H  N N 86  
GLN HB2  H  N N 87  
GLN HB3  H  N N 88  
GLN HG2  H  N N 89  
GLN HG3  H  N N 90  
GLN HE21 H  N N 91  
GLN HE22 H  N N 92  
GLN HXT  H  N N 93  
GLU N    N  N N 94  
GLU CA   C  N S 95  
GLU C    C  N N 96  
GLU O    O  N N 97  
GLU CB   C  N N 98  
GLU CG   C  N N 99  
GLU CD   C  N N 100 
GLU OE1  O  N N 101 
GLU OE2  O  N N 102 
GLU OXT  O  N N 103 
GLU H    H  N N 104 
GLU H2   H  N N 105 
GLU HA   H  N N 106 
GLU HB2  H  N N 107 
GLU HB3  H  N N 108 
GLU HG2  H  N N 109 
GLU HG3  H  N N 110 
GLU HE2  H  N N 111 
GLU HXT  H  N N 112 
GLY N    N  N N 113 
GLY CA   C  N N 114 
GLY C    C  N N 115 
GLY O    O  N N 116 
GLY OXT  O  N N 117 
GLY H    H  N N 118 
GLY H2   H  N N 119 
GLY HA2  H  N N 120 
GLY HA3  H  N N 121 
GLY HXT  H  N N 122 
HIS N    N  N N 123 
HIS CA   C  N S 124 
HIS C    C  N N 125 
HIS O    O  N N 126 
HIS CB   C  N N 127 
HIS CG   C  Y N 128 
HIS ND1  N  Y N 129 
HIS CD2  C  Y N 130 
HIS CE1  C  Y N 131 
HIS NE2  N  Y N 132 
HIS OXT  O  N N 133 
HIS H    H  N N 134 
HIS H2   H  N N 135 
HIS HA   H  N N 136 
HIS HB2  H  N N 137 
HIS HB3  H  N N 138 
HIS HD1  H  N N 139 
HIS HD2  H  N N 140 
HIS HE1  H  N N 141 
HIS HE2  H  N N 142 
HIS HXT  H  N N 143 
HOH O    O  N N 144 
HOH H1   H  N N 145 
HOH H2   H  N N 146 
ILE N    N  N N 147 
ILE CA   C  N S 148 
ILE C    C  N N 149 
ILE O    O  N N 150 
ILE CB   C  N S 151 
ILE CG1  C  N N 152 
ILE CG2  C  N N 153 
ILE CD1  C  N N 154 
ILE OXT  O  N N 155 
ILE H    H  N N 156 
ILE H2   H  N N 157 
ILE HA   H  N N 158 
ILE HB   H  N N 159 
ILE HG12 H  N N 160 
ILE HG13 H  N N 161 
ILE HG21 H  N N 162 
ILE HG22 H  N N 163 
ILE HG23 H  N N 164 
ILE HD11 H  N N 165 
ILE HD12 H  N N 166 
ILE HD13 H  N N 167 
ILE HXT  H  N N 168 
LEU N    N  N N 169 
LEU CA   C  N S 170 
LEU C    C  N N 171 
LEU O    O  N N 172 
LEU CB   C  N N 173 
LEU CG   C  N N 174 
LEU CD1  C  N N 175 
LEU CD2  C  N N 176 
LEU OXT  O  N N 177 
LEU H    H  N N 178 
LEU H2   H  N N 179 
LEU HA   H  N N 180 
LEU HB2  H  N N 181 
LEU HB3  H  N N 182 
LEU HG   H  N N 183 
LEU HD11 H  N N 184 
LEU HD12 H  N N 185 
LEU HD13 H  N N 186 
LEU HD21 H  N N 187 
LEU HD22 H  N N 188 
LEU HD23 H  N N 189 
LEU HXT  H  N N 190 
LYS N    N  N N 191 
LYS CA   C  N S 192 
LYS C    C  N N 193 
LYS O    O  N N 194 
LYS CB   C  N N 195 
LYS CG   C  N N 196 
LYS CD   C  N N 197 
LYS CE   C  N N 198 
LYS NZ   N  N N 199 
LYS OXT  O  N N 200 
LYS H    H  N N 201 
LYS H2   H  N N 202 
LYS HA   H  N N 203 
LYS HB2  H  N N 204 
LYS HB3  H  N N 205 
LYS HG2  H  N N 206 
LYS HG3  H  N N 207 
LYS HD2  H  N N 208 
LYS HD3  H  N N 209 
LYS HE2  H  N N 210 
LYS HE3  H  N N 211 
LYS HZ1  H  N N 212 
LYS HZ2  H  N N 213 
LYS HZ3  H  N N 214 
LYS HXT  H  N N 215 
MET N    N  N N 216 
MET CA   C  N S 217 
MET C    C  N N 218 
MET O    O  N N 219 
MET CB   C  N N 220 
MET CG   C  N N 221 
MET SD   S  N N 222 
MET CE   C  N N 223 
MET OXT  O  N N 224 
MET H    H  N N 225 
MET H2   H  N N 226 
MET HA   H  N N 227 
MET HB2  H  N N 228 
MET HB3  H  N N 229 
MET HG2  H  N N 230 
MET HG3  H  N N 231 
MET HE1  H  N N 232 
MET HE2  H  N N 233 
MET HE3  H  N N 234 
MET HXT  H  N N 235 
NP5 C1   C  N N 236 
NP5 O10  O  N N 237 
NP5 C2   C  Y N 238 
NP5 C3   C  Y N 239 
NP5 C4   C  Y N 240 
NP5 C5   C  Y N 241 
NP5 C6   C  Y N 242 
NP5 C7   C  Y N 243 
NP5 C8   C  N N 244 
NP5 C9   C  N N 245 
NP5 C10  C  N N 246 
NP5 C11  C  N N 247 
NP5 C12  C  N N 248 
NP5 C13  C  N N 249 
NP5 C14  C  N N 250 
NP5 C15  C  N N 251 
NP5 C16  C  N N 252 
NP5 O1   O  N N 253 
NP5 O3   O  N N 254 
NP5 O4   O  N N 255 
NP5 CL1  CL N N 256 
NP5 O5   O  N N 257 
NP5 H4   H  N N 258 
NP5 H8C1 H  N N 259 
NP5 H8C2 H  N N 260 
NP5 H101 H  N N 261 
NP5 H102 H  N N 262 
NP5 H111 H  N N 263 
NP5 H112 H  N N 264 
NP5 H121 H  N N 265 
NP5 H122 H  N N 266 
NP5 H13  H  N N 267 
NP5 H14  H  N N 268 
NP5 H151 H  N N 269 
NP5 H152 H  N N 270 
NP5 H161 H  N N 271 
NP5 H162 H  N N 272 
NP5 H3   H  N N 273 
NP5 HA   H  N N 274 
PHE N    N  N N 275 
PHE CA   C  N S 276 
PHE C    C  N N 277 
PHE O    O  N N 278 
PHE CB   C  N N 279 
PHE CG   C  Y N 280 
PHE CD1  C  Y N 281 
PHE CD2  C  Y N 282 
PHE CE1  C  Y N 283 
PHE CE2  C  Y N 284 
PHE CZ   C  Y N 285 
PHE OXT  O  N N 286 
PHE H    H  N N 287 
PHE H2   H  N N 288 
PHE HA   H  N N 289 
PHE HB2  H  N N 290 
PHE HB3  H  N N 291 
PHE HD1  H  N N 292 
PHE HD2  H  N N 293 
PHE HE1  H  N N 294 
PHE HE2  H  N N 295 
PHE HZ   H  N N 296 
PHE HXT  H  N N 297 
PRO N    N  N N 298 
PRO CA   C  N S 299 
PRO C    C  N N 300 
PRO O    O  N N 301 
PRO CB   C  N N 302 
PRO CG   C  N N 303 
PRO CD   C  N N 304 
PRO OXT  O  N N 305 
PRO H    H  N N 306 
PRO HA   H  N N 307 
PRO HB2  H  N N 308 
PRO HB3  H  N N 309 
PRO HG2  H  N N 310 
PRO HG3  H  N N 311 
PRO HD2  H  N N 312 
PRO HD3  H  N N 313 
PRO HXT  H  N N 314 
SER N    N  N N 315 
SER CA   C  N S 316 
SER C    C  N N 317 
SER O    O  N N 318 
SER CB   C  N N 319 
SER OG   O  N N 320 
SER OXT  O  N N 321 
SER H    H  N N 322 
SER H2   H  N N 323 
SER HA   H  N N 324 
SER HB2  H  N N 325 
SER HB3  H  N N 326 
SER HG   H  N N 327 
SER HXT  H  N N 328 
THR N    N  N N 329 
THR CA   C  N S 330 
THR C    C  N N 331 
THR O    O  N N 332 
THR CB   C  N R 333 
THR OG1  O  N N 334 
THR CG2  C  N N 335 
THR OXT  O  N N 336 
THR H    H  N N 337 
THR H2   H  N N 338 
THR HA   H  N N 339 
THR HB   H  N N 340 
THR HG1  H  N N 341 
THR HG21 H  N N 342 
THR HG22 H  N N 343 
THR HG23 H  N N 344 
THR HXT  H  N N 345 
TRP N    N  N N 346 
TRP CA   C  N S 347 
TRP C    C  N N 348 
TRP O    O  N N 349 
TRP CB   C  N N 350 
TRP CG   C  Y N 351 
TRP CD1  C  Y N 352 
TRP CD2  C  Y N 353 
TRP NE1  N  Y N 354 
TRP CE2  C  Y N 355 
TRP CE3  C  Y N 356 
TRP CZ2  C  Y N 357 
TRP CZ3  C  Y N 358 
TRP CH2  C  Y N 359 
TRP OXT  O  N N 360 
TRP H    H  N N 361 
TRP H2   H  N N 362 
TRP HA   H  N N 363 
TRP HB2  H  N N 364 
TRP HB3  H  N N 365 
TRP HD1  H  N N 366 
TRP HE1  H  N N 367 
TRP HE3  H  N N 368 
TRP HZ2  H  N N 369 
TRP HZ3  H  N N 370 
TRP HH2  H  N N 371 
TRP HXT  H  N N 372 
TYR N    N  N N 373 
TYR CA   C  N S 374 
TYR C    C  N N 375 
TYR O    O  N N 376 
TYR CB   C  N N 377 
TYR CG   C  Y N 378 
TYR CD1  C  Y N 379 
TYR CD2  C  Y N 380 
TYR CE1  C  Y N 381 
TYR CE2  C  Y N 382 
TYR CZ   C  Y N 383 
TYR OH   O  N N 384 
TYR OXT  O  N N 385 
TYR H    H  N N 386 
TYR H2   H  N N 387 
TYR HA   H  N N 388 
TYR HB2  H  N N 389 
TYR HB3  H  N N 390 
TYR HD1  H  N N 391 
TYR HD2  H  N N 392 
TYR HE1  H  N N 393 
TYR HE2  H  N N 394 
TYR HH   H  N N 395 
TYR HXT  H  N N 396 
VAL N    N  N N 397 
VAL CA   C  N S 398 
VAL C    C  N N 399 
VAL O    O  N N 400 
VAL CB   C  N N 401 
VAL CG1  C  N N 402 
VAL CG2  C  N N 403 
VAL OXT  O  N N 404 
VAL H    H  N N 405 
VAL H2   H  N N 406 
VAL HA   H  N N 407 
VAL HB   H  N N 408 
VAL HG11 H  N N 409 
VAL HG12 H  N N 410 
VAL HG13 H  N N 411 
VAL HG21 H  N N 412 
VAL HG22 H  N N 413 
VAL HG23 H  N N 414 
VAL HXT  H  N N 415 
# 
loop_
_chem_comp_bond.comp_id 
_chem_comp_bond.atom_id_1 
_chem_comp_bond.atom_id_2 
_chem_comp_bond.value_order 
_chem_comp_bond.pdbx_aromatic_flag 
_chem_comp_bond.pdbx_stereo_config 
_chem_comp_bond.pdbx_ordinal 
ALA N   CA   sing N N 1   
ALA N   H    sing N N 2   
ALA N   H2   sing N N 3   
ALA CA  C    sing N N 4   
ALA CA  CB   sing N N 5   
ALA CA  HA   sing N N 6   
ALA C   O    doub N N 7   
ALA C   OXT  sing N N 8   
ALA CB  HB1  sing N N 9   
ALA CB  HB2  sing N N 10  
ALA CB  HB3  sing N N 11  
ALA OXT HXT  sing N N 12  
ARG N   CA   sing N N 13  
ARG N   H    sing N N 14  
ARG N   H2   sing N N 15  
ARG CA  C    sing N N 16  
ARG CA  CB   sing N N 17  
ARG CA  HA   sing N N 18  
ARG C   O    doub N N 19  
ARG C   OXT  sing N N 20  
ARG CB  CG   sing N N 21  
ARG CB  HB2  sing N N 22  
ARG CB  HB3  sing N N 23  
ARG CG  CD   sing N N 24  
ARG CG  HG2  sing N N 25  
ARG CG  HG3  sing N N 26  
ARG CD  NE   sing N N 27  
ARG CD  HD2  sing N N 28  
ARG CD  HD3  sing N N 29  
ARG NE  CZ   sing N N 30  
ARG NE  HE   sing N N 31  
ARG CZ  NH1  sing N N 32  
ARG CZ  NH2  doub N N 33  
ARG NH1 HH11 sing N N 34  
ARG NH1 HH12 sing N N 35  
ARG NH2 HH21 sing N N 36  
ARG NH2 HH22 sing N N 37  
ARG OXT HXT  sing N N 38  
ASN N   CA   sing N N 39  
ASN N   H    sing N N 40  
ASN N   H2   sing N N 41  
ASN CA  C    sing N N 42  
ASN CA  CB   sing N N 43  
ASN CA  HA   sing N N 44  
ASN C   O    doub N N 45  
ASN C   OXT  sing N N 46  
ASN CB  CG   sing N N 47  
ASN CB  HB2  sing N N 48  
ASN CB  HB3  sing N N 49  
ASN CG  OD1  doub N N 50  
ASN CG  ND2  sing N N 51  
ASN ND2 HD21 sing N N 52  
ASN ND2 HD22 sing N N 53  
ASN OXT HXT  sing N N 54  
ASP N   CA   sing N N 55  
ASP N   H    sing N N 56  
ASP N   H2   sing N N 57  
ASP CA  C    sing N N 58  
ASP CA  CB   sing N N 59  
ASP CA  HA   sing N N 60  
ASP C   O    doub N N 61  
ASP C   OXT  sing N N 62  
ASP CB  CG   sing N N 63  
ASP CB  HB2  sing N N 64  
ASP CB  HB3  sing N N 65  
ASP CG  OD1  doub N N 66  
ASP CG  OD2  sing N N 67  
ASP OD2 HD2  sing N N 68  
ASP OXT HXT  sing N N 69  
GLN N   CA   sing N N 70  
GLN N   H    sing N N 71  
GLN N   H2   sing N N 72  
GLN CA  C    sing N N 73  
GLN CA  CB   sing N N 74  
GLN CA  HA   sing N N 75  
GLN C   O    doub N N 76  
GLN C   OXT  sing N N 77  
GLN CB  CG   sing N N 78  
GLN CB  HB2  sing N N 79  
GLN CB  HB3  sing N N 80  
GLN CG  CD   sing N N 81  
GLN CG  HG2  sing N N 82  
GLN CG  HG3  sing N N 83  
GLN CD  OE1  doub N N 84  
GLN CD  NE2  sing N N 85  
GLN NE2 HE21 sing N N 86  
GLN NE2 HE22 sing N N 87  
GLN OXT HXT  sing N N 88  
GLU N   CA   sing N N 89  
GLU N   H    sing N N 90  
GLU N   H2   sing N N 91  
GLU CA  C    sing N N 92  
GLU CA  CB   sing N N 93  
GLU CA  HA   sing N N 94  
GLU C   O    doub N N 95  
GLU C   OXT  sing N N 96  
GLU CB  CG   sing N N 97  
GLU CB  HB2  sing N N 98  
GLU CB  HB3  sing N N 99  
GLU CG  CD   sing N N 100 
GLU CG  HG2  sing N N 101 
GLU CG  HG3  sing N N 102 
GLU CD  OE1  doub N N 103 
GLU CD  OE2  sing N N 104 
GLU OE2 HE2  sing N N 105 
GLU OXT HXT  sing N N 106 
GLY N   CA   sing N N 107 
GLY N   H    sing N N 108 
GLY N   H2   sing N N 109 
GLY CA  C    sing N N 110 
GLY CA  HA2  sing N N 111 
GLY CA  HA3  sing N N 112 
GLY C   O    doub N N 113 
GLY C   OXT  sing N N 114 
GLY OXT HXT  sing N N 115 
HIS N   CA   sing N N 116 
HIS N   H    sing N N 117 
HIS N   H2   sing N N 118 
HIS CA  C    sing N N 119 
HIS CA  CB   sing N N 120 
HIS CA  HA   sing N N 121 
HIS C   O    doub N N 122 
HIS C   OXT  sing N N 123 
HIS CB  CG   sing N N 124 
HIS CB  HB2  sing N N 125 
HIS CB  HB3  sing N N 126 
HIS CG  ND1  sing Y N 127 
HIS CG  CD2  doub Y N 128 
HIS ND1 CE1  doub Y N 129 
HIS ND1 HD1  sing N N 130 
HIS CD2 NE2  sing Y N 131 
HIS CD2 HD2  sing N N 132 
HIS CE1 NE2  sing Y N 133 
HIS CE1 HE1  sing N N 134 
HIS NE2 HE2  sing N N 135 
HIS OXT HXT  sing N N 136 
HOH O   H1   sing N N 137 
HOH O   H2   sing N N 138 
ILE N   CA   sing N N 139 
ILE N   H    sing N N 140 
ILE N   H2   sing N N 141 
ILE CA  C    sing N N 142 
ILE CA  CB   sing N N 143 
ILE CA  HA   sing N N 144 
ILE C   O    doub N N 145 
ILE C   OXT  sing N N 146 
ILE CB  CG1  sing N N 147 
ILE CB  CG2  sing N N 148 
ILE CB  HB   sing N N 149 
ILE CG1 CD1  sing N N 150 
ILE CG1 HG12 sing N N 151 
ILE CG1 HG13 sing N N 152 
ILE CG2 HG21 sing N N 153 
ILE CG2 HG22 sing N N 154 
ILE CG2 HG23 sing N N 155 
ILE CD1 HD11 sing N N 156 
ILE CD1 HD12 sing N N 157 
ILE CD1 HD13 sing N N 158 
ILE OXT HXT  sing N N 159 
LEU N   CA   sing N N 160 
LEU N   H    sing N N 161 
LEU N   H2   sing N N 162 
LEU CA  C    sing N N 163 
LEU CA  CB   sing N N 164 
LEU CA  HA   sing N N 165 
LEU C   O    doub N N 166 
LEU C   OXT  sing N N 167 
LEU CB  CG   sing N N 168 
LEU CB  HB2  sing N N 169 
LEU CB  HB3  sing N N 170 
LEU CG  CD1  sing N N 171 
LEU CG  CD2  sing N N 172 
LEU CG  HG   sing N N 173 
LEU CD1 HD11 sing N N 174 
LEU CD1 HD12 sing N N 175 
LEU CD1 HD13 sing N N 176 
LEU CD2 HD21 sing N N 177 
LEU CD2 HD22 sing N N 178 
LEU CD2 HD23 sing N N 179 
LEU OXT HXT  sing N N 180 
LYS N   CA   sing N N 181 
LYS N   H    sing N N 182 
LYS N   H2   sing N N 183 
LYS CA  C    sing N N 184 
LYS CA  CB   sing N N 185 
LYS CA  HA   sing N N 186 
LYS C   O    doub N N 187 
LYS C   OXT  sing N N 188 
LYS CB  CG   sing N N 189 
LYS CB  HB2  sing N N 190 
LYS CB  HB3  sing N N 191 
LYS CG  CD   sing N N 192 
LYS CG  HG2  sing N N 193 
LYS CG  HG3  sing N N 194 
LYS CD  CE   sing N N 195 
LYS CD  HD2  sing N N 196 
LYS CD  HD3  sing N N 197 
LYS CE  NZ   sing N N 198 
LYS CE  HE2  sing N N 199 
LYS CE  HE3  sing N N 200 
LYS NZ  HZ1  sing N N 201 
LYS NZ  HZ2  sing N N 202 
LYS NZ  HZ3  sing N N 203 
LYS OXT HXT  sing N N 204 
MET N   CA   sing N N 205 
MET N   H    sing N N 206 
MET N   H2   sing N N 207 
MET CA  C    sing N N 208 
MET CA  CB   sing N N 209 
MET CA  HA   sing N N 210 
MET C   O    doub N N 211 
MET C   OXT  sing N N 212 
MET CB  CG   sing N N 213 
MET CB  HB2  sing N N 214 
MET CB  HB3  sing N N 215 
MET CG  SD   sing N N 216 
MET CG  HG2  sing N N 217 
MET CG  HG3  sing N N 218 
MET SD  CE   sing N N 219 
MET CE  HE1  sing N N 220 
MET CE  HE2  sing N N 221 
MET CE  HE3  sing N N 222 
MET OXT HXT  sing N N 223 
NP5 C1  O10  sing N N 224 
NP5 C1  C2   sing N N 225 
NP5 C1  O1   doub N N 226 
NP5 O10 C16  sing N N 227 
NP5 C2  C3   doub Y N 228 
NP5 C2  C7   sing Y N 229 
NP5 C3  C4   sing Y N 230 
NP5 C3  O3   sing N N 231 
NP5 C4  C5   doub Y N 232 
NP5 C4  H4   sing N N 233 
NP5 C5  C6   sing Y N 234 
NP5 C5  O4   sing N N 235 
NP5 C6  C7   doub Y N 236 
NP5 C6  CL1  sing N N 237 
NP5 C7  C8   sing N N 238 
NP5 C8  C9   sing N N 239 
NP5 C8  H8C1 sing N N 240 
NP5 C8  H8C2 sing N N 241 
NP5 C9  C10  sing N N 242 
NP5 C9  O5   doub N N 243 
NP5 C10 C11  sing N N 244 
NP5 C10 H101 sing N N 245 
NP5 C10 H102 sing N N 246 
NP5 C11 C12  sing N N 247 
NP5 C11 H111 sing N N 248 
NP5 C11 H112 sing N N 249 
NP5 C12 C13  sing N N 250 
NP5 C12 H121 sing N N 251 
NP5 C12 H122 sing N N 252 
NP5 C13 C14  doub N E 253 
NP5 C13 H13  sing N N 254 
NP5 C14 C15  sing N N 255 
NP5 C14 H14  sing N N 256 
NP5 C15 C16  sing N N 257 
NP5 C15 H151 sing N N 258 
NP5 C15 H152 sing N N 259 
NP5 C16 H161 sing N N 260 
NP5 C16 H162 sing N N 261 
NP5 O3  H3   sing N N 262 
NP5 O4  HA   sing N N 263 
PHE N   CA   sing N N 264 
PHE N   H    sing N N 265 
PHE N   H2   sing N N 266 
PHE CA  C    sing N N 267 
PHE CA  CB   sing N N 268 
PHE CA  HA   sing N N 269 
PHE C   O    doub N N 270 
PHE C   OXT  sing N N 271 
PHE CB  CG   sing N N 272 
PHE CB  HB2  sing N N 273 
PHE CB  HB3  sing N N 274 
PHE CG  CD1  doub Y N 275 
PHE CG  CD2  sing Y N 276 
PHE CD1 CE1  sing Y N 277 
PHE CD1 HD1  sing N N 278 
PHE CD2 CE2  doub Y N 279 
PHE CD2 HD2  sing N N 280 
PHE CE1 CZ   doub Y N 281 
PHE CE1 HE1  sing N N 282 
PHE CE2 CZ   sing Y N 283 
PHE CE2 HE2  sing N N 284 
PHE CZ  HZ   sing N N 285 
PHE OXT HXT  sing N N 286 
PRO N   CA   sing N N 287 
PRO N   CD   sing N N 288 
PRO N   H    sing N N 289 
PRO CA  C    sing N N 290 
PRO CA  CB   sing N N 291 
PRO CA  HA   sing N N 292 
PRO C   O    doub N N 293 
PRO C   OXT  sing N N 294 
PRO CB  CG   sing N N 295 
PRO CB  HB2  sing N N 296 
PRO CB  HB3  sing N N 297 
PRO CG  CD   sing N N 298 
PRO CG  HG2  sing N N 299 
PRO CG  HG3  sing N N 300 
PRO CD  HD2  sing N N 301 
PRO CD  HD3  sing N N 302 
PRO OXT HXT  sing N N 303 
SER N   CA   sing N N 304 
SER N   H    sing N N 305 
SER N   H2   sing N N 306 
SER CA  C    sing N N 307 
SER CA  CB   sing N N 308 
SER CA  HA   sing N N 309 
SER C   O    doub N N 310 
SER C   OXT  sing N N 311 
SER CB  OG   sing N N 312 
SER CB  HB2  sing N N 313 
SER CB  HB3  sing N N 314 
SER OG  HG   sing N N 315 
SER OXT HXT  sing N N 316 
THR N   CA   sing N N 317 
THR N   H    sing N N 318 
THR N   H2   sing N N 319 
THR CA  C    sing N N 320 
THR CA  CB   sing N N 321 
THR CA  HA   sing N N 322 
THR C   O    doub N N 323 
THR C   OXT  sing N N 324 
THR CB  OG1  sing N N 325 
THR CB  CG2  sing N N 326 
THR CB  HB   sing N N 327 
THR OG1 HG1  sing N N 328 
THR CG2 HG21 sing N N 329 
THR CG2 HG22 sing N N 330 
THR CG2 HG23 sing N N 331 
THR OXT HXT  sing N N 332 
TRP N   CA   sing N N 333 
TRP N   H    sing N N 334 
TRP N   H2   sing N N 335 
TRP CA  C    sing N N 336 
TRP CA  CB   sing N N 337 
TRP CA  HA   sing N N 338 
TRP C   O    doub N N 339 
TRP C   OXT  sing N N 340 
TRP CB  CG   sing N N 341 
TRP CB  HB2  sing N N 342 
TRP CB  HB3  sing N N 343 
TRP CG  CD1  doub Y N 344 
TRP CG  CD2  sing Y N 345 
TRP CD1 NE1  sing Y N 346 
TRP CD1 HD1  sing N N 347 
TRP CD2 CE2  doub Y N 348 
TRP CD2 CE3  sing Y N 349 
TRP NE1 CE2  sing Y N 350 
TRP NE1 HE1  sing N N 351 
TRP CE2 CZ2  sing Y N 352 
TRP CE3 CZ3  doub Y N 353 
TRP CE3 HE3  sing N N 354 
TRP CZ2 CH2  doub Y N 355 
TRP CZ2 HZ2  sing N N 356 
TRP CZ3 CH2  sing Y N 357 
TRP CZ3 HZ3  sing N N 358 
TRP CH2 HH2  sing N N 359 
TRP OXT HXT  sing N N 360 
TYR N   CA   sing N N 361 
TYR N   H    sing N N 362 
TYR N   H2   sing N N 363 
TYR CA  C    sing N N 364 
TYR CA  CB   sing N N 365 
TYR CA  HA   sing N N 366 
TYR C   O    doub N N 367 
TYR C   OXT  sing N N 368 
TYR CB  CG   sing N N 369 
TYR CB  HB2  sing N N 370 
TYR CB  HB3  sing N N 371 
TYR CG  CD1  doub Y N 372 
TYR CG  CD2  sing Y N 373 
TYR CD1 CE1  sing Y N 374 
TYR CD1 HD1  sing N N 375 
TYR CD2 CE2  doub Y N 376 
TYR CD2 HD2  sing N N 377 
TYR CE1 CZ   doub Y N 378 
TYR CE1 HE1  sing N N 379 
TYR CE2 CZ   sing Y N 380 
TYR CE2 HE2  sing N N 381 
TYR CZ  OH   sing N N 382 
TYR OH  HH   sing N N 383 
TYR OXT HXT  sing N N 384 
VAL N   CA   sing N N 385 
VAL N   H    sing N N 386 
VAL N   H2   sing N N 387 
VAL CA  C    sing N N 388 
VAL CA  CB   sing N N 389 
VAL CA  HA   sing N N 390 
VAL C   O    doub N N 391 
VAL C   OXT  sing N N 392 
VAL CB  CG1  sing N N 393 
VAL CB  CG2  sing N N 394 
VAL CB  HB   sing N N 395 
VAL CG1 HG11 sing N N 396 
VAL CG1 HG12 sing N N 397 
VAL CG1 HG13 sing N N 398 
VAL CG2 HG21 sing N N 399 
VAL CG2 HG22 sing N N 400 
VAL CG2 HG23 sing N N 401 
VAL OXT HXT  sing N N 402 
# 
loop_
_pdbx_entity_nonpoly.entity_id 
_pdbx_entity_nonpoly.name 
_pdbx_entity_nonpoly.comp_id 
2 '(5E)-12-CHLORO-13,15-DIHYDROXY-4,7,8,9-TETRAHYDRO-2-BENZOXACYCLOTRIDECINE-1,10(3H,11H)-DIONE' NP5 
3 water                                                                                          HOH 
# 
_pdbx_initial_refinement_model.id               1 
_pdbx_initial_refinement_model.entity_id_list   ? 
_pdbx_initial_refinement_model.type             'experimental model' 
_pdbx_initial_refinement_model.source_name      PDB 
_pdbx_initial_refinement_model.accession_code   1AH6 
_pdbx_initial_refinement_model.details          'PDB ENTRY 1AH6' 
# 
